data_6G46
#
_entry.id   6G46
#
_cell.length_a   126.208
_cell.length_b   126.208
_cell.length_c   297.119
_cell.angle_alpha   90.00
_cell.angle_beta   90.00
_cell.angle_gamma   120.00
#
_symmetry.space_group_name_H-M   'P 31 2 1'
#
loop_
_entity.id
_entity.type
_entity.pdbx_description
1 polymer 'Fe(3+)-Zn(2+) purple acid phosphatase'
2 branched alpha-L-fucopyranose-(1-3)-[2-acetamido-2-deoxy-beta-D-glucopyranose-(1-4)]2-acetamido-2-deoxy-beta-D-glucopyranose
3 branched alpha-L-fucopyranose-(1-3)-2-acetamido-2-deoxy-beta-D-glucopyranose
4 non-polymer 'ZINC ION'
5 non-polymer 'FE (III) ION'
6 non-polymer 'SULFATE ION'
7 non-polymer 2-acetamido-2-deoxy-beta-D-glucopyranose
8 non-polymer '2-naphthalen-1-yl-1,3-thiazole-4-carboxylic acid'
9 non-polymer 1,2-ETHANEDIOL
10 non-polymer 'SODIUM ION'
11 non-polymer 'ISOPROPYL ALCOHOL'
12 non-polymer GLYCEROL
13 water water
#
_entity_poly.entity_id   1
_entity_poly.type   'polypeptide(L)'
_entity_poly.pdbx_seq_one_letter_code
;KNRDMPLDSDVFRVPPGYNAPQQVHITQGDLVGRAMIISWVTMDEPGSSAVRYWSEKNGRKRIAKGKMSTYRFFNYSSGF
IHHTTIRKLKYNTKYYYEVGLRNTTRRFSFITPPQTGLDVPYTFGLIGDLGQSFDSNTTLSHYELSPKKGQTVLFVGDLS
YADRYPNHDNVRWDTWGRFTERSVAYQPWIWTAGNHEIEFAPEINETEPFKPFSYRYHVPYEASQSTSPFWYSIKRASAH
IIVLSSYSAYGRGTPQYTWLKKELRKVKRSETPWLIVLMHSPLYNSYNHHFMEGEAMRTKFEAWFVKYKVDVVFAGHVHA
YERSERVSNIAYKITNGLCTPVKDQSAPVYITIGDAGNYGVIDSNMIQPQPEYSAFREASFGHGMFDIKNRTHAHFSWNR
NQDGVAVEADSVWFFNRHWYPVDDST
;
_entity_poly.pdbx_strand_id   A,B,D,C
#
# COMPACT_ATOMS: atom_id res chain seq x y z
N ASN A 2 -29.57 23.01 -20.30
CA ASN A 2 -28.37 22.18 -20.56
C ASN A 2 -28.26 21.80 -22.04
N ARG A 3 -27.04 21.93 -22.57
CA ARG A 3 -26.78 21.63 -23.97
C ARG A 3 -25.95 20.36 -24.16
N ASP A 4 -25.76 19.55 -23.12
CA ASP A 4 -25.00 18.32 -23.24
C ASP A 4 -25.75 17.28 -24.08
N MET A 5 -25.02 16.61 -24.95
CA MET A 5 -25.64 15.61 -25.81
C MET A 5 -26.18 14.47 -24.96
N PRO A 6 -27.32 13.90 -25.33
CA PRO A 6 -27.92 12.86 -24.49
C PRO A 6 -27.13 11.56 -24.56
N LEU A 7 -27.34 10.73 -23.54
CA LEU A 7 -26.64 9.45 -23.45
C LEU A 7 -26.88 8.57 -24.68
N ASP A 8 -28.06 8.61 -25.27
CA ASP A 8 -28.28 7.80 -26.48
C ASP A 8 -27.74 8.46 -27.75
N SER A 9 -26.89 9.48 -27.64
CA SER A 9 -26.32 10.09 -28.84
C SER A 9 -25.48 9.09 -29.60
N ASP A 10 -25.39 9.29 -30.93
CA ASP A 10 -24.60 8.39 -31.76
C ASP A 10 -23.13 8.43 -31.36
N VAL A 11 -22.61 9.61 -30.98
CA VAL A 11 -21.21 9.75 -30.65
C VAL A 11 -20.83 8.94 -29.42
N PHE A 12 -21.81 8.57 -28.59
CA PHE A 12 -21.59 7.80 -27.38
C PHE A 12 -21.87 6.31 -27.55
N ARG A 13 -22.14 5.86 -28.77
CA ARG A 13 -22.41 4.43 -28.98
C ARG A 13 -21.27 3.55 -28.48
N VAL A 14 -21.64 2.45 -27.83
CA VAL A 14 -20.72 1.44 -27.31
C VAL A 14 -20.30 0.54 -28.48
N PRO A 15 -19.01 0.45 -28.80
CA PRO A 15 -18.54 -0.51 -29.82
C PRO A 15 -19.09 -1.89 -29.56
N PRO A 16 -19.60 -2.57 -30.59
CA PRO A 16 -20.24 -3.89 -30.40
C PRO A 16 -19.23 -5.01 -30.19
N GLY A 17 -19.70 -6.06 -29.55
CA GLY A 17 -18.88 -7.24 -29.35
C GLY A 17 -18.48 -7.40 -27.89
N TYR A 18 -18.30 -8.67 -27.48
CA TYR A 18 -18.05 -8.95 -26.07
C TYR A 18 -16.71 -8.34 -25.64
N ASN A 19 -16.76 -7.53 -24.58
CA ASN A 19 -15.60 -6.87 -23.99
C ASN A 19 -14.80 -6.13 -25.04
N ALA A 20 -15.50 -5.51 -25.97
CA ALA A 20 -14.85 -4.73 -27.00
C ALA A 20 -14.13 -3.55 -26.33
N PRO A 21 -12.88 -3.28 -26.68
CA PRO A 21 -12.24 -2.05 -26.18
C PRO A 21 -13.03 -0.84 -26.59
N GLN A 22 -13.10 0.13 -25.68
CA GLN A 22 -13.72 1.41 -25.96
C GLN A 22 -12.89 2.50 -25.31
N GLN A 23 -13.27 3.75 -25.60
CA GLN A 23 -12.60 4.94 -25.11
C GLN A 23 -11.11 4.89 -25.45
N VAL A 24 -10.80 4.55 -26.69
CA VAL A 24 -9.42 4.34 -27.10
C VAL A 24 -8.77 5.70 -27.33
N HIS A 25 -7.61 5.92 -26.71
CA HIS A 25 -6.90 7.18 -26.88
C HIS A 25 -5.40 6.89 -26.78
N ILE A 26 -4.62 7.68 -27.53
CA ILE A 26 -3.17 7.57 -27.57
C ILE A 26 -2.54 8.92 -27.22
N THR A 27 -1.32 8.88 -26.72
CA THR A 27 -0.55 10.10 -26.55
C THR A 27 0.92 9.75 -26.65
N GLN A 28 1.74 10.77 -26.87
CA GLN A 28 3.17 10.51 -27.02
C GLN A 28 3.71 9.88 -25.73
N GLY A 29 4.57 8.88 -25.88
CA GLY A 29 4.98 8.11 -24.71
C GLY A 29 6.41 8.31 -24.26
N ASP A 30 7.16 9.17 -24.93
CA ASP A 30 8.55 9.44 -24.55
C ASP A 30 8.83 10.92 -24.79
N LEU A 31 10.11 11.27 -24.76
CA LEU A 31 10.48 12.68 -24.85
C LEU A 31 10.54 13.18 -26.28
N VAL A 32 10.85 12.31 -27.26
CA VAL A 32 11.27 12.75 -28.59
C VAL A 32 10.36 12.23 -29.70
N GLY A 33 9.34 11.44 -29.39
CA GLY A 33 8.39 10.98 -30.38
C GLY A 33 8.52 9.53 -30.84
N ARG A 34 9.36 8.73 -30.18
CA ARG A 34 9.52 7.33 -30.57
C ARG A 34 8.65 6.38 -29.78
N ALA A 35 7.78 6.88 -28.90
CA ALA A 35 6.92 6.00 -28.13
C ALA A 35 5.54 6.58 -28.11
N MET A 36 4.57 5.74 -27.79
CA MET A 36 3.16 6.11 -27.78
C MET A 36 2.49 5.36 -26.65
N ILE A 37 1.65 6.07 -25.88
CA ILE A 37 0.86 5.44 -24.83
C ILE A 37 -0.50 5.09 -25.41
N ILE A 38 -0.85 3.81 -25.39
CA ILE A 38 -2.12 3.32 -25.92
C ILE A 38 -3.05 3.03 -24.75
N SER A 39 -4.21 3.66 -24.74
CA SER A 39 -5.10 3.63 -23.58
C SER A 39 -6.49 3.22 -24.03
N TRP A 40 -7.19 2.46 -23.19
CA TRP A 40 -8.54 2.04 -23.51
C TRP A 40 -9.19 1.44 -22.28
N VAL A 41 -10.50 1.22 -22.38
CA VAL A 41 -11.30 0.69 -21.29
C VAL A 41 -12.08 -0.50 -21.81
N THR A 42 -12.06 -1.59 -21.05
CA THR A 42 -12.98 -2.71 -21.24
C THR A 42 -13.96 -2.76 -20.08
N MET A 43 -15.19 -3.13 -20.37
CA MET A 43 -16.29 -3.05 -19.43
C MET A 43 -16.79 -4.41 -18.94
N ASP A 44 -16.70 -5.45 -19.75
CA ASP A 44 -17.28 -6.73 -19.35
C ASP A 44 -16.35 -7.56 -18.48
N GLU A 45 -15.05 -7.46 -18.69
CA GLU A 45 -14.09 -8.17 -17.85
C GLU A 45 -12.73 -7.51 -18.04
N PRO A 46 -11.76 -7.79 -17.16
CA PRO A 46 -10.47 -7.08 -17.24
C PRO A 46 -9.79 -7.13 -18.61
N GLY A 47 -9.78 -8.29 -19.26
CA GLY A 47 -9.17 -8.44 -20.56
C GLY A 47 -7.65 -8.37 -20.56
N SER A 48 -7.10 -8.39 -21.77
CA SER A 48 -5.67 -8.28 -21.98
C SER A 48 -5.24 -6.81 -22.08
N SER A 49 -4.10 -6.50 -21.46
CA SER A 49 -3.45 -5.22 -21.66
C SER A 49 -2.42 -5.27 -22.78
N ALA A 50 -2.40 -6.35 -23.56
CA ALA A 50 -1.47 -6.51 -24.66
C ALA A 50 -1.91 -5.67 -25.85
N VAL A 51 -0.95 -5.06 -26.52
CA VAL A 51 -1.19 -4.27 -27.73
C VAL A 51 -0.37 -4.89 -28.84
N ARG A 52 -1.03 -5.20 -29.96
CA ARG A 52 -0.36 -5.73 -31.13
C ARG A 52 -0.21 -4.61 -32.15
N TYR A 53 1.00 -4.48 -32.72
CA TYR A 53 1.30 -3.32 -33.54
C TYR A 53 2.39 -3.64 -34.56
N TRP A 54 2.36 -2.90 -35.68
CA TRP A 54 3.31 -3.10 -36.76
C TRP A 54 3.38 -1.84 -37.60
N SER A 55 4.55 -1.61 -38.19
CA SER A 55 4.68 -0.50 -39.11
C SER A 55 4.16 -0.89 -40.48
N GLU A 56 3.78 0.12 -41.24
CA GLU A 56 3.46 -0.08 -42.64
C GLU A 56 4.68 -0.56 -43.42
N LYS A 57 5.87 -0.05 -43.06
CA LYS A 57 7.11 -0.32 -43.79
C LYS A 57 7.53 -1.77 -43.71
N ASN A 58 7.55 -2.34 -42.50
CA ASN A 58 8.11 -3.67 -42.32
C ASN A 58 7.07 -4.74 -42.05
N GLY A 59 5.88 -4.37 -41.59
CA GLY A 59 4.81 -5.34 -41.46
C GLY A 59 5.08 -6.47 -40.49
N ARG A 60 6.05 -6.30 -39.58
CA ARG A 60 6.30 -7.27 -38.51
C ARG A 60 5.43 -6.93 -37.31
N LYS A 61 4.47 -7.79 -37.03
CA LYS A 61 3.63 -7.65 -35.85
C LYS A 61 4.44 -7.85 -34.58
N ARG A 62 4.23 -6.97 -33.59
CA ARG A 62 4.88 -7.08 -32.29
C ARG A 62 3.86 -6.87 -31.18
N ILE A 63 4.22 -7.33 -29.97
CA ILE A 63 3.34 -7.29 -28.81
C ILE A 63 4.00 -6.42 -27.75
N ALA A 64 3.23 -5.50 -27.17
CA ALA A 64 3.65 -4.73 -26.01
C ALA A 64 2.63 -4.98 -24.91
N LYS A 65 3.12 -5.11 -23.67
CA LYS A 65 2.29 -5.46 -22.52
C LYS A 65 2.25 -4.30 -21.55
N GLY A 66 1.05 -3.93 -21.13
CA GLY A 66 0.89 -2.82 -20.19
C GLY A 66 0.17 -3.22 -18.92
N LYS A 67 -0.52 -2.27 -18.31
CA LYS A 67 -1.10 -2.48 -16.99
C LYS A 67 -2.58 -2.11 -17.00
N MET A 68 -3.34 -2.85 -16.21
CA MET A 68 -4.75 -2.59 -16.01
C MET A 68 -4.97 -1.97 -14.63
N SER A 69 -5.96 -1.09 -14.54
CA SER A 69 -6.27 -0.46 -13.27
C SER A 69 -7.75 -0.09 -13.22
N THR A 70 -8.24 0.05 -11.99
CA THR A 70 -9.63 0.41 -11.70
C THR A 70 -9.65 1.52 -10.66
N TYR A 71 -10.76 2.26 -10.61
CA TYR A 71 -10.97 3.21 -9.52
C TYR A 71 -12.45 3.29 -9.18
N ARG A 72 -12.71 3.81 -7.99
CA ARG A 72 -14.04 4.13 -7.51
C ARG A 72 -14.09 5.62 -7.21
N PHE A 73 -15.25 6.22 -7.42
CA PHE A 73 -15.51 7.62 -7.05
C PHE A 73 -16.93 7.68 -6.51
N PHE A 74 -17.06 7.95 -5.21
CA PHE A 74 -18.35 7.82 -4.52
C PHE A 74 -18.96 6.45 -4.81
N ASN A 75 -20.13 6.39 -5.45
CA ASN A 75 -20.82 5.13 -5.71
C ASN A 75 -20.64 4.64 -7.16
N TYR A 76 -19.67 5.20 -7.88
CA TYR A 76 -19.33 4.77 -9.22
C TYR A 76 -18.12 3.84 -9.17
N SER A 77 -18.14 2.80 -10.00
CA SER A 77 -17.02 1.90 -10.18
C SER A 77 -16.59 1.98 -11.63
N SER A 78 -15.30 2.20 -11.88
CA SER A 78 -14.85 2.26 -13.26
C SER A 78 -14.88 0.87 -13.90
N GLY A 79 -14.85 0.87 -15.22
CA GLY A 79 -14.42 -0.31 -15.95
C GLY A 79 -12.94 -0.54 -15.76
N PHE A 80 -12.40 -1.41 -16.58
CA PHE A 80 -11.00 -1.81 -16.49
C PHE A 80 -10.18 -0.98 -17.47
N ILE A 81 -9.28 -0.16 -16.92
CA ILE A 81 -8.55 0.86 -17.68
C ILE A 81 -7.19 0.29 -18.07
N HIS A 82 -6.82 0.44 -19.34
CA HIS A 82 -5.57 -0.15 -19.86
C HIS A 82 -4.64 0.94 -20.37
N HIS A 83 -3.41 0.95 -19.86
CA HIS A 83 -2.35 1.81 -20.36
C HIS A 83 -1.16 0.95 -20.73
N THR A 84 -0.74 1.05 -22.00
CA THR A 84 0.36 0.27 -22.55
C THR A 84 1.22 1.19 -23.41
N THR A 85 2.53 1.12 -23.22
CA THR A 85 3.44 1.96 -23.97
C THR A 85 4.16 1.14 -25.03
N ILE A 86 4.02 1.57 -26.28
CA ILE A 86 4.79 1.05 -27.40
C ILE A 86 6.04 1.91 -27.56
N ARG A 87 7.20 1.28 -27.68
CA ARG A 87 8.47 2.00 -27.76
C ARG A 87 9.23 1.60 -29.01
N LYS A 88 10.35 2.31 -29.25
CA LYS A 88 11.26 2.03 -30.36
C LYS A 88 10.57 2.16 -31.73
N LEU A 89 9.64 3.09 -31.85
CA LEU A 89 9.00 3.30 -33.15
C LEU A 89 9.91 4.11 -34.07
N LYS A 90 9.80 3.83 -35.37
CA LYS A 90 10.57 4.58 -36.34
C LYS A 90 9.88 5.90 -36.66
N TYR A 91 10.70 6.90 -36.94
CA TYR A 91 10.21 8.23 -37.24
C TYR A 91 9.51 8.27 -38.59
N ASN A 92 8.60 9.23 -38.72
CA ASN A 92 7.82 9.49 -39.94
C ASN A 92 7.29 8.20 -40.56
N THR A 93 6.47 7.48 -39.80
CA THR A 93 6.06 6.13 -40.17
C THR A 93 4.66 5.79 -39.67
N LYS A 94 3.83 5.27 -40.57
CA LYS A 94 2.49 4.82 -40.21
C LYS A 94 2.54 3.47 -39.52
N TYR A 95 1.94 3.39 -38.33
CA TYR A 95 1.76 2.17 -37.57
C TYR A 95 0.29 1.82 -37.48
N TYR A 96 0.02 0.52 -37.41
CA TYR A 96 -1.27 -0.02 -37.03
C TYR A 96 -1.14 -0.66 -35.65
N TYR A 97 -2.17 -0.54 -34.82
CA TYR A 97 -2.15 -1.13 -33.49
C TYR A 97 -3.52 -1.72 -33.21
N GLU A 98 -3.53 -2.82 -32.47
CA GLU A 98 -4.73 -3.56 -32.13
C GLU A 98 -4.84 -3.69 -30.61
N VAL A 99 -6.04 -3.45 -30.08
CA VAL A 99 -6.34 -3.70 -28.68
C VAL A 99 -7.52 -4.66 -28.60
N GLY A 100 -7.64 -5.32 -27.44
CA GLY A 100 -8.69 -6.31 -27.23
C GLY A 100 -8.34 -7.68 -27.75
N LEU A 101 -7.14 -8.15 -27.46
CA LEU A 101 -6.62 -9.30 -28.18
C LEU A 101 -7.31 -10.61 -27.81
N ARG A 102 -7.98 -10.68 -26.64
CA ARG A 102 -8.55 -11.94 -26.18
C ARG A 102 -9.99 -12.19 -26.65
N ASN A 103 -10.76 -11.15 -26.98
CA ASN A 103 -12.16 -11.34 -27.37
C ASN A 103 -12.51 -10.54 -28.62
N THR A 104 -12.89 -9.27 -28.47
CA THR A 104 -13.22 -8.44 -29.63
C THR A 104 -12.09 -7.48 -29.94
N THR A 105 -11.35 -7.76 -31.00
CA THR A 105 -10.22 -6.93 -31.37
C THR A 105 -10.65 -5.72 -32.18
N ARG A 106 -9.95 -4.61 -31.98
CA ARG A 106 -10.18 -3.38 -32.74
C ARG A 106 -8.83 -2.82 -33.17
N ARG A 107 -8.76 -2.28 -34.38
CA ARG A 107 -7.53 -1.89 -35.02
C ARG A 107 -7.58 -0.41 -35.37
N PHE A 108 -6.48 0.29 -35.17
CA PHE A 108 -6.41 1.71 -35.42
C PHE A 108 -5.07 1.98 -36.09
N SER A 109 -4.76 3.25 -36.33
CA SER A 109 -3.46 3.58 -36.90
C SER A 109 -3.06 4.98 -36.46
N PHE A 110 -1.78 5.24 -36.52
CA PHE A 110 -1.25 6.57 -36.30
C PHE A 110 0.04 6.72 -37.11
N ILE A 111 0.54 7.94 -37.19
CA ILE A 111 1.78 8.24 -37.89
C ILE A 111 2.71 8.92 -36.90
N THR A 112 3.87 8.30 -36.65
CA THR A 112 4.86 8.93 -35.79
C THR A 112 5.29 10.27 -36.39
N PRO A 113 5.70 11.23 -35.57
CA PRO A 113 6.27 12.46 -36.10
C PRO A 113 7.61 12.19 -36.78
N PRO A 114 8.09 13.11 -37.60
CA PRO A 114 9.49 13.04 -38.02
C PRO A 114 10.37 13.26 -36.80
N GLN A 115 11.65 12.90 -36.96
CA GLN A 115 12.64 13.17 -35.93
C GLN A 115 12.76 14.67 -35.68
N THR A 116 13.00 15.04 -34.43
CA THR A 116 13.15 16.46 -34.11
C THR A 116 14.27 17.07 -34.94
N GLY A 117 14.04 18.29 -35.40
CA GLY A 117 15.05 19.02 -36.14
C GLY A 117 14.64 20.46 -36.28
N LEU A 118 15.61 21.25 -36.79
CA LEU A 118 15.47 22.71 -36.86
C LEU A 118 14.27 23.14 -37.70
N ASP A 119 14.06 22.53 -38.86
CA ASP A 119 13.11 23.03 -39.84
C ASP A 119 11.97 22.03 -40.12
N VAL A 120 11.76 21.07 -39.24
CA VAL A 120 10.75 20.05 -39.48
C VAL A 120 9.36 20.67 -39.35
N PRO A 121 8.54 20.63 -40.40
CA PRO A 121 7.17 21.17 -40.29
C PRO A 121 6.25 20.23 -39.55
N TYR A 122 5.23 20.82 -38.92
CA TYR A 122 4.25 20.07 -38.15
C TYR A 122 3.06 20.97 -37.87
N THR A 123 1.85 20.38 -37.91
CA THR A 123 0.61 21.11 -37.67
C THR A 123 -0.02 20.63 -36.35
N PHE A 124 -0.04 21.51 -35.35
CA PHE A 124 -0.68 21.24 -34.06
C PHE A 124 -2.09 21.81 -34.03
N GLY A 125 -3.06 21.00 -33.63
CA GLY A 125 -4.37 21.51 -33.33
C GLY A 125 -4.41 22.08 -31.92
N LEU A 126 -5.27 23.08 -31.72
CA LEU A 126 -5.45 23.67 -30.40
C LEU A 126 -6.91 23.64 -30.02
N ILE A 127 -7.21 22.89 -28.97
CA ILE A 127 -8.57 22.66 -28.51
C ILE A 127 -8.57 22.88 -27.00
N GLY A 128 -9.57 23.60 -26.49
CA GLY A 128 -9.68 23.85 -25.06
C GLY A 128 -11.10 23.76 -24.53
N ASP A 129 -11.27 23.22 -23.32
CA ASP A 129 -12.55 23.20 -22.62
C ASP A 129 -13.63 22.58 -23.49
N LEU A 130 -13.39 21.32 -23.89
CA LEU A 130 -14.14 20.71 -24.98
C LEU A 130 -15.57 20.34 -24.57
N GLY A 131 -15.73 19.58 -23.50
CA GLY A 131 -17.06 19.18 -23.10
C GLY A 131 -17.68 18.14 -24.04
N GLN A 132 -18.99 17.95 -23.84
CA GLN A 132 -19.78 17.02 -24.64
C GLN A 132 -21.18 17.59 -24.87
N SER A 133 -21.25 18.90 -25.15
CA SER A 133 -22.41 19.54 -25.74
C SER A 133 -22.41 19.32 -27.25
N PHE A 134 -23.49 19.73 -27.92
CA PHE A 134 -23.49 19.72 -29.39
C PHE A 134 -22.43 20.64 -29.95
N ASP A 135 -22.18 21.75 -29.27
CA ASP A 135 -21.11 22.66 -29.68
C ASP A 135 -19.76 21.96 -29.69
N SER A 136 -19.54 21.05 -28.74
CA SER A 136 -18.30 20.29 -28.71
C SER A 136 -18.17 19.43 -29.96
N ASN A 137 -19.28 18.81 -30.36
CA ASN A 137 -19.26 17.93 -31.52
C ASN A 137 -18.98 18.71 -32.79
N THR A 138 -19.49 19.94 -32.88
CA THR A 138 -19.24 20.74 -34.06
C THR A 138 -17.79 21.23 -34.12
N THR A 139 -17.21 21.59 -32.96
CA THR A 139 -15.79 21.90 -32.93
C THR A 139 -14.95 20.71 -33.39
N LEU A 140 -15.13 19.56 -32.73
CA LEU A 140 -14.40 18.36 -33.14
C LEU A 140 -14.57 18.07 -34.64
N SER A 141 -15.78 18.23 -35.19
CA SER A 141 -15.98 18.04 -36.63
C SER A 141 -15.15 19.04 -37.44
N HIS A 142 -15.21 20.33 -37.08
CA HIS A 142 -14.39 21.33 -37.79
C HIS A 142 -12.91 20.99 -37.74
N TYR A 143 -12.41 20.56 -36.57
CA TYR A 143 -11.02 20.13 -36.49
C TYR A 143 -10.73 19.03 -37.51
N GLU A 144 -11.46 17.91 -37.43
CA GLU A 144 -11.16 16.77 -38.30
C GLU A 144 -11.44 17.06 -39.77
N LEU A 145 -12.20 18.12 -40.09
CA LEU A 145 -12.47 18.44 -41.49
C LEU A 145 -11.57 19.57 -42.00
N SER A 146 -10.70 20.08 -41.15
CA SER A 146 -9.83 21.19 -41.51
C SER A 146 -8.91 20.81 -42.66
N PRO A 147 -8.76 21.65 -43.69
CA PRO A 147 -7.74 21.37 -44.71
C PRO A 147 -6.33 21.47 -44.18
N LYS A 148 -6.10 22.23 -43.11
CA LYS A 148 -4.79 22.32 -42.47
C LYS A 148 -4.31 20.97 -41.92
N LYS A 149 -5.23 20.04 -41.66
CA LYS A 149 -4.91 18.68 -41.22
C LYS A 149 -3.99 18.67 -40.00
N GLY A 150 -4.58 18.77 -38.81
CA GLY A 150 -3.79 18.71 -37.60
C GLY A 150 -3.25 17.31 -37.36
N GLN A 151 -2.02 17.24 -36.86
CA GLN A 151 -1.34 15.96 -36.64
C GLN A 151 -1.23 15.61 -35.17
N THR A 152 -1.52 16.56 -34.28
CA THR A 152 -1.52 16.37 -32.84
C THR A 152 -2.35 17.49 -32.26
N VAL A 153 -3.15 17.17 -31.25
CA VAL A 153 -3.90 18.17 -30.52
C VAL A 153 -3.12 18.54 -29.27
N LEU A 154 -2.89 19.84 -29.09
CA LEU A 154 -2.48 20.39 -27.81
C LEU A 154 -3.75 20.77 -27.05
N PHE A 155 -4.01 20.09 -25.94
CA PHE A 155 -5.29 20.19 -25.25
C PHE A 155 -5.10 20.89 -23.90
N VAL A 156 -5.67 22.08 -23.77
CA VAL A 156 -5.32 22.99 -22.67
C VAL A 156 -6.28 22.88 -21.49
N GLY A 157 -7.06 21.81 -21.42
CA GLY A 157 -7.69 21.43 -20.16
C GLY A 157 -9.20 21.60 -20.17
N ASP A 158 -9.81 21.11 -19.09
CA ASP A 158 -11.26 20.93 -18.95
C ASP A 158 -11.79 19.99 -20.02
N LEU A 159 -11.89 18.70 -19.67
CA LEU A 159 -12.13 17.64 -20.64
C LEU A 159 -13.61 17.29 -20.78
N SER A 160 -14.15 16.55 -19.82
CA SER A 160 -15.49 15.99 -19.95
C SER A 160 -16.57 16.81 -19.26
N TYR A 161 -16.22 17.56 -18.21
CA TYR A 161 -17.18 18.28 -17.37
C TYR A 161 -18.12 17.34 -16.65
N ALA A 162 -17.71 16.07 -16.47
CA ALA A 162 -18.47 15.16 -15.64
C ALA A 162 -18.71 15.75 -14.25
N ASP A 163 -17.79 16.58 -13.75
CA ASP A 163 -17.96 17.10 -12.40
C ASP A 163 -19.17 18.04 -12.26
N ARG A 164 -19.82 18.41 -13.36
CA ARG A 164 -21.07 19.17 -13.27
CA ARG A 164 -21.07 19.16 -13.30
C ARG A 164 -22.28 18.28 -13.00
N TYR A 165 -22.15 16.97 -13.15
CA TYR A 165 -23.23 16.04 -12.88
C TYR A 165 -23.28 15.69 -11.40
N PRO A 166 -24.44 15.25 -10.90
CA PRO A 166 -24.52 14.86 -9.48
C PRO A 166 -23.48 13.80 -9.14
N ASN A 167 -22.79 14.01 -8.02
CA ASN A 167 -21.68 13.13 -7.59
C ASN A 167 -20.63 12.99 -8.68
N HIS A 168 -20.54 13.99 -9.56
CA HIS A 168 -19.58 14.01 -10.67
C HIS A 168 -19.79 12.86 -11.64
N ASP A 169 -21.01 12.27 -11.63
CA ASP A 169 -21.37 11.04 -12.35
C ASP A 169 -20.32 10.63 -13.36
N ASN A 170 -19.36 9.79 -12.93
CA ASN A 170 -18.23 9.46 -13.78
C ASN A 170 -18.61 8.66 -15.00
N VAL A 171 -19.90 8.33 -15.17
CA VAL A 171 -20.41 7.83 -16.45
C VAL A 171 -20.12 8.84 -17.56
N ARG A 172 -20.09 10.12 -17.23
CA ARG A 172 -19.84 11.18 -18.19
C ARG A 172 -18.37 11.32 -18.58
N TRP A 173 -17.46 10.68 -17.85
CA TRP A 173 -16.11 10.49 -18.37
C TRP A 173 -16.10 9.38 -19.41
N ASP A 174 -16.88 8.32 -19.15
CA ASP A 174 -17.00 7.22 -20.09
C ASP A 174 -17.56 7.69 -21.44
N THR A 175 -18.65 8.45 -21.40
CA THR A 175 -19.21 9.02 -22.63
C THR A 175 -18.18 9.89 -23.36
N TRP A 176 -17.46 10.75 -22.63
CA TRP A 176 -16.50 11.61 -23.29
C TRP A 176 -15.42 10.82 -24.00
N GLY A 177 -14.97 9.73 -23.39
CA GLY A 177 -13.90 8.94 -24.00
C GLY A 177 -14.36 8.28 -25.29
N ARG A 178 -15.61 7.77 -25.29
CA ARG A 178 -16.18 7.19 -26.49
C ARG A 178 -16.37 8.25 -27.58
N PHE A 179 -16.70 9.49 -27.19
CA PHE A 179 -16.96 10.55 -28.15
C PHE A 179 -15.65 11.08 -28.75
N THR A 180 -14.64 11.34 -27.93
CA THR A 180 -13.39 11.84 -28.50
C THR A 180 -12.59 10.77 -29.26
N GLU A 181 -12.95 9.48 -29.17
CA GLU A 181 -12.12 8.42 -29.77
C GLU A 181 -11.89 8.61 -31.28
N ARG A 182 -12.90 9.09 -32.02
CA ARG A 182 -12.74 9.20 -33.47
C ARG A 182 -11.58 10.10 -33.87
N SER A 183 -11.05 10.91 -32.95
CA SER A 183 -9.85 11.68 -33.21
C SER A 183 -8.64 11.13 -32.46
N VAL A 184 -8.72 11.02 -31.13
CA VAL A 184 -7.55 10.69 -30.32
C VAL A 184 -7.14 9.22 -30.42
N ALA A 185 -7.99 8.34 -30.94
CA ALA A 185 -7.47 7.00 -31.24
C ALA A 185 -6.48 7.00 -32.40
N TYR A 186 -6.48 8.06 -33.23
CA TYR A 186 -5.69 8.06 -34.45
C TYR A 186 -4.57 9.10 -34.46
N GLN A 187 -4.59 10.06 -33.53
CA GLN A 187 -3.53 11.03 -33.40
C GLN A 187 -3.37 11.40 -31.93
N PRO A 188 -2.14 11.65 -31.46
CA PRO A 188 -1.95 11.97 -30.04
C PRO A 188 -2.62 13.28 -29.65
N TRP A 189 -3.20 13.28 -28.44
CA TRP A 189 -3.63 14.49 -27.77
C TRP A 189 -2.73 14.69 -26.56
N ILE A 190 -2.22 15.90 -26.38
CA ILE A 190 -1.31 16.23 -25.28
C ILE A 190 -2.16 16.87 -24.18
N TRP A 191 -2.20 16.25 -23.00
CA TRP A 191 -3.17 16.61 -21.97
C TRP A 191 -2.64 17.68 -21.01
N THR A 192 -3.46 18.70 -20.76
CA THR A 192 -3.28 19.69 -19.70
C THR A 192 -4.42 19.54 -18.72
N ALA A 193 -4.14 19.64 -17.42
CA ALA A 193 -5.19 19.48 -16.42
C ALA A 193 -5.85 20.83 -16.11
N GLY A 194 -7.17 20.89 -16.27
CA GLY A 194 -7.93 22.09 -15.96
C GLY A 194 -8.65 21.97 -14.62
N ASN A 195 -9.45 22.99 -14.31
CA ASN A 195 -10.09 22.99 -12.99
C ASN A 195 -11.19 21.95 -12.92
N HIS A 196 -11.84 21.64 -14.05
CA HIS A 196 -12.83 20.58 -13.98
C HIS A 196 -12.24 19.19 -13.78
N GLU A 197 -10.92 19.04 -13.88
CA GLU A 197 -10.27 17.78 -13.55
C GLU A 197 -9.87 17.67 -12.08
N ILE A 198 -9.92 18.75 -11.30
CA ILE A 198 -9.52 18.68 -9.89
C ILE A 198 -10.38 17.68 -9.13
N GLU A 199 -11.70 17.79 -9.29
CA GLU A 199 -12.72 16.97 -8.60
C GLU A 199 -12.39 16.76 -7.13
N PHE A 200 -12.09 17.87 -6.44
CA PHE A 200 -12.02 17.89 -4.97
C PHE A 200 -13.43 17.99 -4.40
N ALA A 201 -13.92 16.88 -3.85
CA ALA A 201 -15.29 16.79 -3.35
C ALA A 201 -15.28 16.15 -1.97
N PRO A 202 -14.83 16.87 -0.94
CA PRO A 202 -14.83 16.29 0.41
C PRO A 202 -16.23 15.93 0.91
N GLU A 203 -17.27 16.63 0.46
CA GLU A 203 -18.62 16.34 0.93
C GLU A 203 -19.06 14.92 0.60
N ILE A 204 -18.42 14.28 -0.38
CA ILE A 204 -18.68 12.87 -0.64
C ILE A 204 -17.39 12.07 -0.46
N ASN A 205 -16.52 12.57 0.42
CA ASN A 205 -15.29 11.88 0.82
C ASN A 205 -14.46 11.45 -0.38
N GLU A 206 -14.32 12.35 -1.35
CA GLU A 206 -13.40 12.22 -2.48
C GLU A 206 -12.44 13.40 -2.45
N THR A 207 -11.26 13.20 -1.87
CA THR A 207 -10.33 14.30 -1.61
C THR A 207 -9.00 14.18 -2.33
N GLU A 208 -8.81 13.18 -3.18
CA GLU A 208 -7.58 13.08 -3.95
C GLU A 208 -7.70 13.92 -5.22
N PRO A 209 -7.01 15.05 -5.30
CA PRO A 209 -7.15 15.91 -6.48
C PRO A 209 -6.78 15.16 -7.77
N PHE A 210 -7.54 15.43 -8.83
CA PHE A 210 -7.29 14.91 -10.17
C PHE A 210 -7.45 13.40 -10.30
N LYS A 211 -8.13 12.73 -9.38
CA LYS A 211 -8.15 11.27 -9.40
C LYS A 211 -8.76 10.67 -10.67
N PRO A 212 -9.98 11.01 -11.10
CA PRO A 212 -10.50 10.36 -12.31
C PRO A 212 -9.65 10.65 -13.55
N PHE A 213 -9.39 11.95 -13.82
CA PHE A 213 -8.47 12.34 -14.87
C PHE A 213 -7.19 11.51 -14.88
N SER A 214 -6.50 11.40 -13.74
CA SER A 214 -5.18 10.80 -13.73
C SER A 214 -5.21 9.29 -13.93
N TYR A 215 -6.32 8.61 -13.62
CA TYR A 215 -6.41 7.18 -13.94
C TYR A 215 -6.66 6.95 -15.43
N ARG A 216 -7.52 7.79 -16.04
CA ARG A 216 -7.93 7.63 -17.42
C ARG A 216 -6.89 8.16 -18.40
N TYR A 217 -6.18 9.22 -18.03
CA TYR A 217 -5.31 9.93 -18.96
C TYR A 217 -3.91 10.00 -18.37
N HIS A 218 -3.01 9.21 -18.95
CA HIS A 218 -1.60 9.15 -18.59
C HIS A 218 -0.74 10.00 -19.52
N VAL A 219 0.34 10.53 -18.98
CA VAL A 219 1.26 11.40 -19.70
C VAL A 219 2.66 10.84 -19.50
N PRO A 220 3.60 11.13 -20.42
CA PRO A 220 4.98 10.62 -20.26
C PRO A 220 5.83 11.47 -19.30
N TYR A 221 5.37 11.63 -18.06
CA TYR A 221 6.00 12.64 -17.21
C TYR A 221 7.40 12.25 -16.73
N GLU A 222 7.68 10.97 -16.52
CA GLU A 222 9.04 10.60 -16.11
C GLU A 222 10.07 10.85 -17.19
N ALA A 223 9.67 11.00 -18.45
CA ALA A 223 10.67 11.16 -19.52
C ALA A 223 11.29 12.55 -19.53
N SER A 224 10.69 13.52 -18.84
CA SER A 224 11.34 14.80 -18.63
C SER A 224 11.71 15.02 -17.16
N GLN A 225 11.85 13.94 -16.39
CA GLN A 225 12.27 14.01 -14.98
C GLN A 225 11.28 14.78 -14.12
N SER A 226 10.01 14.79 -14.51
CA SER A 226 9.00 15.33 -13.61
C SER A 226 8.54 14.23 -12.66
N THR A 227 8.15 14.63 -11.47
CA THR A 227 7.71 13.69 -10.45
C THR A 227 6.20 13.61 -10.35
N SER A 228 5.49 14.26 -11.27
CA SER A 228 4.04 14.38 -11.19
C SER A 228 3.49 14.35 -12.60
N PRO A 229 2.35 13.67 -12.82
CA PRO A 229 1.71 13.71 -14.14
C PRO A 229 1.25 15.11 -14.56
N PHE A 230 1.13 16.06 -13.64
CA PHE A 230 0.43 17.29 -13.96
C PHE A 230 1.33 18.37 -14.55
N TRP A 231 2.65 18.18 -14.57
CA TRP A 231 3.58 19.03 -15.33
C TRP A 231 4.66 18.15 -15.95
N TYR A 232 5.09 18.49 -17.17
CA TYR A 232 5.95 17.63 -17.95
C TYR A 232 6.25 18.30 -19.30
N SER A 233 7.12 17.65 -20.05
CA SER A 233 7.58 18.18 -21.32
C SER A 233 7.59 17.06 -22.35
N ILE A 234 7.32 17.42 -23.59
CA ILE A 234 7.60 16.54 -24.71
C ILE A 234 8.25 17.38 -25.80
N LYS A 235 8.94 16.69 -26.71
CA LYS A 235 9.45 17.27 -27.94
C LYS A 235 8.84 16.52 -29.11
N ARG A 236 8.43 17.26 -30.13
CA ARG A 236 7.76 16.70 -31.30
C ARG A 236 8.05 17.59 -32.49
N ALA A 237 8.72 17.02 -33.50
CA ALA A 237 9.08 17.72 -34.73
C ALA A 237 9.96 18.89 -34.31
N SER A 238 9.62 20.15 -34.63
CA SER A 238 10.47 21.28 -34.28
C SER A 238 10.02 21.99 -33.01
N ALA A 239 9.15 21.35 -32.23
CA ALA A 239 8.54 21.98 -31.06
C ALA A 239 9.03 21.35 -29.77
N HIS A 240 9.33 22.20 -28.78
CA HIS A 240 9.49 21.80 -27.39
C HIS A 240 8.25 22.28 -26.62
N ILE A 241 7.48 21.35 -26.08
CA ILE A 241 6.19 21.65 -25.45
C ILE A 241 6.28 21.41 -23.94
N ILE A 242 6.02 22.45 -23.17
CA ILE A 242 6.04 22.43 -21.72
C ILE A 242 4.59 22.51 -21.24
N VAL A 243 4.17 21.50 -20.49
CA VAL A 243 2.81 21.43 -19.97
C VAL A 243 2.87 21.73 -18.47
N LEU A 244 2.03 22.66 -18.01
CA LEU A 244 2.03 23.18 -16.64
C LEU A 244 0.69 22.91 -15.96
N SER A 245 0.70 22.99 -14.62
CA SER A 245 -0.50 22.71 -13.83
C SER A 245 -0.93 23.95 -13.05
N SER A 246 -2.00 24.59 -13.51
CA SER A 246 -2.47 25.81 -12.84
C SER A 246 -2.92 25.53 -11.42
N TYR A 247 -3.41 24.31 -11.15
CA TYR A 247 -3.99 23.99 -9.85
C TYR A 247 -3.10 23.04 -9.03
N SER A 248 -1.80 23.00 -9.33
CA SER A 248 -0.79 22.43 -8.44
C SER A 248 0.03 23.57 -7.83
N ALA A 249 0.86 23.23 -6.84
CA ALA A 249 1.71 24.26 -6.24
C ALA A 249 2.77 24.72 -7.23
N TYR A 250 3.04 26.02 -7.24
CA TYR A 250 4.14 26.56 -8.03
C TYR A 250 4.87 27.65 -7.25
N GLY A 251 4.82 27.60 -5.92
CA GLY A 251 5.67 28.46 -5.12
C GLY A 251 7.14 28.10 -5.25
N ARG A 252 7.99 29.03 -4.80
CA ARG A 252 9.43 28.85 -4.91
C ARG A 252 9.88 27.64 -4.09
N GLY A 253 10.56 26.71 -4.73
CA GLY A 253 11.01 25.48 -4.11
C GLY A 253 10.09 24.30 -4.32
N THR A 254 8.85 24.52 -4.77
CA THR A 254 7.91 23.42 -4.93
C THR A 254 8.36 22.53 -6.09
N PRO A 255 7.84 21.30 -6.19
CA PRO A 255 8.25 20.44 -7.32
C PRO A 255 8.00 21.06 -8.69
N GLN A 256 6.82 21.65 -8.93
CA GLN A 256 6.54 22.21 -10.25
C GLN A 256 7.45 23.38 -10.56
N TYR A 257 7.62 24.28 -9.59
CA TYR A 257 8.55 25.40 -9.75
C TYR A 257 9.96 24.90 -10.06
N THR A 258 10.49 24.00 -9.24
CA THR A 258 11.84 23.47 -9.44
C THR A 258 11.98 22.78 -10.80
N TRP A 259 11.02 21.94 -11.15
CA TRP A 259 11.09 21.25 -12.44
C TRP A 259 11.11 22.24 -13.61
N LEU A 260 10.26 23.28 -13.55
CA LEU A 260 10.16 24.22 -14.68
C LEU A 260 11.41 25.06 -14.81
N LYS A 261 12.07 25.38 -13.69
CA LYS A 261 13.28 26.18 -13.75
C LYS A 261 14.42 25.41 -14.40
N LYS A 262 14.57 24.14 -14.03
CA LYS A 262 15.58 23.28 -14.64
C LYS A 262 15.25 23.03 -16.12
N GLU A 263 13.97 22.85 -16.44
CA GLU A 263 13.56 22.44 -17.77
C GLU A 263 13.71 23.55 -18.80
N LEU A 264 13.49 24.82 -18.42
CA LEU A 264 13.78 25.91 -19.37
C LEU A 264 15.26 25.94 -19.76
N ARG A 265 16.15 25.65 -18.81
CA ARG A 265 17.59 25.54 -19.07
C ARG A 265 17.95 24.37 -19.98
N LYS A 266 17.10 23.34 -20.05
CA LYS A 266 17.34 22.21 -20.94
C LYS A 266 16.81 22.43 -22.35
N VAL A 267 15.99 23.47 -22.59
CA VAL A 267 15.54 23.72 -23.96
C VAL A 267 16.74 24.00 -24.84
N LYS A 268 16.82 23.29 -25.97
CA LYS A 268 17.84 23.54 -27.00
C LYS A 268 17.11 24.02 -28.27
N ARG A 269 17.09 25.34 -28.46
CA ARG A 269 16.40 25.89 -29.63
C ARG A 269 17.12 25.59 -30.94
N SER A 270 18.37 25.08 -30.89
CA SER A 270 19.03 24.64 -32.12
C SER A 270 18.53 23.30 -32.61
N GLU A 271 17.75 22.58 -31.80
CA GLU A 271 17.06 21.34 -32.17
C GLU A 271 15.55 21.50 -32.25
N THR A 272 14.91 22.15 -31.27
CA THR A 272 13.48 22.47 -31.30
C THR A 272 13.32 23.98 -31.24
N PRO A 273 13.28 24.67 -32.38
CA PRO A 273 13.15 26.14 -32.35
C PRO A 273 11.86 26.67 -31.73
N TRP A 274 10.74 25.97 -31.85
CA TRP A 274 9.45 26.50 -31.41
C TRP A 274 9.19 26.06 -29.97
N LEU A 275 9.16 27.03 -29.04
CA LEU A 275 8.96 26.73 -27.62
C LEU A 275 7.54 27.13 -27.21
N ILE A 276 6.77 26.16 -26.72
CA ILE A 276 5.33 26.30 -26.54
C ILE A 276 5.00 25.92 -25.12
N VAL A 277 4.23 26.76 -24.44
CA VAL A 277 3.79 26.46 -23.08
C VAL A 277 2.29 26.28 -23.07
N LEU A 278 1.82 25.19 -22.48
CA LEU A 278 0.42 24.92 -22.26
C LEU A 278 0.07 25.11 -20.78
N MET A 279 -1.12 25.65 -20.53
CA MET A 279 -1.60 25.80 -19.15
C MET A 279 -3.10 26.04 -19.25
N HIS A 280 -3.83 25.74 -18.16
CA HIS A 280 -5.27 25.93 -18.25
C HIS A 280 -5.68 27.39 -18.09
N SER A 281 -5.21 28.06 -17.06
CA SER A 281 -5.72 29.38 -16.70
C SER A 281 -4.85 30.48 -17.30
N PRO A 282 -5.42 31.40 -18.08
CA PRO A 282 -4.59 32.36 -18.85
C PRO A 282 -4.01 33.49 -18.03
N LEU A 283 -2.73 33.79 -18.31
CA LEU A 283 -2.05 34.89 -17.63
C LEU A 283 -2.51 36.26 -18.14
N TYR A 284 -2.90 36.35 -19.41
CA TYR A 284 -3.40 37.59 -20.00
C TYR A 284 -4.80 37.32 -20.53
N ASN A 285 -5.81 37.96 -19.93
CA ASN A 285 -7.22 37.65 -20.19
C ASN A 285 -8.02 38.90 -19.91
N SER A 286 -8.71 39.42 -20.92
CA SER A 286 -9.49 40.65 -20.78
C SER A 286 -11.00 40.39 -20.80
N TYR A 287 -11.43 39.14 -20.67
CA TYR A 287 -12.82 38.81 -20.42
C TYR A 287 -13.13 38.90 -18.93
N ASN A 288 -14.44 39.07 -18.63
CA ASN A 288 -14.88 39.12 -17.23
C ASN A 288 -14.79 37.78 -16.54
N HIS A 289 -15.21 36.71 -17.20
CA HIS A 289 -15.16 35.40 -16.57
C HIS A 289 -13.71 35.03 -16.27
N HIS A 290 -13.44 34.71 -15.00
CA HIS A 290 -12.09 34.36 -14.53
C HIS A 290 -11.09 35.48 -14.75
N PHE A 291 -11.58 36.73 -14.82
CA PHE A 291 -10.69 37.89 -14.90
C PHE A 291 -9.68 37.90 -13.75
N MET A 292 -8.39 38.00 -14.11
CA MET A 292 -7.23 38.11 -13.22
C MET A 292 -6.92 36.84 -12.43
N GLU A 293 -7.62 35.73 -12.68
CA GLU A 293 -7.29 34.48 -11.99
C GLU A 293 -5.87 34.01 -12.33
N GLY A 294 -5.34 34.39 -13.50
CA GLY A 294 -3.99 34.01 -13.85
C GLY A 294 -2.88 34.82 -13.23
N GLU A 295 -3.21 35.82 -12.41
CA GLU A 295 -2.19 36.73 -11.86
C GLU A 295 -1.17 36.00 -11.00
N ALA A 296 -1.60 35.01 -10.21
CA ALA A 296 -0.67 34.32 -9.31
C ALA A 296 0.43 33.62 -10.10
N MET A 297 0.07 32.85 -11.13
CA MET A 297 1.14 32.18 -11.89
C MET A 297 1.99 33.20 -12.64
N ARG A 298 1.37 34.28 -13.12
CA ARG A 298 2.10 35.32 -13.82
C ARG A 298 3.24 35.87 -12.96
N THR A 299 2.94 36.23 -11.70
CA THR A 299 3.97 36.78 -10.82
C THR A 299 5.17 35.85 -10.72
N LYS A 300 4.95 34.53 -10.86
CA LYS A 300 6.01 33.55 -10.70
C LYS A 300 6.74 33.19 -12.00
N PHE A 301 6.03 33.08 -13.13
CA PHE A 301 6.61 32.49 -14.33
C PHE A 301 6.70 33.42 -15.53
N GLU A 302 6.11 34.62 -15.48
CA GLU A 302 6.12 35.47 -16.66
C GLU A 302 7.53 35.91 -17.03
N ALA A 303 8.34 36.32 -16.03
CA ALA A 303 9.70 36.79 -16.35
C ALA A 303 10.56 35.67 -16.92
N TRP A 304 10.27 34.42 -16.55
CA TRP A 304 10.99 33.29 -17.14
C TRP A 304 10.67 33.13 -18.61
N PHE A 305 9.37 33.21 -18.95
CA PHE A 305 8.95 33.05 -20.34
C PHE A 305 9.60 34.09 -21.25
N VAL A 306 9.73 35.32 -20.77
CA VAL A 306 10.40 36.37 -21.53
C VAL A 306 11.89 36.07 -21.66
N LYS A 307 12.52 35.71 -20.54
CA LYS A 307 13.96 35.43 -20.54
C LYS A 307 14.32 34.27 -21.49
N TYR A 308 13.45 33.27 -21.63
CA TYR A 308 13.75 32.13 -22.48
C TYR A 308 13.10 32.23 -23.85
N LYS A 309 12.57 33.41 -24.20
CA LYS A 309 12.01 33.70 -25.51
C LYS A 309 11.01 32.65 -25.94
N VAL A 310 10.04 32.39 -25.05
CA VAL A 310 8.91 31.53 -25.39
C VAL A 310 8.15 32.14 -26.55
N ASP A 311 7.81 31.31 -27.54
CA ASP A 311 7.12 31.82 -28.70
C ASP A 311 5.64 32.10 -28.42
N VAL A 312 4.97 31.20 -27.70
CA VAL A 312 3.52 31.30 -27.56
C VAL A 312 3.12 30.50 -26.33
N VAL A 313 2.17 31.05 -25.58
CA VAL A 313 1.54 30.37 -24.46
C VAL A 313 0.06 30.20 -24.79
N PHE A 314 -0.41 28.96 -24.74
CA PHE A 314 -1.80 28.63 -25.01
C PHE A 314 -2.49 28.31 -23.71
N ALA A 315 -3.72 28.81 -23.55
CA ALA A 315 -4.50 28.50 -22.36
C ALA A 315 -5.97 28.36 -22.73
N GLY A 316 -6.76 27.86 -21.78
CA GLY A 316 -8.20 27.74 -21.94
C GLY A 316 -9.01 28.49 -20.88
N HIS A 317 -9.88 27.78 -20.15
CA HIS A 317 -10.56 28.30 -18.96
C HIS A 317 -11.60 29.38 -19.30
N VAL A 318 -11.22 30.43 -20.03
CA VAL A 318 -12.20 31.39 -20.52
C VAL A 318 -12.87 30.80 -21.76
N HIS A 319 -14.20 30.85 -21.81
CA HIS A 319 -14.96 30.18 -22.87
C HIS A 319 -15.17 31.12 -24.06
N ALA A 320 -14.08 31.45 -24.71
CA ALA A 320 -14.03 32.39 -25.83
C ALA A 320 -12.63 32.30 -26.41
N TYR A 321 -12.30 33.19 -27.36
CA TYR A 321 -11.00 33.24 -28.00
C TYR A 321 -10.37 34.61 -27.76
N GLU A 322 -9.05 34.62 -27.52
CA GLU A 322 -8.33 35.86 -27.38
C GLU A 322 -6.88 35.62 -27.80
N ARG A 323 -6.30 36.62 -28.46
CA ARG A 323 -4.88 36.67 -28.81
C ARG A 323 -4.32 38.02 -28.39
N SER A 324 -3.25 37.97 -27.60
CA SER A 324 -2.63 39.17 -27.08
C SER A 324 -1.56 39.66 -28.02
N GLU A 325 -1.15 40.90 -27.84
CA GLU A 325 0.13 41.35 -28.39
C GLU A 325 1.26 40.69 -27.61
N ARG A 326 2.48 40.80 -28.12
CA ARG A 326 3.67 40.48 -27.34
C ARG A 326 3.85 41.56 -26.28
N VAL A 327 3.57 41.22 -25.02
CA VAL A 327 3.66 42.19 -23.92
C VAL A 327 4.28 41.52 -22.71
N SER A 328 4.80 42.35 -21.81
CA SER A 328 5.29 41.87 -20.53
C SER A 328 4.85 42.87 -19.48
N ASN A 329 4.74 42.39 -18.25
CA ASN A 329 4.33 43.19 -17.11
C ASN A 329 5.21 42.80 -15.91
N ILE A 330 6.52 42.99 -16.08
CA ILE A 330 7.52 42.39 -15.18
C ILE A 330 8.43 43.43 -14.53
N ALA A 331 8.12 44.72 -14.66
CA ALA A 331 8.92 45.78 -14.07
C ALA A 331 8.39 46.27 -12.73
N TYR A 332 7.39 45.57 -12.17
CA TYR A 332 6.68 46.02 -10.96
C TYR A 332 7.53 45.73 -9.72
N LYS A 333 7.65 46.73 -8.83
CA LYS A 333 8.41 46.59 -7.58
C LYS A 333 7.66 47.12 -6.36
N ILE A 334 6.33 46.97 -6.35
CA ILE A 334 5.41 47.31 -5.26
C ILE A 334 5.14 48.81 -5.17
N THR A 335 6.18 49.66 -5.09
CA THR A 335 5.97 51.09 -4.89
C THR A 335 6.36 51.96 -6.09
N ASN A 336 6.77 51.37 -7.21
CA ASN A 336 7.26 52.14 -8.35
C ASN A 336 6.19 52.38 -9.42
N GLY A 337 4.94 51.97 -9.19
CA GLY A 337 3.85 52.31 -10.09
C GLY A 337 3.83 51.57 -11.42
N LEU A 338 4.86 50.77 -11.72
CA LEU A 338 5.01 50.19 -13.06
C LEU A 338 4.26 48.87 -13.11
N CYS A 339 2.94 48.99 -13.26
CA CYS A 339 2.07 47.82 -13.31
C CYS A 339 1.26 47.78 -14.59
N THR A 340 1.65 48.55 -15.62
CA THR A 340 0.97 48.51 -16.91
C THR A 340 1.75 47.63 -17.88
N PRO A 341 1.10 46.69 -18.56
CA PRO A 341 1.83 45.88 -19.56
C PRO A 341 2.35 46.76 -20.69
N VAL A 342 3.58 46.47 -21.13
CA VAL A 342 4.19 47.17 -22.25
C VAL A 342 4.50 46.17 -23.37
N LYS A 343 4.53 46.69 -24.60
CA LYS A 343 5.03 45.89 -25.71
C LYS A 343 6.46 45.43 -25.42
N ASP A 344 6.73 44.17 -25.73
CA ASP A 344 7.99 43.53 -25.37
C ASP A 344 8.15 42.41 -26.39
N GLN A 345 8.84 42.72 -27.49
CA GLN A 345 9.05 41.79 -28.59
C GLN A 345 9.90 40.60 -28.19
N SER A 346 10.30 40.50 -26.94
CA SER A 346 10.91 39.28 -26.43
C SER A 346 9.92 38.38 -25.71
N ALA A 347 8.69 38.86 -25.50
CA ALA A 347 7.68 38.10 -24.79
C ALA A 347 6.95 37.15 -25.73
N PRO A 348 6.21 36.19 -25.20
CA PRO A 348 5.34 35.36 -26.04
C PRO A 348 4.06 36.09 -26.43
N VAL A 349 3.37 35.49 -27.42
CA VAL A 349 1.96 35.77 -27.63
C VAL A 349 1.17 34.87 -26.69
N TYR A 350 0.20 35.45 -25.99
CA TYR A 350 -0.73 34.69 -25.15
C TYR A 350 -2.04 34.51 -25.91
N ILE A 351 -2.49 33.28 -25.98
CA ILE A 351 -3.69 32.93 -26.74
C ILE A 351 -4.60 32.12 -25.82
N THR A 352 -5.82 32.61 -25.66
CA THR A 352 -6.90 31.86 -25.05
C THR A 352 -7.68 31.16 -26.16
N ILE A 353 -7.95 29.88 -25.96
CA ILE A 353 -8.53 29.04 -27.01
C ILE A 353 -9.43 28.02 -26.28
N GLY A 354 -10.08 28.46 -25.21
CA GLY A 354 -10.97 27.61 -24.44
C GLY A 354 -12.41 27.61 -24.91
N ASP A 355 -12.61 27.66 -26.23
CA ASP A 355 -13.94 27.87 -26.80
C ASP A 355 -14.42 26.70 -27.65
N ALA A 356 -14.02 25.46 -27.31
CA ALA A 356 -14.40 24.31 -28.13
C ALA A 356 -15.82 23.84 -27.86
N GLY A 357 -16.47 24.29 -26.79
CA GLY A 357 -17.88 24.00 -26.60
C GLY A 357 -18.41 23.85 -25.19
N ASN A 358 -17.56 23.33 -24.28
CA ASN A 358 -17.90 23.04 -22.89
C ASN A 358 -19.30 22.45 -22.80
N TYR A 359 -20.18 22.97 -21.95
CA TYR A 359 -21.55 22.49 -21.88
C TYR A 359 -22.52 23.40 -22.63
N GLY A 360 -22.02 24.17 -23.61
CA GLY A 360 -22.84 24.97 -24.50
C GLY A 360 -22.86 26.48 -24.24
N VAL A 361 -22.00 27.01 -23.37
CA VAL A 361 -22.08 28.40 -22.93
C VAL A 361 -20.81 29.15 -23.35
N ILE A 362 -20.99 30.24 -24.06
CA ILE A 362 -19.88 31.07 -24.49
C ILE A 362 -19.72 32.21 -23.48
N ASP A 363 -18.48 32.63 -23.24
CA ASP A 363 -18.21 33.77 -22.37
C ASP A 363 -18.19 35.04 -23.21
N SER A 364 -19.24 35.85 -23.12
CA SER A 364 -19.33 37.03 -23.98
C SER A 364 -19.03 38.35 -23.29
N ASN A 365 -19.00 38.40 -21.96
CA ASN A 365 -18.70 39.66 -21.27
C ASN A 365 -17.21 40.00 -21.39
N MET A 366 -16.90 41.11 -22.04
CA MET A 366 -15.54 41.61 -22.16
C MET A 366 -15.43 42.99 -21.54
N ILE A 367 -14.25 43.26 -20.97
CA ILE A 367 -13.87 44.58 -20.51
C ILE A 367 -13.66 45.51 -21.71
N GLN A 368 -14.43 46.65 -21.74
CA GLN A 368 -14.40 47.67 -22.80
C GLN A 368 -13.78 48.98 -22.32
N PRO A 369 -12.93 49.63 -23.13
CA PRO A 369 -12.52 49.14 -24.46
C PRO A 369 -11.46 48.04 -24.38
N GLN A 370 -11.17 47.41 -25.52
CA GLN A 370 -10.11 46.40 -25.58
C GLN A 370 -8.79 46.97 -25.05
N PRO A 371 -8.14 46.30 -24.12
CA PRO A 371 -6.86 46.80 -23.60
C PRO A 371 -5.78 46.77 -24.68
N GLU A 372 -4.79 47.65 -24.50
CA GLU A 372 -3.68 47.69 -25.43
C GLU A 372 -2.96 46.34 -25.53
N TYR A 373 -3.02 45.52 -24.47
CA TYR A 373 -2.31 44.26 -24.51
C TYR A 373 -3.03 43.21 -25.35
N SER A 374 -4.31 43.44 -25.67
CA SER A 374 -5.16 42.48 -26.35
C SER A 374 -5.20 42.83 -27.83
N ALA A 375 -4.76 41.90 -28.69
CA ALA A 375 -4.74 42.23 -30.11
C ALA A 375 -6.08 41.93 -30.77
N PHE A 376 -6.68 40.80 -30.42
CA PHE A 376 -7.89 40.31 -31.07
C PHE A 376 -8.60 39.42 -30.08
N ARG A 377 -9.93 39.53 -30.03
CA ARG A 377 -10.68 38.65 -29.16
C ARG A 377 -12.09 38.51 -29.74
N GLU A 378 -12.71 37.35 -29.51
CA GLU A 378 -14.09 37.17 -29.93
C GLU A 378 -14.72 36.01 -29.17
N ALA A 379 -16.00 36.17 -28.84
CA ALA A 379 -16.78 35.17 -28.12
C ALA A 379 -17.52 34.30 -29.14
N SER A 380 -16.79 33.31 -29.67
CA SER A 380 -17.37 32.32 -30.56
C SER A 380 -16.73 30.97 -30.30
N PHE A 381 -17.48 29.91 -30.55
CA PHE A 381 -16.93 28.57 -30.45
C PHE A 381 -15.98 28.29 -31.61
N GLY A 382 -14.94 27.51 -31.33
CA GLY A 382 -13.96 27.20 -32.36
C GLY A 382 -12.76 26.46 -31.81
N HIS A 383 -11.74 26.37 -32.65
CA HIS A 383 -10.48 25.75 -32.27
C HIS A 383 -9.33 26.50 -32.96
N GLY A 384 -8.11 26.21 -32.55
CA GLY A 384 -6.94 26.77 -33.20
C GLY A 384 -6.10 25.78 -33.99
N MET A 385 -5.25 26.28 -34.87
CA MET A 385 -4.26 25.50 -35.61
C MET A 385 -2.92 26.22 -35.51
N PHE A 386 -1.89 25.51 -35.08
CA PHE A 386 -0.57 26.14 -34.99
C PHE A 386 0.34 25.39 -35.96
N ASP A 387 0.55 26.00 -37.12
CA ASP A 387 1.09 25.32 -38.31
C ASP A 387 2.53 25.77 -38.49
N ILE A 388 3.48 24.95 -38.03
CA ILE A 388 4.89 25.30 -38.15
C ILE A 388 5.36 25.04 -39.59
N LYS A 389 6.01 26.04 -40.19
CA LYS A 389 6.60 25.90 -41.52
C LYS A 389 8.06 25.50 -41.44
N ASN A 390 8.82 26.17 -40.57
CA ASN A 390 10.27 26.01 -40.44
C ASN A 390 10.71 26.76 -39.17
N ARG A 391 12.02 26.91 -38.99
CA ARG A 391 12.53 27.44 -37.73
C ARG A 391 12.18 28.91 -37.53
N THR A 392 11.88 29.65 -38.59
CA THR A 392 11.50 31.06 -38.46
C THR A 392 9.99 31.30 -38.45
N HIS A 393 9.21 30.47 -39.15
CA HIS A 393 7.82 30.81 -39.50
C HIS A 393 6.84 29.74 -39.03
N ALA A 394 5.80 30.19 -38.32
CA ALA A 394 4.64 29.39 -37.94
C ALA A 394 3.38 30.20 -38.22
N HIS A 395 2.38 29.56 -38.79
CA HIS A 395 1.11 30.23 -39.06
C HIS A 395 0.05 29.70 -38.12
N PHE A 396 -0.55 30.60 -37.33
CA PHE A 396 -1.63 30.25 -36.42
C PHE A 396 -2.95 30.79 -36.98
N SER A 397 -4.01 29.98 -36.86
CA SER A 397 -5.29 30.41 -37.37
C SER A 397 -6.38 29.85 -36.48
N TRP A 398 -7.49 30.58 -36.40
CA TRP A 398 -8.61 30.25 -35.54
C TRP A 398 -9.82 30.02 -36.43
N ASN A 399 -10.53 28.92 -36.22
CA ASN A 399 -11.67 28.56 -37.06
C ASN A 399 -12.94 28.60 -36.22
N ARG A 400 -13.92 29.37 -36.68
CA ARG A 400 -15.17 29.52 -35.95
C ARG A 400 -16.14 28.42 -36.36
N ASN A 401 -16.97 28.00 -35.40
CA ASN A 401 -17.92 26.93 -35.67
C ASN A 401 -19.02 27.36 -36.63
N GLN A 402 -19.30 28.66 -36.72
CA GLN A 402 -20.33 29.14 -37.64
C GLN A 402 -19.82 29.42 -39.06
N ASP A 403 -18.51 29.32 -39.31
CA ASP A 403 -17.93 29.48 -40.65
C ASP A 403 -17.72 28.13 -41.30
N GLY A 404 -17.37 28.16 -42.59
CA GLY A 404 -16.93 26.95 -43.28
C GLY A 404 -15.68 26.36 -42.65
N VAL A 405 -15.49 25.05 -42.85
CA VAL A 405 -14.36 24.37 -42.21
C VAL A 405 -13.01 24.88 -42.71
N ALA A 406 -12.97 25.63 -43.81
CA ALA A 406 -11.72 26.14 -44.33
C ALA A 406 -11.56 27.65 -44.16
N VAL A 407 -12.49 28.29 -43.46
CA VAL A 407 -12.48 29.75 -43.25
C VAL A 407 -11.70 30.05 -41.98
N GLU A 408 -10.68 30.90 -42.09
CA GLU A 408 -9.92 31.38 -40.94
C GLU A 408 -10.45 32.76 -40.57
N ALA A 409 -11.22 32.83 -39.49
CA ALA A 409 -11.71 34.12 -39.02
C ALA A 409 -10.61 34.97 -38.39
N ASP A 410 -9.48 34.36 -38.02
CA ASP A 410 -8.34 35.12 -37.51
C ASP A 410 -7.09 34.30 -37.76
N SER A 411 -6.03 34.99 -38.18
CA SER A 411 -4.75 34.37 -38.48
C SER A 411 -3.63 35.37 -38.21
N VAL A 412 -2.45 34.84 -37.93
CA VAL A 412 -1.29 35.67 -37.66
C VAL A 412 -0.03 34.83 -37.86
N TRP A 413 0.96 35.42 -38.53
CA TRP A 413 2.25 34.77 -38.68
C TRP A 413 3.09 35.00 -37.42
N PHE A 414 3.56 33.91 -36.82
CA PHE A 414 4.56 33.93 -35.76
C PHE A 414 5.95 33.96 -36.38
N PHE A 415 6.75 34.95 -36.00
CA PHE A 415 8.18 34.97 -36.30
C PHE A 415 8.94 34.53 -35.05
N ASN A 416 9.75 33.49 -35.19
CA ASN A 416 10.34 32.80 -34.02
C ASN A 416 11.17 33.73 -33.14
N ARG A 417 10.92 33.70 -31.83
CA ARG A 417 11.62 34.61 -30.93
C ARG A 417 13.12 34.35 -30.90
N HIS A 418 13.55 33.11 -31.14
CA HIS A 418 14.96 32.78 -31.10
C HIS A 418 15.63 32.99 -32.45
N TRP A 419 15.02 32.50 -33.53
CA TRP A 419 15.65 32.47 -34.84
C TRP A 419 15.23 33.63 -35.75
N TYR A 420 14.19 34.37 -35.41
CA TYR A 420 13.69 35.38 -36.33
C TYR A 420 12.91 36.48 -35.59
N PRO A 421 13.56 37.24 -34.72
CA PRO A 421 12.82 38.11 -33.79
C PRO A 421 12.21 39.34 -34.44
N VAL A 422 11.79 39.27 -35.70
CA VAL A 422 11.23 40.44 -36.35
C VAL A 422 9.92 40.81 -35.67
N ASP A 423 9.61 42.10 -35.66
CA ASP A 423 8.30 42.55 -35.20
C ASP A 423 7.22 41.85 -36.01
N ASP A 424 6.39 41.04 -35.34
CA ASP A 424 5.31 40.32 -36.00
C ASP A 424 3.93 40.85 -35.59
N SER A 425 3.88 42.06 -35.06
CA SER A 425 2.61 42.78 -34.82
C SER A 425 1.72 42.78 -36.06
N ASN B 2 28.54 -22.66 21.68
CA ASN B 2 28.42 -21.56 20.73
C ASN B 2 29.51 -21.62 19.64
N ARG B 3 29.35 -22.54 18.69
CA ARG B 3 30.35 -22.78 17.67
C ARG B 3 30.18 -21.87 16.46
N ASP B 4 29.26 -20.90 16.51
CA ASP B 4 29.15 -19.92 15.42
C ASP B 4 30.45 -19.14 15.27
N MET B 5 30.80 -18.82 14.03
CA MET B 5 32.02 -18.05 13.80
C MET B 5 31.82 -16.62 14.30
N PRO B 6 32.83 -16.02 14.93
CA PRO B 6 32.70 -14.66 15.46
C PRO B 6 32.67 -13.62 14.34
N LEU B 7 32.20 -12.42 14.72
CA LEU B 7 31.90 -11.38 13.73
C LEU B 7 33.14 -10.98 12.93
N ASP B 8 34.31 -10.93 13.56
CA ASP B 8 35.53 -10.52 12.88
C ASP B 8 36.22 -11.66 12.14
N SER B 9 35.51 -12.75 11.84
CA SER B 9 36.08 -13.83 11.05
C SER B 9 36.38 -13.37 9.64
N ASP B 10 37.37 -14.01 9.01
CA ASP B 10 37.76 -13.60 7.67
C ASP B 10 36.63 -13.79 6.66
N VAL B 11 35.80 -14.82 6.83
CA VAL B 11 34.72 -15.08 5.87
C VAL B 11 33.65 -14.01 5.92
N PHE B 12 33.64 -13.19 6.97
CA PHE B 12 32.66 -12.12 7.17
C PHE B 12 33.14 -10.74 6.72
N ARG B 13 34.35 -10.62 6.16
CA ARG B 13 34.90 -9.30 5.88
C ARG B 13 34.03 -8.52 4.90
N VAL B 14 34.02 -7.21 5.09
CA VAL B 14 33.28 -6.29 4.24
C VAL B 14 34.12 -5.98 3.02
N PRO B 15 33.63 -6.20 1.81
CA PRO B 15 34.39 -5.79 0.63
C PRO B 15 34.71 -4.30 0.71
N PRO B 16 35.95 -3.93 0.45
CA PRO B 16 36.37 -2.53 0.65
C PRO B 16 35.95 -1.62 -0.50
N GLY B 17 35.91 -0.33 -0.19
CA GLY B 17 35.51 0.70 -1.14
C GLY B 17 34.14 1.24 -0.81
N TYR B 18 33.94 2.52 -1.10
CA TYR B 18 32.68 3.14 -0.75
C TYR B 18 31.52 2.44 -1.45
N ASN B 19 30.54 2.02 -0.64
CA ASN B 19 29.32 1.36 -1.12
C ASN B 19 29.62 0.15 -2.01
N ALA B 20 30.69 -0.56 -1.69
CA ALA B 20 31.01 -1.81 -2.36
C ALA B 20 29.84 -2.78 -2.24
N PRO B 21 29.33 -3.33 -3.35
CA PRO B 21 28.32 -4.38 -3.26
C PRO B 21 28.83 -5.55 -2.42
N GLN B 22 27.94 -6.13 -1.64
CA GLN B 22 28.30 -7.28 -0.82
C GLN B 22 27.14 -8.25 -0.78
N GLN B 23 27.39 -9.40 -0.18
CA GLN B 23 26.43 -10.49 -0.11
C GLN B 23 25.91 -10.83 -1.51
N VAL B 24 26.80 -10.82 -2.50
CA VAL B 24 26.42 -11.08 -3.89
C VAL B 24 25.99 -12.54 -4.03
N HIS B 25 24.87 -12.77 -4.71
CA HIS B 25 24.44 -14.15 -4.96
C HIS B 25 23.56 -14.22 -6.20
N ILE B 26 23.59 -15.39 -6.85
CA ILE B 26 22.85 -15.60 -8.08
C ILE B 26 22.02 -16.87 -7.95
N THR B 27 20.95 -16.92 -8.72
CA THR B 27 20.16 -18.13 -8.87
C THR B 27 19.52 -18.07 -10.24
N GLN B 28 19.00 -19.22 -10.69
CA GLN B 28 18.38 -19.27 -12.00
C GLN B 28 17.18 -18.32 -12.04
N GLY B 29 17.03 -17.62 -13.16
CA GLY B 29 16.01 -16.58 -13.25
C GLY B 29 14.87 -16.88 -14.19
N ASP B 30 14.83 -18.08 -14.77
CA ASP B 30 13.76 -18.46 -15.68
C ASP B 30 13.52 -19.97 -15.55
N LEU B 31 12.63 -20.50 -16.39
CA LEU B 31 12.30 -21.91 -16.30
C LEU B 31 13.39 -22.81 -16.84
N VAL B 32 14.14 -22.38 -17.86
CA VAL B 32 14.97 -23.31 -18.62
C VAL B 32 16.47 -23.02 -18.55
N GLY B 33 16.88 -21.92 -17.94
CA GLY B 33 18.30 -21.66 -17.72
C GLY B 33 18.88 -20.50 -18.51
N ARG B 34 18.08 -19.76 -19.26
CA ARG B 34 18.63 -18.63 -20.00
C ARG B 34 18.60 -17.32 -19.21
N ALA B 35 18.17 -17.33 -17.95
CA ALA B 35 18.16 -16.13 -17.14
C ALA B 35 18.84 -16.40 -15.82
N MET B 36 19.37 -15.33 -15.23
CA MET B 36 19.96 -15.34 -13.90
C MET B 36 19.41 -14.16 -13.10
N ILE B 37 19.01 -14.40 -11.85
CA ILE B 37 18.71 -13.32 -10.91
C ILE B 37 19.99 -12.95 -10.17
N ILE B 38 20.42 -11.69 -10.29
CA ILE B 38 21.62 -11.18 -9.64
C ILE B 38 21.18 -10.36 -8.44
N SER B 39 21.69 -10.72 -7.25
CA SER B 39 21.28 -10.16 -5.97
C SER B 39 22.48 -9.70 -5.17
N TRP B 40 22.37 -8.55 -4.52
CA TRP B 40 23.43 -8.07 -3.65
C TRP B 40 22.88 -6.97 -2.74
N VAL B 41 23.72 -6.54 -1.80
CA VAL B 41 23.34 -5.52 -0.83
C VAL B 41 24.34 -4.37 -0.85
N THR B 42 23.84 -3.14 -0.82
CA THR B 42 24.70 -1.98 -0.60
C THR B 42 24.38 -1.37 0.75
N MET B 43 25.42 -1.03 1.51
CA MET B 43 25.25 -0.63 2.90
C MET B 43 25.33 0.87 3.12
N ASP B 44 26.05 1.60 2.26
CA ASP B 44 26.31 3.01 2.51
C ASP B 44 25.24 3.93 1.91
N GLU B 45 24.64 3.56 0.77
CA GLU B 45 23.54 4.31 0.19
C GLU B 45 22.85 3.45 -0.87
N PRO B 46 21.66 3.82 -1.34
CA PRO B 46 20.94 2.97 -2.30
C PRO B 46 21.76 2.45 -3.47
N GLY B 47 22.55 3.28 -4.14
CA GLY B 47 23.27 2.84 -5.30
C GLY B 47 22.41 2.39 -6.48
N SER B 48 23.06 1.92 -7.53
CA SER B 48 22.36 1.51 -8.75
C SER B 48 22.01 0.03 -8.70
N SER B 49 20.85 -0.32 -9.27
CA SER B 49 20.47 -1.72 -9.46
C SER B 49 20.90 -2.27 -10.82
N ALA B 50 21.75 -1.54 -11.55
CA ALA B 50 22.15 -1.95 -12.88
C ALA B 50 23.24 -3.02 -12.81
N VAL B 51 23.16 -4.00 -13.71
CA VAL B 51 24.14 -5.07 -13.81
C VAL B 51 24.73 -5.01 -15.22
N ARG B 52 26.04 -4.84 -15.30
CA ARG B 52 26.72 -4.91 -16.57
C ARG B 52 27.20 -6.35 -16.78
N TYR B 53 26.94 -6.90 -17.95
CA TYR B 53 27.31 -8.29 -18.16
C TYR B 53 27.71 -8.51 -19.62
N TRP B 54 28.60 -9.47 -19.82
CA TRP B 54 29.12 -9.79 -21.15
C TRP B 54 29.67 -11.21 -21.11
N SER B 55 29.62 -11.88 -22.25
CA SER B 55 30.16 -13.23 -22.30
C SER B 55 31.65 -13.17 -22.66
N GLU B 56 32.37 -14.21 -22.23
CA GLU B 56 33.81 -14.28 -22.49
C GLU B 56 34.13 -14.19 -23.98
N LYS B 57 33.23 -14.69 -24.84
CA LYS B 57 33.47 -14.73 -26.28
C LYS B 57 32.87 -13.52 -27.00
N ASN B 58 31.55 -13.32 -26.87
CA ASN B 58 30.87 -12.21 -27.56
C ASN B 58 31.46 -10.86 -27.20
N GLY B 59 31.85 -10.67 -25.92
CA GLY B 59 32.46 -9.43 -25.49
C GLY B 59 31.57 -8.21 -25.46
N ARG B 60 30.36 -8.26 -26.03
CA ARG B 60 29.45 -7.12 -26.06
C ARG B 60 28.87 -6.87 -24.66
N LYS B 61 29.06 -5.67 -24.15
CA LYS B 61 28.71 -5.34 -22.77
C LYS B 61 27.32 -4.71 -22.74
N ARG B 62 26.38 -5.39 -22.06
CA ARG B 62 25.01 -4.95 -21.92
C ARG B 62 24.74 -4.58 -20.47
N ILE B 63 23.61 -3.90 -20.26
CA ILE B 63 23.15 -3.47 -18.95
C ILE B 63 21.78 -4.07 -18.70
N ALA B 64 21.56 -4.58 -17.49
CA ALA B 64 20.23 -4.96 -17.04
C ALA B 64 19.86 -4.08 -15.85
N LYS B 65 18.59 -3.69 -15.79
CA LYS B 65 18.07 -2.85 -14.71
C LYS B 65 17.18 -3.68 -13.79
N GLY B 66 17.35 -3.50 -12.48
CA GLY B 66 16.59 -4.24 -11.50
C GLY B 66 15.90 -3.31 -10.52
N LYS B 67 15.75 -3.80 -9.29
CA LYS B 67 14.96 -3.13 -8.26
C LYS B 67 15.67 -3.21 -6.91
N MET B 68 15.52 -2.14 -6.13
CA MET B 68 16.04 -2.03 -4.78
C MET B 68 14.91 -2.12 -3.77
N SER B 69 15.15 -2.80 -2.65
CA SER B 69 14.16 -2.84 -1.59
C SER B 69 14.87 -2.78 -0.25
N THR B 70 14.12 -2.42 0.78
CA THR B 70 14.60 -2.42 2.16
C THR B 70 13.53 -3.03 3.05
N TYR B 71 13.93 -3.44 4.25
CA TYR B 71 12.98 -3.91 5.25
C TYR B 71 13.53 -3.59 6.63
N ARG B 72 12.63 -3.67 7.61
CA ARG B 72 12.96 -3.59 9.02
C ARG B 72 12.47 -4.86 9.70
N PHE B 73 13.16 -5.24 10.76
CA PHE B 73 12.76 -6.36 11.62
C PHE B 73 13.07 -5.94 13.04
N PHE B 74 12.05 -5.68 13.84
CA PHE B 74 12.23 -5.14 15.18
C PHE B 74 13.06 -3.87 15.11
N ASN B 75 14.23 -3.85 15.75
CA ASN B 75 15.06 -2.65 15.80
C ASN B 75 16.22 -2.71 14.80
N TYR B 76 16.22 -3.72 13.93
CA TYR B 76 17.17 -3.80 12.82
C TYR B 76 16.56 -3.17 11.57
N SER B 77 17.33 -2.33 10.90
CA SER B 77 17.00 -1.81 9.58
C SER B 77 18.01 -2.37 8.59
N SER B 78 17.54 -2.86 7.46
CA SER B 78 18.43 -3.46 6.49
C SER B 78 19.16 -2.39 5.68
N GLY B 79 20.21 -2.80 5.00
CA GLY B 79 20.77 -2.02 3.94
C GLY B 79 19.88 -2.13 2.71
N PHE B 80 20.47 -1.82 1.57
CA PHE B 80 19.74 -1.68 0.32
C PHE B 80 19.94 -2.94 -0.51
N ILE B 81 18.85 -3.65 -0.76
CA ILE B 81 18.85 -4.97 -1.38
C ILE B 81 18.52 -4.82 -2.85
N HIS B 82 19.37 -5.34 -3.72
CA HIS B 82 19.17 -5.23 -5.16
C HIS B 82 18.87 -6.60 -5.74
N HIS B 83 17.85 -6.68 -6.56
CA HIS B 83 17.57 -7.87 -7.35
C HIS B 83 17.46 -7.44 -8.79
N THR B 84 18.28 -8.03 -9.65
CA THR B 84 18.28 -7.73 -11.09
C THR B 84 18.32 -9.04 -11.86
N THR B 85 17.44 -9.17 -12.84
CA THR B 85 17.40 -10.38 -13.66
C THR B 85 18.01 -10.11 -15.04
N ILE B 86 19.05 -10.87 -15.36
CA ILE B 86 19.61 -10.93 -16.70
C ILE B 86 18.87 -12.01 -17.48
N ARG B 87 18.45 -11.69 -18.70
CA ARG B 87 17.66 -12.63 -19.50
C ARG B 87 18.32 -12.86 -20.87
N LYS B 88 17.79 -13.86 -21.58
CA LYS B 88 18.19 -14.17 -22.95
C LYS B 88 19.70 -14.44 -23.08
N LEU B 89 20.25 -15.18 -22.13
CA LEU B 89 21.64 -15.59 -22.21
C LEU B 89 21.76 -16.81 -23.13
N LYS B 90 22.98 -17.02 -23.64
CA LYS B 90 23.27 -18.20 -24.43
C LYS B 90 23.65 -19.37 -23.52
N TYR B 91 23.26 -20.58 -23.91
CA TYR B 91 23.55 -21.76 -23.11
C TYR B 91 25.04 -22.08 -23.13
N ASN B 92 25.49 -22.77 -22.08
CA ASN B 92 26.87 -23.26 -21.97
C ASN B 92 27.92 -22.17 -22.23
N THR B 93 27.62 -20.92 -21.84
CA THR B 93 28.47 -19.78 -22.11
C THR B 93 28.94 -19.14 -20.81
N LYS B 94 30.25 -18.91 -20.69
CA LYS B 94 30.77 -18.21 -19.52
C LYS B 94 30.48 -16.72 -19.65
N TYR B 95 29.84 -16.14 -18.63
CA TYR B 95 29.52 -14.71 -18.60
C TYR B 95 30.22 -14.03 -17.43
N TYR B 96 30.64 -12.79 -17.64
CA TYR B 96 31.08 -11.91 -16.58
C TYR B 96 29.94 -10.95 -16.26
N TYR B 97 29.84 -10.55 -15.00
CA TYR B 97 28.89 -9.50 -14.67
C TYR B 97 29.51 -8.62 -13.59
N GLU B 98 29.10 -7.35 -13.59
CA GLU B 98 29.62 -6.37 -12.64
C GLU B 98 28.45 -5.71 -11.92
N VAL B 99 28.60 -5.53 -10.62
CA VAL B 99 27.63 -4.80 -9.81
C VAL B 99 28.34 -3.66 -9.09
N GLY B 100 27.55 -2.67 -8.68
CA GLY B 100 28.07 -1.45 -8.08
C GLY B 100 28.60 -0.45 -9.08
N LEU B 101 27.85 -0.21 -10.17
CA LEU B 101 28.33 0.63 -11.25
C LEU B 101 28.65 2.04 -10.78
N ARG B 102 27.83 2.60 -9.89
CA ARG B 102 27.98 4.03 -9.57
C ARG B 102 29.25 4.32 -8.79
N ASN B 103 29.72 3.43 -7.92
CA ASN B 103 30.92 3.78 -7.17
C ASN B 103 31.99 2.71 -7.06
N THR B 104 31.84 1.69 -6.22
CA THR B 104 32.82 0.60 -6.16
C THR B 104 32.29 -0.62 -6.93
N THR B 105 32.88 -0.89 -8.10
CA THR B 105 32.43 -2.00 -8.92
C THR B 105 33.13 -3.29 -8.50
N ARG B 106 32.40 -4.40 -8.58
CA ARG B 106 32.94 -5.73 -8.34
C ARG B 106 32.53 -6.63 -9.49
N ARG B 107 33.46 -7.46 -9.95
CA ARG B 107 33.24 -8.33 -11.10
C ARG B 107 33.20 -9.79 -10.68
N PHE B 108 32.27 -10.53 -11.26
CA PHE B 108 32.18 -11.96 -11.01
C PHE B 108 31.89 -12.66 -12.32
N SER B 109 31.69 -13.98 -12.26
CA SER B 109 31.41 -14.74 -13.45
C SER B 109 30.51 -15.93 -13.11
N PHE B 110 29.80 -16.43 -14.12
CA PHE B 110 29.05 -17.68 -14.02
C PHE B 110 28.99 -18.31 -15.40
N ILE B 111 28.63 -19.60 -15.45
CA ILE B 111 28.52 -20.40 -16.68
C ILE B 111 27.08 -20.87 -16.82
N THR B 112 26.36 -20.39 -17.84
CA THR B 112 24.99 -20.83 -18.06
C THR B 112 24.94 -22.33 -18.34
N PRO B 113 23.86 -23.00 -17.95
CA PRO B 113 23.79 -24.46 -18.13
C PRO B 113 23.66 -24.83 -19.60
N PRO B 114 23.96 -26.07 -19.99
CA PRO B 114 23.63 -26.49 -21.35
C PRO B 114 22.13 -26.46 -21.54
N GLN B 115 21.72 -26.46 -22.81
CA GLN B 115 20.30 -26.53 -23.12
C GLN B 115 19.72 -27.84 -22.60
N THR B 116 18.46 -27.79 -22.17
CA THR B 116 17.82 -28.99 -21.61
C THR B 116 17.74 -30.05 -22.68
N GLY B 117 18.11 -31.27 -22.32
CA GLY B 117 18.11 -32.38 -23.25
C GLY B 117 18.28 -33.68 -22.50
N LEU B 118 18.09 -34.77 -23.24
CA LEU B 118 17.92 -36.09 -22.64
C LEU B 118 19.16 -36.54 -21.87
N ASP B 119 20.35 -36.46 -22.48
CA ASP B 119 21.55 -37.03 -21.88
C ASP B 119 22.51 -35.98 -21.32
N VAL B 120 22.08 -34.72 -21.15
CA VAL B 120 22.96 -33.64 -20.72
C VAL B 120 23.52 -33.92 -19.32
N PRO B 121 24.84 -34.06 -19.17
CA PRO B 121 25.39 -34.30 -17.83
C PRO B 121 25.45 -33.02 -17.01
N TYR B 122 25.32 -33.17 -15.69
CA TYR B 122 25.33 -32.02 -14.81
C TYR B 122 25.54 -32.49 -13.38
N THR B 123 26.33 -31.73 -12.63
CA THR B 123 26.74 -32.07 -11.27
C THR B 123 26.13 -31.08 -10.29
N PHE B 124 25.16 -31.55 -9.48
CA PHE B 124 24.47 -30.73 -8.49
C PHE B 124 25.07 -30.96 -7.12
N GLY B 125 25.37 -29.87 -6.41
CA GLY B 125 25.66 -29.98 -5.00
C GLY B 125 24.38 -30.09 -4.19
N LEU B 126 24.45 -30.80 -3.07
CA LEU B 126 23.37 -30.86 -2.09
C LEU B 126 23.89 -30.38 -0.76
N ILE B 127 23.29 -29.32 -0.25
CA ILE B 127 23.68 -28.71 1.01
C ILE B 127 22.41 -28.34 1.74
N GLY B 128 22.37 -28.62 3.03
CA GLY B 128 21.22 -28.27 3.84
C GLY B 128 21.66 -27.86 5.22
N ASP B 129 20.92 -26.90 5.78
CA ASP B 129 21.10 -26.50 7.16
C ASP B 129 22.53 -25.98 7.41
N LEU B 130 22.97 -25.08 6.53
CA LEU B 130 24.37 -24.67 6.53
C LEU B 130 24.74 -23.92 7.80
N GLY B 131 24.02 -22.84 8.12
CA GLY B 131 24.37 -21.98 9.24
C GLY B 131 25.72 -21.31 8.99
N GLN B 132 26.31 -20.80 10.08
CA GLN B 132 27.58 -20.09 9.97
C GLN B 132 28.52 -20.44 11.12
N SER B 133 28.59 -21.73 11.44
CA SER B 133 29.56 -22.27 12.38
C SER B 133 30.82 -22.69 11.62
N PHE B 134 31.90 -22.97 12.37
CA PHE B 134 33.12 -23.47 11.73
C PHE B 134 32.85 -24.74 10.94
N ASP B 135 31.98 -25.62 11.47
CA ASP B 135 31.49 -26.75 10.68
C ASP B 135 30.90 -26.29 9.35
N SER B 136 30.13 -25.20 9.34
CA SER B 136 29.58 -24.70 8.09
C SER B 136 30.70 -24.36 7.11
N ASN B 137 31.74 -23.65 7.56
CA ASN B 137 32.82 -23.26 6.67
C ASN B 137 33.56 -24.47 6.08
N THR B 138 33.78 -25.49 6.92
CA THR B 138 34.45 -26.69 6.44
C THR B 138 33.68 -27.35 5.31
N THR B 139 32.36 -27.50 5.47
CA THR B 139 31.54 -28.13 4.44
C THR B 139 31.63 -27.37 3.12
N LEU B 140 31.44 -26.05 3.18
CA LEU B 140 31.57 -25.22 2.00
C LEU B 140 32.94 -25.40 1.35
N SER B 141 34.00 -25.47 2.15
N SER B 141 34.00 -25.47 2.15
CA SER B 141 35.33 -25.73 1.62
CA SER B 141 35.32 -25.74 1.62
C SER B 141 35.38 -27.10 0.95
C SER B 141 35.38 -27.10 0.95
N HIS B 142 34.78 -28.11 1.57
CA HIS B 142 34.75 -29.44 0.94
C HIS B 142 33.97 -29.42 -0.36
N TYR B 143 32.89 -28.64 -0.41
CA TYR B 143 32.10 -28.59 -1.64
C TYR B 143 32.86 -27.88 -2.75
N GLU B 144 33.50 -26.74 -2.44
CA GLU B 144 34.15 -25.99 -3.51
C GLU B 144 35.43 -26.66 -3.98
N LEU B 145 36.05 -27.52 -3.16
CA LEU B 145 37.24 -28.24 -3.57
C LEU B 145 36.93 -29.63 -4.11
N SER B 146 35.67 -29.96 -4.34
CA SER B 146 35.33 -31.32 -4.71
C SER B 146 35.92 -31.66 -6.07
N PRO B 147 36.41 -32.89 -6.27
CA PRO B 147 36.87 -33.29 -7.61
C PRO B 147 35.74 -33.36 -8.60
N LYS B 148 34.49 -33.51 -8.16
CA LYS B 148 33.40 -33.65 -9.11
C LYS B 148 32.96 -32.32 -9.68
N LYS B 149 33.34 -31.19 -9.06
CA LYS B 149 33.09 -29.84 -9.58
C LYS B 149 31.57 -29.59 -9.65
N GLY B 150 30.97 -29.24 -8.52
CA GLY B 150 29.58 -28.87 -8.53
C GLY B 150 29.36 -27.60 -9.35
N GLN B 151 28.28 -27.61 -10.14
CA GLN B 151 27.91 -26.49 -11.00
C GLN B 151 26.67 -25.74 -10.51
N THR B 152 25.89 -26.32 -9.61
CA THR B 152 24.70 -25.72 -9.04
C THR B 152 24.46 -26.38 -7.68
N VAL B 153 24.07 -25.58 -6.69
CA VAL B 153 23.75 -26.08 -5.35
C VAL B 153 22.24 -26.14 -5.22
N LEU B 154 21.73 -27.32 -4.90
CA LEU B 154 20.34 -27.47 -4.47
C LEU B 154 20.34 -27.34 -2.95
N PHE B 155 19.77 -26.25 -2.43
CA PHE B 155 19.87 -25.91 -1.01
C PHE B 155 18.52 -26.19 -0.34
N VAL B 156 18.48 -27.13 0.61
CA VAL B 156 17.22 -27.68 1.10
C VAL B 156 16.76 -27.03 2.42
N GLY B 157 17.24 -25.83 2.74
CA GLY B 157 16.60 -25.02 3.77
C GLY B 157 17.45 -24.87 5.03
N ASP B 158 17.03 -23.89 5.84
CA ASP B 158 17.77 -23.38 7.00
C ASP B 158 19.10 -22.78 6.56
N LEU B 159 19.08 -21.47 6.28
CA LEU B 159 20.21 -20.75 5.70
C LEU B 159 21.15 -20.18 6.76
N SER B 160 20.78 -19.06 7.38
CA SER B 160 21.67 -18.31 8.26
C SER B 160 21.59 -18.70 9.74
N TYR B 161 20.44 -19.20 10.19
CA TYR B 161 20.13 -19.37 11.63
C TYR B 161 20.24 -18.05 12.40
N ALA B 162 19.99 -16.92 11.71
CA ALA B 162 19.93 -15.63 12.41
C ALA B 162 18.85 -15.62 13.48
N ASP B 163 17.77 -16.42 13.32
CA ASP B 163 16.67 -16.36 14.28
C ASP B 163 17.01 -16.98 15.63
N ARG B 164 18.19 -17.60 15.79
CA ARG B 164 18.64 -18.05 17.10
C ARG B 164 19.25 -16.93 17.93
N TYR B 165 19.62 -15.82 17.30
CA TYR B 165 20.17 -14.67 18.01
C TYR B 165 19.06 -13.82 18.60
N PRO B 166 19.38 -12.95 19.57
CA PRO B 166 18.33 -12.12 20.19
C PRO B 166 17.65 -11.24 19.14
N ASN B 167 16.33 -11.18 19.20
CA ASN B 167 15.52 -10.44 18.23
C ASN B 167 15.79 -10.91 16.80
N HIS B 168 16.26 -12.14 16.65
CA HIS B 168 16.69 -12.70 15.35
C HIS B 168 17.80 -11.87 14.71
N ASP B 169 18.61 -11.17 15.53
CA ASP B 169 19.60 -10.19 15.09
C ASP B 169 19.98 -10.36 13.62
N ASN B 170 19.32 -9.61 12.73
CA ASN B 170 19.45 -9.82 11.29
C ASN B 170 20.84 -9.49 10.75
N VAL B 171 21.71 -8.84 11.54
CA VAL B 171 23.13 -8.75 11.19
C VAL B 171 23.67 -10.12 10.81
N ARG B 172 23.14 -11.19 11.43
CA ARG B 172 23.58 -12.54 11.12
C ARG B 172 23.01 -13.07 9.81
N TRP B 173 22.05 -12.36 9.22
CA TRP B 173 21.76 -12.57 7.80
C TRP B 173 22.84 -11.97 6.92
N ASP B 174 23.29 -10.75 7.25
CA ASP B 174 24.32 -10.09 6.48
C ASP B 174 25.61 -10.88 6.50
N THR B 175 26.01 -11.37 7.68
CA THR B 175 27.25 -12.13 7.77
C THR B 175 27.19 -13.38 6.90
N TRP B 176 26.04 -14.06 6.90
CA TRP B 176 25.88 -15.29 6.11
C TRP B 176 25.97 -15.01 4.62
N GLY B 177 25.42 -13.86 4.18
CA GLY B 177 25.54 -13.49 2.77
C GLY B 177 26.98 -13.24 2.35
N ARG B 178 27.80 -12.69 3.25
CA ARG B 178 29.20 -12.45 2.92
C ARG B 178 30.00 -13.75 2.95
N PHE B 179 29.72 -14.61 3.94
CA PHE B 179 30.30 -15.95 4.00
C PHE B 179 30.03 -16.74 2.72
N THR B 180 28.75 -16.99 2.41
CA THR B 180 28.41 -17.85 1.28
C THR B 180 28.77 -17.26 -0.07
N GLU B 181 29.09 -15.97 -0.14
CA GLU B 181 29.30 -15.31 -1.43
C GLU B 181 30.36 -16.02 -2.28
N ARG B 182 31.41 -16.55 -1.64
CA ARG B 182 32.52 -17.11 -2.41
C ARG B 182 32.09 -18.29 -3.28
N SER B 183 30.91 -18.86 -3.05
CA SER B 183 30.32 -19.86 -3.94
C SER B 183 29.16 -19.31 -4.76
N VAL B 184 28.16 -18.70 -4.11
CA VAL B 184 26.90 -18.38 -4.78
C VAL B 184 26.97 -17.12 -5.65
N ALA B 185 28.04 -16.33 -5.55
CA ALA B 185 28.24 -15.30 -6.57
C ALA B 185 28.67 -15.89 -7.92
N TYR B 186 29.21 -17.12 -7.93
CA TYR B 186 29.74 -17.72 -9.16
C TYR B 186 28.89 -18.85 -9.72
N GLN B 187 28.00 -19.45 -8.93
CA GLN B 187 27.14 -20.51 -9.43
C GLN B 187 25.81 -20.44 -8.70
N PRO B 188 24.71 -20.79 -9.36
CA PRO B 188 23.41 -20.64 -8.72
C PRO B 188 23.29 -21.59 -7.52
N TRP B 189 22.58 -21.10 -6.51
CA TRP B 189 22.02 -21.91 -5.44
C TRP B 189 20.50 -21.87 -5.57
N ILE B 190 19.86 -23.04 -5.49
CA ILE B 190 18.41 -23.18 -5.64
C ILE B 190 17.79 -23.29 -4.26
N TRP B 191 17.03 -22.27 -3.86
CA TRP B 191 16.65 -22.07 -2.47
C TRP B 191 15.33 -22.75 -2.10
N THR B 192 15.36 -23.50 -1.00
CA THR B 192 14.19 -24.04 -0.33
C THR B 192 14.04 -23.41 1.06
N ALA B 193 12.82 -23.06 1.44
CA ALA B 193 12.58 -22.44 2.75
C ALA B 193 12.47 -23.49 3.85
N GLY B 194 13.29 -23.32 4.90
CA GLY B 194 13.21 -24.14 6.09
C GLY B 194 12.51 -23.41 7.23
N ASN B 195 12.44 -24.10 8.38
CA ASN B 195 11.74 -23.50 9.53
C ASN B 195 12.49 -22.30 10.11
N HIS B 196 13.81 -22.23 9.99
CA HIS B 196 14.54 -21.04 10.43
C HIS B 196 14.30 -19.82 9.54
N GLU B 197 13.68 -20.00 8.37
CA GLU B 197 13.26 -18.89 7.53
C GLU B 197 11.86 -18.36 7.87
N ILE B 198 11.05 -19.11 8.63
CA ILE B 198 9.70 -18.65 9.00
C ILE B 198 9.79 -17.32 9.76
N GLU B 199 10.57 -17.30 10.85
CA GLU B 199 10.81 -16.11 11.65
C GLU B 199 9.49 -15.43 12.07
N PHE B 200 8.57 -16.26 12.53
CA PHE B 200 7.31 -15.80 13.11
C PHE B 200 7.56 -15.45 14.57
N ALA B 201 7.44 -14.18 14.91
CA ALA B 201 7.84 -13.66 16.22
C ALA B 201 6.84 -12.62 16.70
N PRO B 202 5.64 -13.05 17.10
CA PRO B 202 4.63 -12.10 17.60
C PRO B 202 5.08 -11.28 18.80
N GLU B 203 5.96 -11.82 19.64
CA GLU B 203 6.39 -11.10 20.84
C GLU B 203 7.18 -9.83 20.53
N ILE B 204 7.72 -9.69 19.32
CA ILE B 204 8.36 -8.44 18.91
C ILE B 204 7.66 -7.87 17.67
N ASN B 205 6.38 -8.20 17.51
CA ASN B 205 5.53 -7.64 16.44
C ASN B 205 6.11 -7.91 15.04
N GLU B 206 6.69 -9.10 14.84
CA GLU B 206 7.06 -9.59 13.51
C GLU B 206 6.25 -10.85 13.25
N THR B 207 5.12 -10.69 12.55
CA THR B 207 4.18 -11.77 12.31
C THR B 207 4.10 -12.17 10.84
N GLU B 208 4.95 -11.62 9.98
CA GLU B 208 4.85 -11.95 8.56
C GLU B 208 5.81 -13.09 8.20
N PRO B 209 5.33 -14.32 8.04
CA PRO B 209 6.25 -15.46 7.88
C PRO B 209 7.16 -15.33 6.67
N PHE B 210 8.47 -15.58 6.88
CA PHE B 210 9.54 -15.61 5.86
C PHE B 210 10.01 -14.24 5.41
N LYS B 211 9.72 -13.18 6.14
CA LYS B 211 10.00 -11.84 5.65
C LYS B 211 11.49 -11.60 5.37
N PRO B 212 12.42 -11.80 6.32
CA PRO B 212 13.84 -11.54 5.97
C PRO B 212 14.31 -12.36 4.79
N PHE B 213 14.12 -13.68 4.86
CA PHE B 213 14.47 -14.58 3.77
C PHE B 213 13.86 -14.12 2.44
N SER B 214 12.55 -13.85 2.42
CA SER B 214 11.91 -13.56 1.14
C SER B 214 12.35 -12.22 0.56
N TYR B 215 12.82 -11.30 1.41
CA TYR B 215 13.43 -10.06 0.92
C TYR B 215 14.83 -10.28 0.35
N ARG B 216 15.60 -11.19 0.95
CA ARG B 216 17.00 -11.34 0.59
C ARG B 216 17.22 -12.33 -0.54
N TYR B 217 16.36 -13.34 -0.65
CA TYR B 217 16.55 -14.41 -1.63
C TYR B 217 15.30 -14.51 -2.50
N HIS B 218 15.45 -14.14 -3.77
CA HIS B 218 14.37 -14.24 -4.74
C HIS B 218 14.52 -15.50 -5.58
N VAL B 219 13.39 -15.98 -6.09
CA VAL B 219 13.35 -17.20 -6.92
C VAL B 219 12.42 -16.95 -8.10
N PRO B 220 12.63 -17.66 -9.20
CA PRO B 220 11.82 -17.41 -10.39
C PRO B 220 10.47 -18.12 -10.37
N TYR B 221 9.61 -17.75 -9.39
CA TYR B 221 8.42 -18.57 -9.14
C TYR B 221 7.36 -18.39 -10.23
N GLU B 222 7.18 -17.17 -10.72
CA GLU B 222 6.19 -16.94 -11.77
C GLU B 222 6.48 -17.69 -13.06
N ALA B 223 7.75 -18.06 -13.29
CA ALA B 223 8.07 -18.77 -14.53
C ALA B 223 7.41 -20.12 -14.59
N SER B 224 7.00 -20.70 -13.45
CA SER B 224 6.22 -21.93 -13.46
C SER B 224 4.78 -21.71 -13.03
N GLN B 225 4.27 -20.48 -13.20
CA GLN B 225 2.89 -20.13 -12.85
C GLN B 225 2.56 -20.43 -11.40
N SER B 226 3.56 -20.42 -10.53
CA SER B 226 3.30 -20.45 -9.10
C SER B 226 2.91 -19.05 -8.65
N THR B 227 2.07 -18.97 -7.64
CA THR B 227 1.70 -17.67 -7.07
C THR B 227 2.53 -17.29 -5.84
N SER B 228 3.53 -18.09 -5.46
CA SER B 228 4.30 -17.80 -4.24
C SER B 228 5.77 -18.15 -4.39
N PRO B 229 6.67 -17.36 -3.78
CA PRO B 229 8.11 -17.70 -3.83
C PRO B 229 8.46 -19.02 -3.16
N PHE B 230 7.57 -19.55 -2.31
CA PHE B 230 7.94 -20.69 -1.48
C PHE B 230 7.73 -22.04 -2.16
N TRP B 231 7.01 -22.09 -3.28
CA TRP B 231 7.04 -23.28 -4.14
C TRP B 231 7.14 -22.83 -5.59
N TYR B 232 7.87 -23.60 -6.40
CA TYR B 232 8.19 -23.26 -7.78
C TYR B 232 8.99 -24.41 -8.38
N SER B 233 9.26 -24.31 -9.68
CA SER B 233 9.91 -25.35 -10.45
C SER B 233 10.93 -24.73 -11.40
N ILE B 234 12.01 -25.47 -11.67
CA ILE B 234 12.98 -25.07 -12.69
C ILE B 234 13.43 -26.31 -13.43
N LYS B 235 13.81 -26.15 -14.69
CA LYS B 235 14.53 -27.16 -15.42
C LYS B 235 15.96 -26.67 -15.64
N ARG B 236 16.93 -27.58 -15.53
CA ARG B 236 18.33 -27.24 -15.70
C ARG B 236 19.01 -28.49 -16.19
N ALA B 237 19.56 -28.44 -17.40
CA ALA B 237 20.21 -29.58 -18.05
C ALA B 237 19.16 -30.67 -18.16
N SER B 238 19.40 -31.90 -17.70
CA SER B 238 18.41 -32.96 -17.85
C SER B 238 17.52 -33.13 -16.61
N ALA B 239 17.47 -32.15 -15.72
CA ALA B 239 16.68 -32.28 -14.49
C ALA B 239 15.44 -31.38 -14.51
N HIS B 240 14.35 -31.92 -13.99
CA HIS B 240 13.15 -31.14 -13.64
C HIS B 240 13.12 -31.10 -12.12
N ILE B 241 13.28 -29.90 -11.54
CA ILE B 241 13.42 -29.71 -10.10
C ILE B 241 12.18 -29.02 -9.55
N ILE B 242 11.56 -29.64 -8.55
CA ILE B 242 10.35 -29.13 -7.92
C ILE B 242 10.68 -28.79 -6.47
N VAL B 243 10.37 -27.56 -6.07
CA VAL B 243 10.74 -27.04 -4.75
C VAL B 243 9.44 -26.78 -3.98
N LEU B 244 9.32 -27.40 -2.81
CA LEU B 244 8.11 -27.32 -2.00
C LEU B 244 8.39 -26.64 -0.67
N SER B 245 7.31 -26.21 -0.03
CA SER B 245 7.36 -25.47 1.22
C SER B 245 6.70 -26.26 2.35
N SER B 246 7.54 -26.88 3.21
CA SER B 246 7.04 -27.64 4.34
C SER B 246 6.23 -26.79 5.29
N TYR B 247 6.52 -25.48 5.38
CA TYR B 247 5.87 -24.61 6.36
C TYR B 247 4.87 -23.66 5.71
N SER B 248 4.38 -24.01 4.52
CA SER B 248 3.21 -23.41 3.92
C SER B 248 2.05 -24.39 3.94
N ALA B 249 0.86 -23.90 3.60
CA ALA B 249 -0.32 -24.76 3.46
C ALA B 249 -0.16 -25.74 2.29
N TYR B 250 -0.65 -26.98 2.50
CA TYR B 250 -0.74 -27.95 1.42
C TYR B 250 -1.95 -28.86 1.56
N GLY B 251 -3.02 -28.39 2.20
CA GLY B 251 -4.27 -29.12 2.17
C GLY B 251 -4.84 -29.15 0.77
N ARG B 252 -5.84 -30.00 0.57
CA ARG B 252 -6.49 -30.08 -0.72
C ARG B 252 -7.12 -28.73 -1.07
N GLY B 253 -6.87 -28.25 -2.29
CA GLY B 253 -7.42 -26.98 -2.74
C GLY B 253 -6.62 -25.74 -2.38
N THR B 254 -5.60 -25.85 -1.52
CA THR B 254 -4.72 -24.71 -1.26
C THR B 254 -3.87 -24.38 -2.50
N PRO B 255 -3.29 -23.18 -2.56
CA PRO B 255 -2.43 -22.85 -3.70
C PRO B 255 -1.30 -23.84 -3.96
N GLN B 256 -0.50 -24.20 -2.95
CA GLN B 256 0.65 -25.06 -3.20
C GLN B 256 0.22 -26.45 -3.63
N TYR B 257 -0.86 -26.96 -3.04
CA TYR B 257 -1.39 -28.27 -3.44
C TYR B 257 -1.84 -28.24 -4.90
N THR B 258 -2.55 -27.17 -5.28
CA THR B 258 -3.06 -27.04 -6.64
C THR B 258 -1.92 -26.91 -7.64
N TRP B 259 -0.95 -26.07 -7.31
CA TRP B 259 0.18 -25.89 -8.22
C TRP B 259 0.94 -27.18 -8.40
N LEU B 260 1.17 -27.92 -7.30
CA LEU B 260 1.98 -29.12 -7.38
C LEU B 260 1.31 -30.17 -8.24
N LYS B 261 0.00 -30.36 -8.06
CA LYS B 261 -0.75 -31.33 -8.85
C LYS B 261 -0.66 -31.03 -10.34
N LYS B 262 -0.84 -29.76 -10.73
CA LYS B 262 -0.73 -29.41 -12.15
C LYS B 262 0.71 -29.37 -12.61
N GLU B 263 1.67 -29.19 -11.71
CA GLU B 263 3.08 -29.19 -12.13
C GLU B 263 3.55 -30.59 -12.47
N LEU B 264 3.17 -31.59 -11.66
CA LEU B 264 3.53 -32.97 -11.98
C LEU B 264 3.03 -33.41 -13.35
N ARG B 265 1.81 -32.99 -13.73
CA ARG B 265 1.30 -33.33 -15.07
C ARG B 265 2.18 -32.78 -16.19
N LYS B 266 2.84 -31.64 -15.96
CA LYS B 266 3.65 -30.99 -16.99
C LYS B 266 5.05 -31.57 -17.13
N VAL B 267 5.47 -32.44 -16.22
CA VAL B 267 6.79 -33.06 -16.34
C VAL B 267 6.79 -33.96 -17.57
N LYS B 268 7.77 -33.77 -18.45
CA LYS B 268 7.96 -34.64 -19.60
C LYS B 268 9.30 -35.35 -19.39
N ARG B 269 9.24 -36.62 -18.97
CA ARG B 269 10.45 -37.40 -18.77
C ARG B 269 11.15 -37.72 -20.10
N SER B 270 10.44 -37.61 -21.22
CA SER B 270 11.07 -37.72 -22.53
C SER B 270 11.95 -36.52 -22.87
N GLU B 271 11.88 -35.45 -22.10
CA GLU B 271 12.68 -34.23 -22.28
C GLU B 271 13.64 -33.97 -21.13
N THR B 272 13.15 -33.99 -19.89
CA THR B 272 14.01 -33.93 -18.72
C THR B 272 13.87 -35.25 -17.99
N PRO B 273 14.85 -36.16 -18.09
CA PRO B 273 14.65 -37.50 -17.50
C PRO B 273 14.59 -37.50 -16.00
N TRP B 274 15.36 -36.63 -15.34
CA TRP B 274 15.58 -36.72 -13.90
C TRP B 274 14.62 -35.79 -13.18
N LEU B 275 13.82 -36.37 -12.27
CA LEU B 275 12.78 -35.66 -11.54
C LEU B 275 13.23 -35.57 -10.08
N ILE B 276 13.50 -34.34 -9.61
CA ILE B 276 14.06 -34.08 -8.30
C ILE B 276 13.09 -33.20 -7.52
N VAL B 277 12.77 -33.62 -6.30
CA VAL B 277 11.94 -32.84 -5.38
C VAL B 277 12.81 -32.37 -4.23
N LEU B 278 12.71 -31.09 -3.88
CA LEU B 278 13.36 -30.49 -2.72
C LEU B 278 12.29 -30.05 -1.72
N MET B 279 12.54 -30.34 -0.44
CA MET B 279 11.66 -29.88 0.62
C MET B 279 12.52 -29.78 1.87
N HIS B 280 12.00 -29.13 2.91
CA HIS B 280 12.85 -29.07 4.10
C HIS B 280 12.64 -30.27 5.05
N SER B 281 11.39 -30.60 5.40
CA SER B 281 11.13 -31.66 6.37
C SER B 281 11.06 -33.02 5.68
N PRO B 282 11.89 -34.00 6.07
CA PRO B 282 11.95 -35.27 5.33
C PRO B 282 10.73 -36.14 5.59
N LEU B 283 10.19 -36.70 4.50
CA LEU B 283 9.10 -37.64 4.65
C LEU B 283 9.57 -38.93 5.33
N TYR B 284 10.83 -39.28 5.13
CA TYR B 284 11.37 -40.51 5.69
C TYR B 284 12.59 -40.13 6.51
N ASN B 285 12.56 -40.51 7.78
CA ASN B 285 13.54 -40.00 8.76
C ASN B 285 13.53 -40.93 9.96
N SER B 286 14.58 -41.73 10.13
CA SER B 286 14.67 -42.64 11.25
C SER B 286 15.46 -42.07 12.43
N TYR B 287 15.81 -40.78 12.38
CA TYR B 287 16.41 -40.08 13.51
C TYR B 287 15.33 -39.61 14.46
N ASN B 288 15.69 -39.49 15.74
CA ASN B 288 14.70 -39.10 16.73
C ASN B 288 14.39 -37.60 16.69
N HIS B 289 15.42 -36.76 16.55
CA HIS B 289 15.19 -35.35 16.31
C HIS B 289 14.27 -35.15 15.11
N HIS B 290 13.13 -34.45 15.33
CA HIS B 290 12.11 -34.18 14.32
C HIS B 290 11.49 -35.46 13.76
N PHE B 291 11.55 -36.56 14.51
CA PHE B 291 10.93 -37.81 14.08
C PHE B 291 9.45 -37.62 13.76
N MET B 292 9.06 -38.07 12.57
CA MET B 292 7.68 -38.08 12.06
C MET B 292 7.11 -36.70 11.80
N GLU B 293 7.93 -35.64 11.76
CA GLU B 293 7.36 -34.34 11.45
C GLU B 293 6.94 -34.26 10.00
N GLY B 294 7.59 -35.03 9.13
CA GLY B 294 7.24 -35.09 7.73
C GLY B 294 5.98 -35.87 7.41
N GLU B 295 5.31 -36.41 8.42
CA GLU B 295 4.16 -37.29 8.17
C GLU B 295 3.00 -36.55 7.49
N ALA B 296 2.74 -35.30 7.90
CA ALA B 296 1.59 -34.57 7.35
C ALA B 296 1.73 -34.35 5.85
N MET B 297 2.91 -33.90 5.40
CA MET B 297 3.11 -33.76 3.97
C MET B 297 3.13 -35.11 3.26
N ARG B 298 3.60 -36.15 3.96
CA ARG B 298 3.63 -37.48 3.36
C ARG B 298 2.23 -37.94 2.99
N THR B 299 1.24 -37.72 3.88
CA THR B 299 -0.12 -38.15 3.58
C THR B 299 -0.67 -37.46 2.33
N LYS B 300 -0.26 -36.21 2.07
CA LYS B 300 -0.81 -35.51 0.91
C LYS B 300 -0.11 -35.90 -0.38
N PHE B 301 1.22 -36.05 -0.36
CA PHE B 301 2.02 -36.04 -1.58
C PHE B 301 2.74 -37.36 -1.87
N GLU B 302 2.87 -38.27 -0.90
CA GLU B 302 3.68 -39.45 -1.14
C GLU B 302 3.16 -40.28 -2.31
N ALA B 303 1.85 -40.48 -2.39
CA ALA B 303 1.29 -41.22 -3.51
C ALA B 303 1.55 -40.51 -4.83
N TRP B 304 1.57 -39.17 -4.83
CA TRP B 304 1.84 -38.43 -6.06
C TRP B 304 3.27 -38.66 -6.53
N PHE B 305 4.21 -38.75 -5.58
CA PHE B 305 5.60 -39.01 -5.93
C PHE B 305 5.77 -40.40 -6.52
N VAL B 306 5.01 -41.38 -6.02
CA VAL B 306 5.09 -42.73 -6.55
C VAL B 306 4.44 -42.78 -7.95
N LYS B 307 3.26 -42.18 -8.10
CA LYS B 307 2.57 -42.19 -9.40
C LYS B 307 3.42 -41.57 -10.51
N TYR B 308 4.18 -40.51 -10.20
CA TYR B 308 4.98 -39.85 -11.21
C TYR B 308 6.42 -40.34 -11.24
N LYS B 309 6.75 -41.34 -10.44
CA LYS B 309 8.08 -41.93 -10.43
C LYS B 309 9.15 -40.85 -10.29
N VAL B 310 9.05 -40.09 -9.20
CA VAL B 310 10.12 -39.17 -8.83
C VAL B 310 11.39 -39.96 -8.56
N ASP B 311 12.52 -39.49 -9.10
CA ASP B 311 13.78 -40.18 -8.91
C ASP B 311 14.28 -40.07 -7.48
N VAL B 312 14.23 -38.87 -6.91
CA VAL B 312 14.86 -38.63 -5.61
C VAL B 312 14.18 -37.43 -4.97
N VAL B 313 14.00 -37.49 -3.65
CA VAL B 313 13.52 -36.39 -2.83
C VAL B 313 14.62 -36.05 -1.84
N PHE B 314 15.07 -34.79 -1.86
CA PHE B 314 16.09 -34.34 -0.92
C PHE B 314 15.44 -33.46 0.12
N ALA B 315 15.87 -33.62 1.38
CA ALA B 315 15.38 -32.79 2.47
C ALA B 315 16.51 -32.47 3.43
N GLY B 316 16.24 -31.56 4.36
CA GLY B 316 17.23 -31.21 5.36
C GLY B 316 16.70 -31.44 6.76
N HIS B 317 16.77 -30.42 7.61
CA HIS B 317 16.04 -30.33 8.87
C HIS B 317 16.63 -31.22 9.96
N VAL B 318 16.82 -32.49 9.66
CA VAL B 318 17.59 -33.37 10.54
C VAL B 318 19.07 -33.13 10.27
N HIS B 319 19.84 -32.91 11.33
CA HIS B 319 21.25 -32.52 11.20
C HIS B 319 22.14 -33.76 11.17
N ALA B 320 22.03 -34.48 10.06
CA ALA B 320 22.67 -35.78 9.86
C ALA B 320 22.41 -36.20 8.42
N TYR B 321 22.81 -37.40 8.06
CA TYR B 321 22.64 -37.90 6.69
C TYR B 321 21.86 -39.20 6.71
N GLU B 322 20.98 -39.38 5.72
CA GLU B 322 20.22 -40.62 5.63
C GLU B 322 19.84 -40.86 4.18
N ARG B 323 19.94 -42.13 3.75
CA ARG B 323 19.51 -42.57 2.44
C ARG B 323 18.53 -43.72 2.63
N SER B 324 17.33 -43.59 2.07
CA SER B 324 16.34 -44.64 2.25
C SER B 324 16.44 -45.68 1.12
N GLU B 325 15.81 -46.83 1.35
CA GLU B 325 15.45 -47.72 0.27
C GLU B 325 14.33 -47.07 -0.55
N ARG B 326 14.10 -47.61 -1.74
CA ARG B 326 12.90 -47.22 -2.49
C ARG B 326 11.69 -47.88 -1.83
N VAL B 327 10.87 -47.09 -1.14
CA VAL B 327 9.73 -47.60 -0.40
C VAL B 327 8.55 -46.65 -0.53
N SER B 328 7.35 -47.19 -0.33
CA SER B 328 6.12 -46.44 -0.24
C SER B 328 5.31 -46.91 0.96
N ASN B 329 4.38 -46.07 1.39
CA ASN B 329 3.49 -46.32 2.53
C ASN B 329 2.14 -45.68 2.21
N ILE B 330 1.55 -46.09 1.08
CA ILE B 330 0.40 -45.40 0.50
C ILE B 330 -0.86 -46.25 0.50
N ALA B 331 -0.86 -47.38 1.22
CA ALA B 331 -1.99 -48.30 1.26
C ALA B 331 -2.83 -48.21 2.52
N TYR B 332 -2.46 -47.36 3.48
CA TYR B 332 -3.17 -47.26 4.75
C TYR B 332 -4.60 -46.75 4.55
N LYS B 333 -5.57 -47.41 5.21
CA LYS B 333 -6.97 -46.99 5.13
C LYS B 333 -7.61 -46.95 6.52
N ILE B 334 -6.85 -46.52 7.52
CA ILE B 334 -7.31 -46.28 8.88
C ILE B 334 -7.49 -47.59 9.63
N THR B 335 -8.31 -48.51 9.09
CA THR B 335 -8.62 -49.74 9.81
C THR B 335 -7.98 -50.99 9.21
N ASN B 336 -7.22 -50.90 8.13
CA ASN B 336 -6.78 -52.10 7.42
C ASN B 336 -5.42 -52.61 7.88
N GLY B 337 -4.74 -51.91 8.78
CA GLY B 337 -3.46 -52.38 9.28
C GLY B 337 -2.28 -52.25 8.33
N LEU B 338 -2.44 -51.60 7.17
CA LEU B 338 -1.37 -51.50 6.17
C LEU B 338 -0.67 -50.16 6.38
N CYS B 339 0.16 -50.12 7.44
CA CYS B 339 0.89 -48.91 7.81
C CYS B 339 2.40 -49.14 7.90
N THR B 340 2.90 -50.20 7.33
CA THR B 340 4.32 -50.45 7.28
C THR B 340 4.83 -50.13 5.88
N PRO B 341 5.93 -49.39 5.73
CA PRO B 341 6.45 -49.13 4.38
C PRO B 341 6.95 -50.44 3.78
N VAL B 342 6.82 -50.56 2.45
CA VAL B 342 7.28 -51.75 1.75
C VAL B 342 8.14 -51.31 0.58
N LYS B 343 8.92 -52.26 0.06
CA LYS B 343 9.73 -51.99 -1.13
C LYS B 343 8.84 -51.67 -2.31
N ASP B 344 9.26 -50.69 -3.12
CA ASP B 344 8.42 -50.21 -4.21
C ASP B 344 9.34 -49.58 -5.27
N GLN B 345 9.57 -50.30 -6.37
CA GLN B 345 10.49 -49.81 -7.39
C GLN B 345 9.96 -48.57 -8.08
N SER B 346 8.69 -48.27 -7.89
CA SER B 346 8.09 -47.06 -8.43
C SER B 346 8.34 -45.84 -7.54
N ALA B 347 8.96 -46.00 -6.38
CA ALA B 347 9.07 -44.93 -5.43
C ALA B 347 10.42 -44.25 -5.53
N PRO B 348 10.49 -42.97 -5.15
CA PRO B 348 11.79 -42.27 -5.07
C PRO B 348 12.68 -42.79 -3.94
N VAL B 349 13.97 -42.46 -4.02
CA VAL B 349 14.87 -42.55 -2.88
C VAL B 349 14.75 -41.26 -2.08
N TYR B 350 14.63 -41.38 -0.76
CA TYR B 350 14.56 -40.25 0.16
C TYR B 350 15.90 -40.05 0.84
N ILE B 351 16.50 -38.86 0.64
CA ILE B 351 17.80 -38.54 1.18
C ILE B 351 17.68 -37.31 2.07
N THR B 352 18.01 -37.48 3.33
CA THR B 352 18.21 -36.39 4.28
C THR B 352 19.67 -35.92 4.20
N ILE B 353 19.86 -34.63 3.96
CA ILE B 353 21.20 -34.08 3.73
C ILE B 353 21.37 -32.81 4.55
N GLY B 354 20.80 -32.80 5.75
CA GLY B 354 20.79 -31.60 6.57
C GLY B 354 21.99 -31.42 7.48
N ASP B 355 23.15 -31.96 7.08
CA ASP B 355 24.30 -32.06 7.96
C ASP B 355 25.44 -31.12 7.57
N ALA B 356 25.14 -29.96 6.96
CA ALA B 356 26.22 -29.07 6.51
C ALA B 356 26.85 -28.26 7.65
N GLY B 357 26.22 -28.15 8.80
CA GLY B 357 26.91 -27.50 9.90
C GLY B 357 26.07 -26.79 10.94
N ASN B 358 24.93 -26.25 10.52
CA ASN B 358 24.05 -25.42 11.34
C ASN B 358 24.89 -24.57 12.29
N TYR B 359 24.60 -24.58 13.60
CA TYR B 359 25.40 -23.87 14.59
C TYR B 359 26.40 -24.78 15.31
N GLY B 360 26.72 -25.94 14.74
CA GLY B 360 27.74 -26.82 15.28
C GLY B 360 27.27 -28.08 15.99
N VAL B 361 26.02 -28.50 15.82
CA VAL B 361 25.44 -29.62 16.57
C VAL B 361 24.92 -30.67 15.59
N ILE B 362 25.33 -31.92 15.81
CA ILE B 362 24.98 -33.06 14.95
C ILE B 362 23.89 -33.86 15.65
N ASP B 363 22.97 -34.41 14.87
CA ASP B 363 21.89 -35.23 15.42
C ASP B 363 22.35 -36.67 15.44
N SER B 364 22.63 -37.20 16.64
CA SER B 364 23.16 -38.55 16.77
C SER B 364 22.18 -39.57 17.32
N ASN B 365 21.09 -39.15 17.97
CA ASN B 365 20.15 -40.12 18.52
C ASN B 365 19.32 -40.69 17.36
N MET B 366 19.49 -41.98 17.08
CA MET B 366 18.71 -42.65 16.02
C MET B 366 17.79 -43.68 16.65
N ILE B 367 16.72 -43.99 15.94
CA ILE B 367 15.84 -45.07 16.36
C ILE B 367 16.46 -46.41 15.97
N GLN B 368 16.51 -47.37 16.96
CA GLN B 368 17.17 -48.66 16.85
C GLN B 368 16.18 -49.82 16.90
N PRO B 369 16.46 -50.91 16.15
CA PRO B 369 17.56 -50.92 15.20
C PRO B 369 17.13 -50.16 13.94
N GLN B 370 18.04 -50.03 12.98
CA GLN B 370 17.74 -49.35 11.72
C GLN B 370 16.55 -50.01 11.03
N PRO B 371 15.51 -49.25 10.68
CA PRO B 371 14.34 -49.86 10.04
C PRO B 371 14.67 -50.37 8.65
N GLU B 372 13.79 -51.24 8.15
CA GLU B 372 14.00 -51.83 6.83
C GLU B 372 14.01 -50.76 5.75
N TYR B 373 13.32 -49.65 5.97
CA TYR B 373 13.16 -48.65 4.92
C TYR B 373 14.38 -47.76 4.75
N SER B 374 15.33 -47.81 5.69
CA SER B 374 16.50 -46.93 5.68
C SER B 374 17.71 -47.71 5.20
N ALA B 375 18.34 -47.23 4.11
CA ALA B 375 19.48 -47.96 3.55
C ALA B 375 20.78 -47.62 4.28
N PHE B 376 21.07 -46.33 4.49
CA PHE B 376 22.32 -45.91 5.13
C PHE B 376 22.05 -44.65 5.93
N ARG B 377 22.71 -44.52 7.08
CA ARG B 377 22.59 -43.30 7.88
C ARG B 377 23.84 -43.14 8.74
N GLU B 378 24.20 -41.89 9.00
CA GLU B 378 25.34 -41.59 9.85
C GLU B 378 25.19 -40.17 10.37
N ALA B 379 25.61 -39.95 11.61
CA ALA B 379 25.52 -38.64 12.25
C ALA B 379 26.86 -37.93 12.11
N SER B 380 27.13 -37.42 10.88
CA SER B 380 28.35 -36.69 10.60
C SER B 380 28.07 -35.49 9.71
N PHE B 381 28.88 -34.45 9.86
CA PHE B 381 28.82 -33.28 8.99
C PHE B 381 29.35 -33.61 7.59
N GLY B 382 28.72 -33.02 6.58
CA GLY B 382 29.16 -33.23 5.20
C GLY B 382 28.20 -32.63 4.21
N HIS B 383 28.28 -33.10 2.97
CA HIS B 383 27.44 -32.60 1.89
C HIS B 383 27.31 -33.70 0.83
N GLY B 384 26.46 -33.44 -0.15
CA GLY B 384 26.16 -34.42 -1.17
C GLY B 384 26.42 -33.94 -2.58
N MET B 385 26.52 -34.88 -3.53
N MET B 385 26.50 -34.88 -3.52
CA MET B 385 26.66 -34.55 -4.94
CA MET B 385 26.66 -34.56 -4.95
C MET B 385 25.77 -35.49 -5.74
C MET B 385 25.77 -35.49 -5.75
N PHE B 386 24.87 -34.92 -6.54
CA PHE B 386 24.01 -35.67 -7.44
C PHE B 386 24.54 -35.46 -8.85
N ASP B 387 25.26 -36.45 -9.37
CA ASP B 387 26.03 -36.30 -10.60
C ASP B 387 25.34 -37.05 -11.74
N ILE B 388 24.61 -36.33 -12.57
CA ILE B 388 23.88 -36.93 -13.70
C ILE B 388 24.84 -37.19 -14.85
N LYS B 389 24.87 -38.43 -15.35
CA LYS B 389 25.73 -38.82 -16.46
C LYS B 389 24.99 -38.81 -17.79
N ASN B 390 23.73 -39.20 -17.80
CA ASN B 390 22.90 -39.35 -18.99
C ASN B 390 21.49 -39.69 -18.51
N ARG B 391 20.64 -40.16 -19.42
CA ARG B 391 19.24 -40.34 -19.08
C ARG B 391 19.00 -41.54 -18.17
N THR B 392 19.98 -42.45 -18.02
CA THR B 392 19.76 -43.65 -17.22
C THR B 392 20.46 -43.64 -15.89
N HIS B 393 21.57 -42.91 -15.77
CA HIS B 393 22.47 -43.03 -14.63
C HIS B 393 22.73 -41.67 -14.01
N ALA B 394 22.59 -41.59 -12.71
CA ALA B 394 23.06 -40.47 -11.90
C ALA B 394 23.81 -41.05 -10.71
N HIS B 395 24.96 -40.47 -10.40
CA HIS B 395 25.76 -40.97 -9.29
C HIS B 395 25.62 -40.03 -8.10
N PHE B 396 25.05 -40.54 -7.01
CA PHE B 396 25.01 -39.81 -5.76
C PHE B 396 26.15 -40.26 -4.86
N SER B 397 26.77 -39.29 -4.18
CA SER B 397 27.84 -39.51 -3.23
C SER B 397 27.71 -38.53 -2.08
N TRP B 398 28.10 -38.98 -0.90
CA TRP B 398 28.06 -38.21 0.34
C TRP B 398 29.48 -38.09 0.86
N ASN B 399 29.95 -36.84 1.08
CA ASN B 399 31.32 -36.57 1.51
C ASN B 399 31.32 -36.01 2.93
N ARG B 400 32.11 -36.62 3.81
CA ARG B 400 32.19 -36.21 5.21
C ARG B 400 33.28 -35.17 5.42
N ASN B 401 33.01 -34.22 6.32
CA ASN B 401 33.99 -33.18 6.63
C ASN B 401 35.26 -33.75 7.24
N GLN B 402 35.16 -34.91 7.90
N GLN B 402 35.17 -34.92 7.90
CA GLN B 402 36.35 -35.52 8.51
CA GLN B 402 36.35 -35.52 8.49
C GLN B 402 37.20 -36.29 7.51
C GLN B 402 37.23 -36.25 7.49
N ASP B 403 36.68 -36.61 6.33
CA ASP B 403 37.46 -37.24 5.28
C ASP B 403 38.15 -36.18 4.42
N GLY B 404 39.01 -36.64 3.51
CA GLY B 404 39.49 -35.77 2.45
C GLY B 404 38.42 -35.48 1.43
N VAL B 405 38.64 -34.42 0.65
CA VAL B 405 37.58 -33.89 -0.20
C VAL B 405 37.20 -34.82 -1.34
N ALA B 406 38.02 -35.83 -1.62
CA ALA B 406 37.73 -36.77 -2.70
C ALA B 406 37.14 -38.09 -2.21
N VAL B 407 37.07 -38.31 -0.90
CA VAL B 407 36.59 -39.57 -0.33
C VAL B 407 35.07 -39.55 -0.24
N GLU B 408 34.43 -40.60 -0.74
CA GLU B 408 32.98 -40.81 -0.63
C GLU B 408 32.73 -41.86 0.44
N ALA B 409 32.18 -41.45 1.59
CA ALA B 409 31.78 -42.42 2.61
C ALA B 409 30.49 -43.16 2.28
N ASP B 410 29.73 -42.67 1.31
CA ASP B 410 28.54 -43.37 0.82
C ASP B 410 28.33 -42.97 -0.63
N SER B 411 27.77 -43.90 -1.40
CA SER B 411 27.77 -43.74 -2.84
C SER B 411 26.74 -44.70 -3.42
N VAL B 412 25.95 -44.22 -4.39
CA VAL B 412 24.96 -45.08 -5.02
C VAL B 412 24.76 -44.60 -6.46
N TRP B 413 24.54 -45.56 -7.37
CA TRP B 413 24.12 -45.27 -8.75
C TRP B 413 22.59 -45.35 -8.83
N PHE B 414 21.97 -44.22 -9.16
CA PHE B 414 20.54 -44.18 -9.41
C PHE B 414 20.24 -44.67 -10.82
N PHE B 415 19.33 -45.63 -10.94
CA PHE B 415 18.75 -45.97 -12.23
C PHE B 415 17.51 -45.11 -12.44
N ASN B 416 17.47 -44.34 -13.52
CA ASN B 416 16.38 -43.43 -13.76
C ASN B 416 15.05 -44.17 -13.81
N ARG B 417 14.12 -43.76 -12.96
CA ARG B 417 12.84 -44.46 -12.85
C ARG B 417 12.07 -44.52 -14.17
N HIS B 418 12.32 -43.60 -15.10
CA HIS B 418 11.60 -43.63 -16.38
C HIS B 418 12.33 -44.45 -17.44
N TRP B 419 13.63 -44.19 -17.63
CA TRP B 419 14.41 -44.80 -18.69
C TRP B 419 15.18 -46.06 -18.26
N TYR B 420 15.35 -46.29 -16.97
CA TYR B 420 16.05 -47.50 -16.59
C TYR B 420 15.35 -48.12 -15.37
N PRO B 421 14.05 -48.42 -15.45
CA PRO B 421 13.30 -48.72 -14.21
C PRO B 421 13.66 -50.06 -13.62
N VAL B 422 14.86 -50.17 -13.09
CA VAL B 422 15.40 -51.44 -12.61
C VAL B 422 15.91 -51.24 -11.20
N ASP B 423 15.74 -52.28 -10.38
CA ASP B 423 16.17 -52.25 -9.00
C ASP B 423 17.62 -51.78 -8.91
N ASP B 424 17.81 -50.70 -8.15
CA ASP B 424 19.12 -50.09 -7.98
C ASP B 424 19.53 -50.07 -6.50
N SER B 425 18.91 -50.91 -5.67
CA SER B 425 19.24 -50.92 -4.26
C SER B 425 20.67 -51.42 -4.03
N THR B 426 21.25 -50.99 -2.91
CA THR B 426 22.61 -51.33 -2.54
C THR B 426 22.59 -52.52 -1.59
N ASN C 2 28.75 25.28 9.95
CA ASN C 2 29.29 26.62 10.19
C ASN C 2 28.28 27.42 11.00
N ARG C 3 28.67 27.75 12.24
CA ARG C 3 27.87 28.43 13.24
C ARG C 3 26.72 27.56 13.78
N ASP C 4 26.36 26.48 13.07
CA ASP C 4 25.53 25.44 13.67
C ASP C 4 26.27 24.83 14.84
N MET C 5 25.54 24.51 15.90
CA MET C 5 26.17 23.98 17.09
C MET C 5 26.70 22.57 16.82
N PRO C 6 27.88 22.24 17.32
CA PRO C 6 28.45 20.90 17.12
C PRO C 6 27.57 19.80 17.71
N LEU C 7 27.70 18.59 17.16
CA LEU C 7 26.88 17.46 17.59
C LEU C 7 27.02 17.16 19.07
N ASP C 8 28.19 17.40 19.66
CA ASP C 8 28.40 17.12 21.08
C ASP C 8 28.00 18.26 22.00
N SER C 9 27.27 19.26 21.50
CA SER C 9 26.82 20.34 22.37
C SER C 9 25.88 19.81 23.45
N ASP C 10 25.77 20.56 24.54
CA ASP C 10 24.95 20.14 25.67
C ASP C 10 23.46 20.09 25.31
N VAL C 11 22.98 21.05 24.51
CA VAL C 11 21.57 21.00 24.09
C VAL C 11 21.24 19.74 23.30
N PHE C 12 22.24 19.06 22.71
CA PHE C 12 21.97 17.87 21.91
C PHE C 12 22.12 16.56 22.69
N ARG C 13 22.36 16.60 24.00
CA ARG C 13 22.66 15.39 24.74
C ARG C 13 21.48 14.41 24.74
N VAL C 14 21.79 13.13 24.63
CA VAL C 14 20.76 12.10 24.49
C VAL C 14 20.26 11.70 25.88
N PRO C 15 18.97 11.78 26.15
CA PRO C 15 18.47 11.39 27.47
C PRO C 15 18.87 9.97 27.82
N PRO C 16 19.44 9.74 29.00
CA PRO C 16 20.00 8.43 29.33
C PRO C 16 18.95 7.39 29.70
N GLY C 17 19.40 6.13 29.67
CA GLY C 17 18.60 4.96 29.96
C GLY C 17 18.15 4.26 28.70
N TYR C 18 17.99 2.94 28.79
CA TYR C 18 17.61 2.15 27.62
C TYR C 18 16.28 2.65 27.06
N ASN C 19 16.31 3.03 25.78
CA ASN C 19 15.13 3.44 25.02
C ASN C 19 14.40 4.61 25.67
N ALA C 20 15.14 5.48 26.36
CA ALA C 20 14.55 6.66 26.94
C ALA C 20 13.98 7.53 25.83
N PRO C 21 12.73 8.00 25.96
CA PRO C 21 12.20 8.95 24.98
C PRO C 21 13.10 10.15 24.80
N GLN C 22 13.23 10.63 23.57
CA GLN C 22 13.89 11.89 23.26
C GLN C 22 13.02 12.65 22.27
N GLN C 23 13.41 13.90 21.99
CA GLN C 23 12.70 14.74 21.02
C GLN C 23 11.23 14.87 21.37
N VAL C 24 10.95 15.07 22.65
CA VAL C 24 9.57 15.10 23.12
C VAL C 24 8.98 16.46 22.77
N HIS C 25 7.78 16.45 22.20
CA HIS C 25 7.16 17.71 21.83
C HIS C 25 5.65 17.54 21.84
N ILE C 26 4.95 18.64 22.15
CA ILE C 26 3.50 18.63 22.24
C ILE C 26 2.95 19.76 21.38
N THR C 27 1.72 19.58 20.92
CA THR C 27 0.98 20.64 20.24
C THR C 27 -0.52 20.42 20.50
N GLN C 28 -1.30 21.46 20.20
CA GLN C 28 -2.73 21.41 20.48
C GLN C 28 -3.39 20.32 19.65
N GLY C 29 -4.32 19.59 20.26
CA GLY C 29 -4.80 18.36 19.67
C GLY C 29 -6.21 18.39 19.12
N ASP C 30 -6.95 19.46 19.43
CA ASP C 30 -8.31 19.61 18.97
C ASP C 30 -8.49 21.03 18.45
N LEU C 31 -9.74 21.42 18.17
CA LEU C 31 -10.06 22.76 17.67
C LEU C 31 -10.02 23.83 18.76
N VAL C 32 -10.42 23.49 19.99
CA VAL C 32 -10.69 24.51 21.00
C VAL C 32 -9.74 24.48 22.20
N GLY C 33 -8.89 23.46 22.34
CA GLY C 33 -7.89 23.45 23.39
C GLY C 33 -8.03 22.35 24.42
N ARG C 34 -8.99 21.43 24.29
CA ARG C 34 -9.19 20.35 25.22
C ARG C 34 -8.32 19.13 24.92
N ALA C 35 -7.46 19.20 23.92
CA ALA C 35 -6.69 18.02 23.54
C ALA C 35 -5.25 18.42 23.31
N MET C 36 -4.36 17.43 23.37
CA MET C 36 -2.94 17.63 23.17
C MET C 36 -2.35 16.44 22.44
N ILE C 37 -1.61 16.69 21.37
CA ILE C 37 -0.85 15.64 20.68
C ILE C 37 0.51 15.55 21.36
N ILE C 38 0.85 14.35 21.85
CA ILE C 38 2.13 14.10 22.52
C ILE C 38 3.03 13.30 21.58
N SER C 39 4.24 13.80 21.33
CA SER C 39 5.14 13.26 20.31
C SER C 39 6.53 13.03 20.89
N TRP C 40 7.20 11.99 20.38
CA TRP C 40 8.54 11.66 20.86
C TRP C 40 9.13 10.52 20.04
N VAL C 41 10.44 10.31 20.22
CA VAL C 41 11.19 9.31 19.48
C VAL C 41 11.87 8.36 20.47
N THR C 42 11.88 7.08 20.12
CA THR C 42 12.70 6.08 20.77
C THR C 42 13.68 5.52 19.75
N MET C 43 14.92 5.37 20.16
CA MET C 43 16.00 4.96 19.27
C MET C 43 16.37 3.49 19.38
N ASP C 44 16.16 2.87 20.54
CA ASP C 44 16.70 1.53 20.74
C ASP C 44 15.77 0.41 20.26
N GLU C 45 14.47 0.55 20.45
CA GLU C 45 13.49 -0.38 19.88
C GLU C 45 12.15 0.33 19.80
N PRO C 46 11.16 -0.28 19.13
CA PRO C 46 9.85 0.40 18.99
C PRO C 46 9.28 0.98 20.27
N GLY C 47 9.20 0.20 21.34
CA GLY C 47 8.63 0.68 22.59
C GLY C 47 7.13 0.91 22.50
N SER C 48 6.58 1.41 23.62
CA SER C 48 5.16 1.70 23.76
C SER C 48 4.82 3.11 23.27
N SER C 49 3.65 3.24 22.61
CA SER C 49 3.10 4.54 22.23
C SER C 49 2.08 5.07 23.24
N ALA C 50 2.07 4.53 24.45
CA ALA C 50 1.11 4.92 25.46
C ALA C 50 1.62 6.12 26.24
N VAL C 51 0.69 6.98 26.65
CA VAL C 51 1.00 8.18 27.45
C VAL C 51 0.19 8.10 28.74
N ARG C 52 0.87 8.13 29.87
CA ARG C 52 0.20 8.20 31.16
C ARG C 52 0.11 9.67 31.58
N TYR C 53 -1.08 10.11 31.96
CA TYR C 53 -1.29 11.51 32.29
C TYR C 53 -2.33 11.64 33.40
N TRP C 54 -2.21 12.72 34.17
CA TRP C 54 -3.12 13.02 35.26
C TRP C 54 -2.98 14.50 35.59
N SER C 55 -4.06 15.08 36.12
CA SER C 55 -4.00 16.47 36.56
C SER C 55 -3.43 16.56 37.96
N GLU C 56 -2.85 17.72 38.26
CA GLU C 56 -2.32 17.95 39.59
C GLU C 56 -3.41 17.97 40.65
N LYS C 57 -4.67 18.20 40.24
CA LYS C 57 -5.80 18.28 41.15
C LYS C 57 -6.44 16.91 41.39
N ASN C 58 -6.80 16.21 40.32
CA ASN C 58 -7.46 14.91 40.48
C ASN C 58 -6.46 13.86 40.95
N GLY C 59 -5.33 13.74 40.25
CA GLY C 59 -4.42 12.66 40.51
C GLY C 59 -4.82 11.33 39.91
N ARG C 60 -5.99 11.24 39.26
CA ARG C 60 -6.40 10.00 38.60
C ARG C 60 -5.58 9.84 37.33
N LYS C 61 -4.68 8.86 37.33
CA LYS C 61 -3.77 8.61 36.21
C LYS C 61 -4.49 7.80 35.15
N ARG C 62 -4.58 8.37 33.94
CA ARG C 62 -5.18 7.71 32.79
C ARG C 62 -4.11 7.39 31.76
N ILE C 63 -4.46 6.51 30.82
CA ILE C 63 -3.59 6.11 29.73
C ILE C 63 -4.28 6.44 28.40
N ALA C 64 -3.53 7.04 27.47
CA ALA C 64 -3.96 7.16 26.07
C ALA C 64 -2.95 6.43 25.18
N LYS C 65 -3.47 5.81 24.13
CA LYS C 65 -2.70 4.95 23.24
C LYS C 65 -2.61 5.62 21.87
N GLY C 66 -1.42 5.65 21.30
CA GLY C 66 -1.19 6.33 20.03
C GLY C 66 -0.60 5.39 19.01
N LYS C 67 0.21 5.92 18.08
CA LYS C 67 0.70 5.16 16.95
C LYS C 67 2.19 5.38 16.75
N MET C 68 2.87 4.33 16.29
CA MET C 68 4.31 4.39 15.99
C MET C 68 4.54 4.30 14.47
N SER C 69 5.46 5.12 13.97
CA SER C 69 5.79 5.11 12.55
C SER C 69 7.28 5.36 12.36
N THR C 70 7.78 4.99 11.18
CA THR C 70 9.18 5.16 10.79
C THR C 70 9.23 5.62 9.35
N TYR C 71 10.40 6.12 8.95
CA TYR C 71 10.62 6.53 7.56
C TYR C 71 12.11 6.42 7.29
N ARG C 72 12.42 6.31 5.99
CA ARG C 72 13.78 6.43 5.50
C ARG C 72 13.89 7.69 4.66
N PHE C 73 15.12 8.19 4.55
CA PHE C 73 15.41 9.30 3.65
C PHE C 73 16.82 9.05 3.13
N PHE C 74 16.94 8.62 1.87
CA PHE C 74 18.23 8.25 1.28
C PHE C 74 18.87 7.15 2.15
N ASN C 75 20.09 7.32 2.66
CA ASN C 75 20.74 6.29 3.48
C ASN C 75 20.51 6.51 4.98
N TYR C 76 19.54 7.34 5.36
CA TYR C 76 19.15 7.54 6.75
C TYR C 76 17.90 6.72 7.06
N SER C 77 17.89 6.11 8.23
CA SER C 77 16.73 5.42 8.78
C SER C 77 16.40 6.04 10.12
N SER C 78 15.15 6.42 10.30
CA SER C 78 14.74 7.11 11.52
C SER C 78 14.59 6.15 12.67
N GLY C 79 14.56 6.70 13.88
CA GLY C 79 14.08 5.96 15.02
C GLY C 79 12.58 5.74 14.94
N PHE C 80 11.97 5.40 16.06
CA PHE C 80 10.56 5.03 16.13
C PHE C 80 9.79 6.22 16.66
N ILE C 81 8.86 6.73 15.86
CA ILE C 81 8.21 8.00 16.10
C ILE C 81 6.82 7.73 16.63
N HIS C 82 6.52 8.31 17.78
CA HIS C 82 5.25 8.13 18.49
C HIS C 82 4.49 9.45 18.48
N HIS C 83 3.21 9.39 18.10
CA HIS C 83 2.25 10.49 18.27
C HIS C 83 1.05 9.93 18.98
N THR C 84 0.64 10.58 20.07
CA THR C 84 -0.51 10.15 20.88
C THR C 84 -1.30 11.36 21.30
N THR C 85 -2.62 11.30 21.11
CA THR C 85 -3.51 12.41 21.41
C THR C 85 -4.26 12.14 22.71
N ILE C 86 -4.09 13.03 23.69
CA ILE C 86 -4.85 13.04 24.94
CA ILE C 86 -4.89 12.99 24.91
C ILE C 86 -6.02 13.99 24.77
N ARG C 87 -7.21 13.58 25.21
CA ARG C 87 -8.42 14.33 24.97
C ARG C 87 -9.22 14.51 26.25
N LYS C 88 -10.28 15.31 26.15
CA LYS C 88 -11.21 15.57 27.24
C LYS C 88 -10.48 16.17 28.43
N LEU C 89 -9.36 16.82 28.17
CA LEU C 89 -8.64 17.49 29.23
C LEU C 89 -9.51 18.61 29.79
N LYS C 90 -9.19 19.02 31.01
CA LYS C 90 -9.90 20.09 31.67
C LYS C 90 -9.23 21.41 31.33
N TYR C 91 -10.04 22.46 31.22
CA TYR C 91 -9.49 23.78 30.90
C TYR C 91 -8.65 24.28 32.05
N ASN C 92 -7.68 25.12 31.70
CA ASN C 92 -6.86 25.88 32.64
C ASN C 92 -6.23 25.01 33.73
N THR C 93 -5.87 23.76 33.39
CA THR C 93 -5.44 22.77 34.37
C THR C 93 -4.04 22.27 34.05
N LYS C 94 -3.18 22.23 35.06
CA LYS C 94 -1.89 21.59 34.89
C LYS C 94 -2.04 20.06 34.86
N TYR C 95 -1.45 19.42 33.85
CA TYR C 95 -1.34 17.97 33.78
C TYR C 95 0.13 17.56 33.76
N TYR C 96 0.44 16.43 34.39
CA TYR C 96 1.68 15.70 34.14
C TYR C 96 1.44 14.63 33.11
N TYR C 97 2.47 14.32 32.34
CA TYR C 97 2.35 13.20 31.43
C TYR C 97 3.68 12.47 31.38
N GLU C 98 3.60 11.15 31.16
CA GLU C 98 4.78 10.31 31.07
C GLU C 98 4.79 9.54 29.76
N VAL C 99 5.97 9.46 29.15
CA VAL C 99 6.20 8.62 28.00
C VAL C 99 7.36 7.68 28.34
N GLY C 100 7.51 6.63 27.54
CA GLY C 100 8.54 5.64 27.82
C GLY C 100 8.11 4.60 28.84
N LEU C 101 6.85 4.17 28.79
CA LEU C 101 6.28 3.36 29.86
C LEU C 101 6.93 1.97 29.94
N ARG C 102 7.44 1.46 28.83
CA ARG C 102 7.95 0.09 28.84
C ARG C 102 9.36 -0.04 29.41
N ASN C 103 10.20 0.99 29.33
CA ASN C 103 11.56 0.85 29.82
C ASN C 103 12.04 2.04 30.65
N THR C 104 12.33 3.17 30.01
CA THR C 104 12.81 4.36 30.71
C THR C 104 11.77 5.46 30.59
N THR C 105 11.03 5.70 31.66
CA THR C 105 9.97 6.71 31.70
C THR C 105 10.55 8.08 31.99
N ARG C 106 10.04 9.09 31.28
CA ARG C 106 10.37 10.49 31.52
C ARG C 106 9.08 11.28 31.71
N ARG C 107 9.11 12.28 32.59
CA ARG C 107 7.92 13.01 32.99
C ARG C 107 8.02 14.47 32.59
N PHE C 108 6.90 15.02 32.13
CA PHE C 108 6.81 16.43 31.76
C PHE C 108 5.49 16.98 32.30
N SER C 109 5.13 18.18 31.87
CA SER C 109 3.84 18.73 32.28
C SER C 109 3.46 19.84 31.32
N PHE C 110 2.16 20.11 31.23
CA PHE C 110 1.67 21.28 30.51
C PHE C 110 0.45 21.83 31.24
N ILE C 111 0.03 23.02 30.83
CA ILE C 111 -1.12 23.69 31.39
C ILE C 111 -2.10 23.97 30.26
N THR C 112 -3.28 23.37 30.34
CA THR C 112 -4.28 23.59 29.30
C THR C 112 -4.69 25.06 29.28
N PRO C 113 -5.03 25.60 28.11
CA PRO C 113 -5.44 26.99 28.04
C PRO C 113 -6.79 27.16 28.69
N PRO C 114 -7.16 28.40 29.04
CA PRO C 114 -8.56 28.66 29.40
C PRO C 114 -9.49 28.29 28.27
N GLN C 115 -10.76 28.14 28.62
CA GLN C 115 -11.78 27.98 27.60
C GLN C 115 -11.81 29.22 26.71
N THR C 116 -12.26 29.04 25.46
CA THR C 116 -12.28 30.15 24.52
C THR C 116 -13.36 31.15 24.93
N GLY C 117 -13.06 32.43 24.73
CA GLY C 117 -13.94 33.47 25.23
C GLY C 117 -13.51 34.82 24.71
N LEU C 118 -14.41 35.78 24.86
CA LEU C 118 -14.21 37.10 24.27
C LEU C 118 -13.04 37.83 24.91
N ASP C 119 -12.91 37.79 26.23
CA ASP C 119 -11.97 38.65 26.92
C ASP C 119 -10.85 37.88 27.60
N VAL C 120 -10.62 36.64 27.20
CA VAL C 120 -9.60 35.76 27.78
C VAL C 120 -8.20 36.23 27.44
N PRO C 121 -7.39 36.63 28.42
CA PRO C 121 -5.99 36.98 28.12
C PRO C 121 -5.19 35.74 27.72
N TYR C 122 -4.11 35.97 26.98
CA TYR C 122 -3.20 34.88 26.63
C TYR C 122 -1.96 35.46 25.97
N THR C 123 -0.80 34.87 26.27
CA THR C 123 0.50 35.36 25.80
C THR C 123 1.12 34.35 24.83
N PHE C 124 1.34 34.78 23.58
CA PHE C 124 1.91 33.95 22.52
C PHE C 124 3.33 34.39 22.19
N GLY C 125 4.22 33.41 22.07
CA GLY C 125 5.53 33.66 21.50
C GLY C 125 5.51 33.48 19.98
N LEU C 126 6.41 34.22 19.32
CA LEU C 126 6.53 34.17 17.87
C LEU C 126 7.97 33.87 17.51
N ILE C 127 8.18 32.72 16.88
CA ILE C 127 9.50 32.29 16.46
C ILE C 127 9.43 31.81 15.02
N GLY C 128 10.38 32.24 14.21
CA GLY C 128 10.48 31.77 12.85
C GLY C 128 11.92 31.44 12.52
N ASP C 129 12.10 30.41 11.69
CA ASP C 129 13.40 30.10 11.12
C ASP C 129 14.45 29.83 12.20
N LEU C 130 14.07 29.01 13.19
CA LEU C 130 14.89 28.86 14.38
C LEU C 130 16.28 28.30 14.03
N GLY C 131 16.33 27.12 13.40
CA GLY C 131 17.61 26.48 13.14
C GLY C 131 18.25 25.93 14.42
N GLN C 132 19.56 25.68 14.33
CA GLN C 132 20.32 25.14 15.46
C GLN C 132 21.73 25.71 15.47
N SER C 133 21.86 27.00 15.20
CA SER C 133 23.10 27.71 15.43
C SER C 133 23.16 28.20 16.88
N PHE C 134 24.31 28.75 17.26
CA PHE C 134 24.42 29.37 18.58
C PHE C 134 23.43 30.50 18.72
N ASP C 135 23.20 31.24 17.63
CA ASP C 135 22.16 32.26 17.64
C ASP C 135 20.80 31.67 17.98
N SER C 136 20.51 30.49 17.43
CA SER C 136 19.23 29.84 17.70
C SER C 136 19.06 29.57 19.18
N ASN C 137 20.12 29.10 19.85
CA ASN C 137 20.05 28.82 21.27
C ASN C 137 19.82 30.10 22.09
N THR C 138 20.39 31.22 21.65
CA THR C 138 20.20 32.47 22.37
C THR C 138 18.76 32.96 22.25
N THR C 139 18.15 32.83 21.07
CA THR C 139 16.73 33.21 20.94
C THR C 139 15.86 32.38 21.85
N LEU C 140 16.08 31.06 21.86
CA LEU C 140 15.28 30.20 22.73
C LEU C 140 15.44 30.60 24.19
N SER C 141 16.69 30.86 24.63
CA SER C 141 16.91 31.34 26.00
C SER C 141 16.11 32.62 26.27
N HIS C 142 16.24 33.60 25.37
CA HIS C 142 15.50 34.84 25.55
C HIS C 142 14.00 34.58 25.65
N TYR C 143 13.47 33.68 24.82
CA TYR C 143 12.04 33.35 24.94
C TYR C 143 11.71 32.73 26.29
N GLU C 144 12.51 31.73 26.71
CA GLU C 144 12.27 31.05 27.98
C GLU C 144 12.35 32.00 29.16
N LEU C 145 13.19 33.03 29.09
CA LEU C 145 13.43 33.97 30.18
C LEU C 145 12.59 35.23 30.09
N SER C 146 11.66 35.32 29.14
CA SER C 146 10.86 36.52 29.00
C SER C 146 10.05 36.74 30.29
N PRO C 147 10.02 37.97 30.82
CA PRO C 147 9.15 38.24 31.97
C PRO C 147 7.67 38.14 31.66
N LYS C 148 7.26 38.29 30.39
CA LYS C 148 5.86 38.16 30.00
C LYS C 148 5.35 36.72 30.02
N LYS C 149 6.23 35.74 30.15
CA LYS C 149 5.87 34.32 30.24
C LYS C 149 5.06 33.86 29.04
N GLY C 150 5.74 33.47 27.96
CA GLY C 150 5.02 32.90 26.82
C GLY C 150 4.36 31.57 27.17
N GLN C 151 3.09 31.43 26.82
CA GLN C 151 2.33 30.21 27.07
C GLN C 151 2.17 29.31 25.84
N THR C 152 2.33 29.86 24.64
CA THR C 152 2.33 29.06 23.41
C THR C 152 3.22 29.79 22.42
N VAL C 153 3.92 29.00 21.60
CA VAL C 153 4.75 29.52 20.52
C VAL C 153 4.00 29.33 19.20
N LEU C 154 3.79 30.41 18.49
CA LEU C 154 3.35 30.31 17.10
C LEU C 154 4.60 30.28 16.25
N PHE C 155 4.82 29.18 15.55
CA PHE C 155 6.08 28.95 14.84
C PHE C 155 5.84 29.00 13.35
N VAL C 156 6.47 29.94 12.66
CA VAL C 156 6.10 30.33 11.31
C VAL C 156 6.97 29.66 10.24
N GLY C 157 7.73 28.63 10.59
CA GLY C 157 8.32 27.84 9.53
C GLY C 157 9.85 27.88 9.56
N ASP C 158 10.43 26.90 8.86
CA ASP C 158 11.86 26.60 8.85
C ASP C 158 12.33 26.14 10.23
N LEU C 159 12.43 24.83 10.40
CA LEU C 159 12.61 24.26 11.74
C LEU C 159 14.06 23.90 11.95
N SER C 160 14.50 22.76 11.42
CA SER C 160 15.82 22.23 11.72
C SER C 160 16.92 22.68 10.75
N TYR C 161 16.58 23.06 9.51
CA TYR C 161 17.56 23.30 8.43
C TYR C 161 18.45 22.09 8.19
N ALA C 162 17.88 20.89 8.41
CA ALA C 162 18.60 19.67 8.10
C ALA C 162 18.91 19.59 6.62
N ASP C 163 18.08 20.21 5.77
CA ASP C 163 18.29 20.08 4.34
C ASP C 163 19.52 20.83 3.85
N ARG C 164 20.21 21.59 4.70
CA ARG C 164 21.48 22.16 4.30
C ARG C 164 22.65 21.19 4.41
N TYR C 165 22.51 20.10 5.17
CA TYR C 165 23.61 19.15 5.29
C TYR C 165 23.61 18.18 4.11
N PRO C 166 24.72 17.47 3.87
CA PRO C 166 24.76 16.54 2.74
C PRO C 166 23.66 15.48 2.87
N ASN C 167 22.94 15.26 1.77
CA ASN C 167 21.79 14.37 1.73
C ASN C 167 20.75 14.72 2.80
N HIS C 168 20.66 16.01 3.13
CA HIS C 168 19.73 16.51 4.15
C HIS C 168 19.94 15.87 5.50
N ASP C 169 21.13 15.29 5.74
CA ASP C 169 21.45 14.47 6.92
C ASP C 169 20.43 14.63 8.04
N ASN C 170 19.48 13.68 8.11
CA ASN C 170 18.34 13.82 9.00
C ASN C 170 18.70 13.63 10.47
N VAL C 171 19.93 13.22 10.77
CA VAL C 171 20.43 13.31 12.15
C VAL C 171 20.20 14.71 12.69
N ARG C 172 20.29 15.71 11.81
CA ARG C 172 20.10 17.11 12.21
C ARG C 172 18.63 17.44 12.44
N TRP C 173 17.70 16.53 12.11
CA TRP C 173 16.34 16.61 12.64
C TRP C 173 16.28 16.11 14.07
N ASP C 174 16.92 14.96 14.32
CA ASP C 174 16.95 14.40 15.67
C ASP C 174 17.54 15.40 16.68
N THR C 175 18.68 16.01 16.33
CA THR C 175 19.30 16.97 17.26
C THR C 175 18.37 18.14 17.56
N TRP C 176 17.77 18.71 16.52
CA TRP C 176 16.82 19.80 16.70
C TRP C 176 15.67 19.39 17.62
N GLY C 177 15.21 18.14 17.49
CA GLY C 177 14.20 17.63 18.42
C GLY C 177 14.69 17.60 19.87
N ARG C 178 15.95 17.20 20.08
CA ARG C 178 16.46 17.18 21.44
C ARG C 178 16.72 18.60 21.95
N PHE C 179 17.11 19.52 21.06
CA PHE C 179 17.37 20.89 21.45
C PHE C 179 16.09 21.63 21.81
N THR C 180 15.03 21.49 21.02
CA THR C 180 13.84 22.30 21.28
C THR C 180 12.99 21.74 22.42
N GLU C 181 13.23 20.48 22.81
CA GLU C 181 12.40 19.81 23.80
C GLU C 181 12.24 20.61 25.10
N ARG C 182 13.32 21.26 25.55
CA ARG C 182 13.24 21.98 26.82
C ARG C 182 12.14 23.03 26.82
N SER C 183 11.67 23.45 25.63
CA SER C 183 10.49 24.30 25.50
C SER C 183 9.23 23.52 25.10
N VAL C 184 9.27 22.80 23.97
CA VAL C 184 8.04 22.29 23.37
C VAL C 184 7.51 21.02 24.04
N ALA C 185 8.24 20.48 25.02
CA ALA C 185 7.68 19.42 25.86
C ALA C 185 6.70 19.95 26.90
N TYR C 186 6.78 21.25 27.25
CA TYR C 186 5.96 21.82 28.30
C TYR C 186 4.94 22.83 27.79
N GLN C 187 5.03 23.25 26.54
CA GLN C 187 4.01 24.14 26.00
C GLN C 187 3.87 23.83 24.52
N PRO C 188 2.67 23.96 23.95
CA PRO C 188 2.52 23.68 22.52
C PRO C 188 3.31 24.67 21.68
N TRP C 189 3.92 24.17 20.61
CA TRP C 189 4.33 25.00 19.50
C TRP C 189 3.35 24.73 18.36
N ILE C 190 2.89 25.78 17.70
CA ILE C 190 1.91 25.68 16.61
C ILE C 190 2.66 25.75 15.29
N TRP C 191 2.57 24.67 14.50
CA TRP C 191 3.53 24.42 13.42
C TRP C 191 3.05 24.94 12.08
N THR C 192 3.90 25.72 11.42
CA THR C 192 3.73 26.19 10.06
C THR C 192 4.86 25.58 9.22
N ALA C 193 4.53 25.16 7.98
CA ALA C 193 5.48 24.58 7.05
C ALA C 193 6.19 25.66 6.23
N GLY C 194 7.53 25.65 6.24
CA GLY C 194 8.33 26.56 5.46
C GLY C 194 9.10 25.81 4.37
N ASN C 195 9.91 26.59 3.61
CA ASN C 195 10.58 25.99 2.46
C ASN C 195 11.62 24.95 2.87
N HIS C 196 12.25 25.11 4.03
CA HIS C 196 13.21 24.07 4.40
C HIS C 196 12.54 22.77 4.83
N GLU C 197 11.22 22.75 4.98
CA GLU C 197 10.53 21.49 5.25
C GLU C 197 10.11 20.73 3.98
N ILE C 198 10.20 21.36 2.81
CA ILE C 198 9.76 20.72 1.56
C ILE C 198 10.62 19.49 1.26
N GLU C 199 11.94 19.66 1.28
CA GLU C 199 12.91 18.58 1.08
C GLU C 199 12.60 17.79 -0.19
N PHE C 200 12.36 18.52 -1.28
CA PHE C 200 12.27 17.95 -2.61
C PHE C 200 13.68 17.75 -3.15
N ALA C 201 14.12 16.50 -3.18
CA ALA C 201 15.50 16.15 -3.48
C ALA C 201 15.48 14.99 -4.48
N PRO C 202 15.13 15.27 -5.73
CA PRO C 202 15.00 14.18 -6.71
C PRO C 202 16.32 13.56 -7.08
N GLU C 203 17.41 14.30 -6.95
CA GLU C 203 18.72 13.76 -7.25
C GLU C 203 19.15 12.66 -6.30
N ILE C 204 18.45 12.47 -5.17
CA ILE C 204 18.68 11.32 -4.30
C ILE C 204 17.36 10.59 -4.14
N ASN C 205 16.48 10.76 -5.14
CA ASN C 205 15.19 10.06 -5.26
C ASN C 205 14.31 10.25 -4.02
N GLU C 206 14.28 11.48 -3.51
CA GLU C 206 13.38 11.84 -2.42
C GLU C 206 12.44 12.91 -2.98
N THR C 207 11.22 12.49 -3.36
CA THR C 207 10.35 13.38 -4.11
C THR C 207 9.01 13.61 -3.43
N GLU C 208 8.82 13.10 -2.20
CA GLU C 208 7.58 13.28 -1.47
C GLU C 208 7.67 14.58 -0.70
N PRO C 209 6.95 15.63 -1.09
CA PRO C 209 7.11 16.93 -0.41
C PRO C 209 6.78 16.85 1.07
N PHE C 210 7.62 17.48 1.90
CA PHE C 210 7.44 17.66 3.34
C PHE C 210 7.61 16.36 4.14
N LYS C 211 8.22 15.31 3.56
CA LYS C 211 8.15 14.00 4.20
C LYS C 211 8.76 13.97 5.60
N PRO C 212 10.05 14.32 5.81
CA PRO C 212 10.59 14.20 7.18
C PRO C 212 9.82 15.04 8.19
N PHE C 213 9.56 16.31 7.88
CA PHE C 213 8.75 17.16 8.75
C PHE C 213 7.39 16.52 9.09
N SER C 214 6.63 16.09 8.05
CA SER C 214 5.30 15.58 8.31
C SER C 214 5.29 14.29 9.12
N TYR C 215 6.37 13.51 9.10
CA TYR C 215 6.45 12.36 9.98
C TYR C 215 6.65 12.77 11.43
N ARG C 216 7.51 13.76 11.67
CA ARG C 216 7.93 14.12 13.01
C ARG C 216 7.00 15.13 13.69
N TYR C 217 6.28 15.94 12.92
CA TYR C 217 5.42 16.96 13.51
C TYR C 217 4.01 16.79 12.97
N HIS C 218 3.12 16.32 13.83
CA HIS C 218 1.71 16.19 13.50
C HIS C 218 0.93 17.41 13.98
N VAL C 219 -0.13 17.74 13.25
CA VAL C 219 -1.02 18.85 13.61
C VAL C 219 -2.45 18.32 13.62
N PRO C 220 -3.37 19.02 14.31
CA PRO C 220 -4.78 18.57 14.36
C PRO C 220 -5.60 19.09 13.17
N TYR C 221 -5.24 18.68 11.96
CA TYR C 221 -5.83 19.32 10.79
C TYR C 221 -7.27 18.88 10.52
N GLU C 222 -7.66 17.67 10.90
CA GLU C 222 -9.03 17.24 10.67
C GLU C 222 -10.01 17.92 11.62
N ALA C 223 -9.51 18.48 12.73
CA ALA C 223 -10.40 19.19 13.64
C ALA C 223 -11.06 20.38 12.96
N SER C 224 -10.40 20.97 11.96
CA SER C 224 -10.96 22.09 11.19
C SER C 224 -11.40 21.67 9.78
N GLN C 225 -11.64 20.37 9.55
CA GLN C 225 -12.14 19.83 8.28
C GLN C 225 -11.21 20.13 7.12
N SER C 226 -9.93 20.35 7.39
CA SER C 226 -8.91 20.33 6.36
C SER C 226 -8.59 18.88 5.98
N THR C 227 -8.13 18.68 4.75
CA THR C 227 -7.70 17.36 4.29
C THR C 227 -6.19 17.24 4.23
N SER C 228 -5.45 18.23 4.70
CA SER C 228 -3.98 18.22 4.65
C SER C 228 -3.42 18.77 5.94
N PRO C 229 -2.31 18.21 6.44
CA PRO C 229 -1.64 18.81 7.60
C PRO C 229 -1.03 20.19 7.36
N PHE C 230 -0.85 20.62 6.12
CA PHE C 230 -0.10 21.85 5.89
C PHE C 230 -0.97 23.09 5.95
N TRP C 231 -2.30 22.95 6.00
CA TRP C 231 -3.14 24.09 6.35
C TRP C 231 -4.23 23.63 7.31
N TYR C 232 -4.52 24.47 8.29
CA TYR C 232 -5.47 24.10 9.34
C TYR C 232 -5.68 25.31 10.24
N SER C 233 -6.64 25.22 11.15
CA SER C 233 -6.87 26.27 12.13
C SER C 233 -7.05 25.68 13.52
N ILE C 234 -6.89 26.55 14.52
CA ILE C 234 -7.17 26.20 15.92
C ILE C 234 -7.66 27.46 16.61
N LYS C 235 -8.44 27.27 17.68
CA LYS C 235 -8.78 28.34 18.60
C LYS C 235 -8.16 28.06 19.95
N ARG C 236 -7.66 29.11 20.61
CA ARG C 236 -7.05 28.97 21.92
C ARG C 236 -7.27 30.29 22.63
N ALA C 237 -7.96 30.23 23.77
CA ALA C 237 -8.30 31.44 24.55
C ALA C 237 -9.11 32.36 23.65
N SER C 238 -8.68 33.60 23.41
CA SER C 238 -9.46 34.52 22.57
C SER C 238 -8.91 34.64 21.15
N ALA C 239 -8.10 33.67 20.69
CA ALA C 239 -7.51 33.75 19.36
C ALA C 239 -8.03 32.65 18.47
N HIS C 240 -8.40 33.02 17.25
CA HIS C 240 -8.64 32.10 16.15
C HIS C 240 -7.40 32.17 15.27
N ILE C 241 -6.72 31.02 15.07
CA ILE C 241 -5.42 30.99 14.38
C ILE C 241 -5.53 30.14 13.13
N ILE C 242 -5.16 30.73 11.98
CA ILE C 242 -5.23 30.07 10.68
C ILE C 242 -3.79 29.87 10.19
N VAL C 243 -3.43 28.61 9.88
CA VAL C 243 -2.09 28.23 9.44
C VAL C 243 -2.16 27.85 7.97
N LEU C 244 -1.42 28.58 7.13
CA LEU C 244 -1.46 28.38 5.69
C LEU C 244 -0.12 27.83 5.20
N SER C 245 -0.13 27.30 3.99
CA SER C 245 1.03 26.62 3.41
C SER C 245 1.47 27.39 2.16
N SER C 246 2.56 28.15 2.30
CA SER C 246 3.12 28.92 1.19
C SER C 246 3.55 28.02 0.06
N TYR C 247 3.91 26.78 0.37
CA TYR C 247 4.54 25.86 -0.58
C TYR C 247 3.61 24.71 -0.96
N SER C 248 2.31 24.84 -0.68
CA SER C 248 1.22 24.05 -1.24
C SER C 248 0.46 24.84 -2.30
N ALA C 249 -0.41 24.16 -3.05
CA ALA C 249 -1.24 24.84 -4.05
C ALA C 249 -2.27 25.77 -3.40
N TYR C 250 -2.50 26.95 -4.01
CA TYR C 250 -3.54 27.86 -3.54
C TYR C 250 -4.28 28.55 -4.71
N GLY C 251 -4.24 27.99 -5.90
CA GLY C 251 -5.08 28.49 -6.97
C GLY C 251 -6.55 28.23 -6.68
N ARG C 252 -7.38 29.01 -7.35
CA ARG C 252 -8.82 28.86 -7.23
C ARG C 252 -9.24 27.41 -7.49
N GLY C 253 -10.08 26.87 -6.57
CA GLY C 253 -10.58 25.51 -6.68
C GLY C 253 -9.73 24.45 -6.02
N THR C 254 -8.50 24.78 -5.64
CA THR C 254 -7.62 23.81 -4.99
C THR C 254 -8.09 23.56 -3.57
N PRO C 255 -7.63 22.47 -2.96
CA PRO C 255 -8.02 22.19 -1.57
C PRO C 255 -7.73 23.31 -0.58
N GLN C 256 -6.55 23.92 -0.62
CA GLN C 256 -6.22 24.91 0.41
C GLN C 256 -7.02 26.18 0.23
N TYR C 257 -7.12 26.64 -1.02
CA TYR C 257 -8.01 27.73 -1.39
C TYR C 257 -9.43 27.46 -0.89
N THR C 258 -9.99 26.31 -1.28
CA THR C 258 -11.35 25.97 -0.87
C THR C 258 -11.49 25.97 0.63
N TRP C 259 -10.48 25.43 1.34
CA TRP C 259 -10.58 25.33 2.79
C TRP C 259 -10.55 26.71 3.44
N LEU C 260 -9.67 27.58 2.97
CA LEU C 260 -9.51 28.89 3.60
C LEU C 260 -10.78 29.73 3.44
N LYS C 261 -11.38 29.73 2.25
CA LYS C 261 -12.59 30.52 2.04
C LYS C 261 -13.73 30.07 2.97
N LYS C 262 -13.88 28.75 3.17
CA LYS C 262 -14.89 28.25 4.11
C LYS C 262 -14.50 28.53 5.56
N GLU C 263 -13.22 28.39 5.89
CA GLU C 263 -12.78 28.59 7.28
C GLU C 263 -13.02 30.03 7.73
N LEU C 264 -12.80 31.01 6.84
CA LEU C 264 -13.00 32.41 7.22
C LEU C 264 -14.46 32.69 7.59
N ARG C 265 -15.39 31.96 6.97
CA ARG C 265 -16.81 32.11 7.30
C ARG C 265 -17.17 31.58 8.68
N LYS C 266 -16.36 30.69 9.26
CA LYS C 266 -16.66 30.17 10.58
C LYS C 266 -16.13 31.04 11.71
N VAL C 267 -15.33 32.06 11.39
CA VAL C 267 -14.71 32.89 12.43
C VAL C 267 -15.79 33.68 13.17
N LYS C 268 -15.82 33.57 14.49
CA LYS C 268 -16.74 34.29 15.36
C LYS C 268 -15.92 35.24 16.22
N ARG C 269 -15.93 36.53 15.88
CA ARG C 269 -15.14 37.50 16.63
C ARG C 269 -15.69 37.79 18.04
N SER C 270 -16.90 37.36 18.35
CA SER C 270 -17.43 37.53 19.70
C SER C 270 -17.05 36.38 20.62
N GLU C 271 -16.54 35.27 20.07
CA GLU C 271 -15.95 34.17 20.81
C GLU C 271 -14.43 34.24 20.86
N THR C 272 -13.78 34.55 19.72
CA THR C 272 -12.34 34.73 19.64
C THR C 272 -12.09 35.98 18.84
N PRO C 273 -11.99 37.16 19.49
CA PRO C 273 -11.88 38.40 18.73
C PRO C 273 -10.54 38.58 18.01
N TRP C 274 -9.50 37.81 18.38
CA TRP C 274 -8.17 37.96 17.79
C TRP C 274 -8.02 36.98 16.61
N LEU C 275 -8.08 37.50 15.40
CA LEU C 275 -7.94 36.69 14.20
C LEU C 275 -6.50 36.75 13.70
N ILE C 276 -5.81 35.61 13.72
CA ILE C 276 -4.38 35.53 13.45
C ILE C 276 -4.14 34.56 12.30
N VAL C 277 -3.35 34.98 11.31
CA VAL C 277 -2.91 34.12 10.21
C VAL C 277 -1.41 33.90 10.34
N LEU C 278 -0.99 32.63 10.20
CA LEU C 278 0.42 32.27 10.09
C LEU C 278 0.71 31.74 8.67
N MET C 279 1.87 32.10 8.13
CA MET C 279 2.34 31.58 6.85
C MET C 279 3.85 31.71 6.84
N HIS C 280 4.49 31.03 5.90
CA HIS C 280 5.94 31.16 5.95
C HIS C 280 6.45 32.37 5.15
N SER C 281 5.98 32.53 3.92
CA SER C 281 6.49 33.60 3.03
C SER C 281 5.71 34.89 3.24
N PRO C 282 6.36 36.00 3.55
CA PRO C 282 5.62 37.24 3.86
C PRO C 282 4.94 37.84 2.63
N LEU C 283 3.73 38.33 2.82
CA LEU C 283 3.06 39.05 1.74
C LEU C 283 3.57 40.49 1.61
N TYR C 284 4.00 41.09 2.72
CA TYR C 284 4.66 42.38 2.73
C TYR C 284 6.08 42.16 3.21
N ASN C 285 7.05 42.67 2.47
CA ASN C 285 8.47 42.44 2.79
C ASN C 285 9.34 43.37 1.97
N SER C 286 10.09 44.26 2.65
CA SER C 286 10.93 45.26 1.99
C SER C 286 12.43 44.96 2.09
N TYR C 287 12.79 43.70 2.33
CA TYR C 287 14.17 43.25 2.25
C TYR C 287 14.45 42.68 0.86
N ASN C 288 15.71 42.77 0.43
CA ASN C 288 16.06 42.26 -0.89
C ASN C 288 15.90 40.74 -0.96
N HIS C 289 16.27 40.03 0.08
CA HIS C 289 16.13 38.58 0.09
C HIS C 289 14.65 38.17 0.04
N HIS C 290 14.28 37.33 -0.92
CA HIS C 290 12.90 36.85 -1.09
C HIS C 290 11.93 37.97 -1.38
N PHE C 291 12.43 39.09 -1.89
CA PHE C 291 11.58 40.22 -2.20
C PHE C 291 10.54 39.81 -3.24
N MET C 292 9.28 40.06 -2.92
CA MET C 292 8.11 39.80 -3.75
C MET C 292 7.77 38.33 -3.95
N GLU C 293 8.44 37.40 -3.25
CA GLU C 293 8.04 36.00 -3.34
C GLU C 293 6.63 35.77 -2.84
N GLY C 294 6.16 36.62 -1.92
CA GLY C 294 4.79 36.48 -1.47
C GLY C 294 3.73 37.04 -2.39
N GLU C 295 4.12 37.56 -3.55
CA GLU C 295 3.15 38.20 -4.44
C GLU C 295 2.07 37.23 -4.89
N ALA C 296 2.43 35.96 -5.16
CA ALA C 296 1.44 35.03 -5.69
C ALA C 296 0.36 34.72 -4.66
N MET C 297 0.75 34.40 -3.42
CA MET C 297 -0.29 34.18 -2.41
C MET C 297 -1.07 35.46 -2.12
N ARG C 298 -0.42 36.63 -2.25
CA ARG C 298 -1.09 37.91 -1.99
C ARG C 298 -2.18 38.18 -3.01
N THR C 299 -2.00 37.79 -4.28
CA THR C 299 -3.07 38.02 -5.25
C THR C 299 -4.31 37.23 -4.88
N LYS C 300 -4.14 36.07 -4.23
CA LYS C 300 -5.27 35.20 -3.94
C LYS C 300 -5.95 35.51 -2.62
N PHE C 301 -5.20 35.90 -1.60
CA PHE C 301 -5.72 35.93 -0.24
C PHE C 301 -5.77 37.32 0.42
N GLU C 302 -5.00 38.30 -0.08
CA GLU C 302 -4.91 39.57 0.63
C GLU C 302 -6.28 40.23 0.77
N ALA C 303 -7.12 40.15 -0.26
CA ALA C 303 -8.45 40.76 -0.15
C ALA C 303 -9.34 40.01 0.84
N TRP C 304 -9.16 38.69 0.98
CA TRP C 304 -9.91 37.98 2.00
C TRP C 304 -9.52 38.44 3.39
N PHE C 305 -8.22 38.66 3.62
CA PHE C 305 -7.76 39.12 4.94
C PHE C 305 -8.38 40.46 5.30
N VAL C 306 -8.42 41.40 4.34
CA VAL C 306 -9.00 42.71 4.60
C VAL C 306 -10.49 42.59 4.81
N LYS C 307 -11.14 41.74 4.00
CA LYS C 307 -12.58 41.56 4.10
C LYS C 307 -12.98 41.06 5.48
N TYR C 308 -12.24 40.08 6.01
CA TYR C 308 -12.54 39.50 7.31
C TYR C 308 -11.83 40.21 8.45
N LYS C 309 -11.14 41.32 8.13
CA LYS C 309 -10.51 42.20 9.12
C LYS C 309 -9.57 41.43 10.04
N VAL C 310 -8.66 40.66 9.44
CA VAL C 310 -7.62 40.00 10.20
C VAL C 310 -6.82 41.04 10.97
N ASP C 311 -6.51 40.74 12.25
CA ASP C 311 -5.72 41.64 13.07
C ASP C 311 -4.24 41.62 12.69
N VAL C 312 -3.65 40.43 12.52
CA VAL C 312 -2.22 40.35 12.24
C VAL C 312 -1.93 39.11 11.39
N VAL C 313 -1.02 39.27 10.44
CA VAL C 313 -0.45 38.15 9.69
C VAL C 313 1.03 38.01 10.07
N PHE C 314 1.43 36.84 10.56
CA PHE C 314 2.80 36.59 10.98
C PHE C 314 3.51 35.70 9.96
N ALA C 315 4.69 36.11 9.51
CA ALA C 315 5.45 35.28 8.57
C ALA C 315 6.92 35.24 8.99
N GLY C 316 7.68 34.35 8.33
CA GLY C 316 9.10 34.26 8.57
C GLY C 316 9.91 34.46 7.30
N HIS C 317 10.80 33.50 7.02
CA HIS C 317 11.44 33.28 5.72
C HIS C 317 12.56 34.29 5.43
N VAL C 318 12.26 35.58 5.56
CA VAL C 318 13.28 36.63 5.58
C VAL C 318 13.95 36.61 6.94
N HIS C 319 15.29 36.63 6.96
CA HIS C 319 16.01 36.41 8.21
C HIS C 319 16.27 37.74 8.91
N ALA C 320 15.17 38.31 9.42
CA ALA C 320 15.19 39.67 9.99
C ALA C 320 13.81 40.01 10.53
N TYR C 321 13.58 41.27 10.91
CA TYR C 321 12.34 41.71 11.54
C TYR C 321 11.72 42.87 10.77
N GLU C 322 10.41 42.79 10.51
CA GLU C 322 9.70 43.88 9.86
C GLU C 322 8.26 43.94 10.37
N ARG C 323 7.78 45.16 10.61
CA ARG C 323 6.41 45.42 11.02
C ARG C 323 5.82 46.42 10.04
N SER C 324 4.78 46.02 9.33
CA SER C 324 4.20 46.91 8.34
C SER C 324 3.21 47.87 8.98
N GLU C 325 2.83 48.89 8.23
CA GLU C 325 1.62 49.66 8.55
C GLU C 325 0.40 48.84 8.15
N ARG C 326 -0.77 49.29 8.61
CA ARG C 326 -2.04 48.69 8.18
C ARG C 326 -2.35 49.23 6.80
N VAL C 327 -1.98 48.46 5.77
CA VAL C 327 -2.20 48.83 4.38
C VAL C 327 -2.84 47.67 3.65
N SER C 328 -3.39 47.98 2.47
CA SER C 328 -3.91 46.99 1.54
C SER C 328 -3.53 47.44 0.15
N ASN C 329 -3.46 46.48 -0.76
CA ASN C 329 -3.01 46.71 -2.13
C ASN C 329 -3.84 45.79 -3.03
N ILE C 330 -5.15 46.03 -3.06
CA ILE C 330 -6.12 45.07 -3.58
C ILE C 330 -7.03 45.71 -4.63
N ALA C 331 -6.67 46.89 -5.11
CA ALA C 331 -7.52 47.63 -6.04
C ALA C 331 -7.13 47.44 -7.49
N TYR C 332 -6.05 46.70 -7.77
CA TYR C 332 -5.46 46.63 -9.10
C TYR C 332 -6.34 45.82 -10.06
N LYS C 333 -6.53 46.33 -11.27
CA LYS C 333 -7.35 45.66 -12.29
C LYS C 333 -6.64 45.63 -13.65
N ILE C 334 -5.30 45.51 -13.63
CA ILE C 334 -4.42 45.35 -14.80
C ILE C 334 -4.16 46.67 -15.51
N THR C 335 -5.21 47.39 -15.92
CA THR C 335 -5.04 48.64 -16.65
C THR C 335 -5.55 49.87 -15.88
N ASN C 336 -6.09 49.72 -14.66
CA ASN C 336 -6.52 50.87 -13.90
C ASN C 336 -5.38 51.59 -13.18
N GLY C 337 -4.15 51.05 -13.23
CA GLY C 337 -3.00 51.70 -12.65
C GLY C 337 -2.88 51.66 -11.13
N LEU C 338 -3.85 51.05 -10.42
CA LEU C 338 -3.90 51.13 -8.95
C LEU C 338 -3.12 49.97 -8.33
N CYS C 339 -1.80 50.14 -8.23
CA CYS C 339 -0.91 49.10 -7.73
C CYS C 339 -0.04 49.55 -6.55
N THR C 340 -0.33 50.70 -5.94
CA THR C 340 0.42 51.14 -4.76
C THR C 340 -0.37 50.86 -3.50
N PRO C 341 0.22 50.31 -2.45
CA PRO C 341 -0.54 50.07 -1.21
C PRO C 341 -1.02 51.39 -0.61
N VAL C 342 -2.13 51.32 0.12
CA VAL C 342 -2.70 52.49 0.78
C VAL C 342 -3.04 52.15 2.23
N LYS C 343 -3.01 53.16 3.10
CA LYS C 343 -3.48 52.98 4.47
C LYS C 343 -4.87 52.36 4.46
N ASP C 344 -5.06 51.31 5.24
CA ASP C 344 -6.34 50.63 5.24
C ASP C 344 -6.59 50.12 6.64
N GLN C 345 -7.52 50.77 7.35
CA GLN C 345 -7.80 50.37 8.72
C GLN C 345 -8.58 49.06 8.83
N SER C 346 -9.06 48.49 7.71
CA SER C 346 -9.64 47.16 7.76
C SER C 346 -8.59 46.07 7.68
N ALA C 347 -7.35 46.40 7.26
CA ALA C 347 -6.28 45.47 6.93
C ALA C 347 -5.53 45.02 8.18
N PRO C 348 -4.90 43.85 8.12
CA PRO C 348 -3.97 43.43 9.18
C PRO C 348 -2.64 44.17 9.13
N VAL C 349 -1.91 44.07 10.23
CA VAL C 349 -0.48 44.40 10.24
C VAL C 349 0.29 43.15 9.82
N TYR C 350 1.33 43.31 9.01
CA TYR C 350 2.14 42.19 8.55
C TYR C 350 3.47 42.22 9.27
N ILE C 351 3.76 41.17 10.02
CA ILE C 351 5.00 41.09 10.78
C ILE C 351 5.84 39.94 10.22
N THR C 352 7.09 40.25 9.86
CA THR C 352 8.10 39.27 9.52
C THR C 352 8.93 39.03 10.79
N ILE C 353 9.01 37.77 11.21
CA ILE C 353 9.66 37.47 12.49
C ILE C 353 10.52 36.23 12.30
N GLY C 354 11.20 36.15 11.16
CA GLY C 354 11.97 34.96 10.81
C GLY C 354 13.44 35.07 11.18
N ASP C 355 13.72 35.83 12.25
CA ASP C 355 15.08 36.16 12.65
C ASP C 355 15.54 35.37 13.87
N ALA C 356 15.01 34.18 14.09
CA ALA C 356 15.35 33.50 15.32
C ALA C 356 16.70 32.81 15.28
N GLY C 357 17.38 32.75 14.14
CA GLY C 357 18.74 32.27 14.17
C GLY C 357 19.22 31.52 12.94
N ASN C 358 18.33 30.69 12.37
CA ASN C 358 18.65 29.77 11.28
C ASN C 358 20.01 29.13 11.49
N TYR C 359 20.93 29.26 10.51
CA TYR C 359 22.27 28.73 10.63
C TYR C 359 23.31 29.84 10.84
N GLY C 360 22.89 31.01 11.31
CA GLY C 360 23.81 32.03 11.77
C GLY C 360 23.87 33.29 10.95
N VAL C 361 22.97 33.46 9.98
CA VAL C 361 23.11 34.48 8.95
C VAL C 361 21.86 35.36 8.97
N ILE C 362 22.08 36.67 8.95
CA ILE C 362 21.01 37.65 9.03
C ILE C 362 20.85 38.29 7.66
N ASP C 363 19.62 38.65 7.33
CA ASP C 363 19.33 39.32 6.07
C ASP C 363 19.34 40.82 6.33
N SER C 364 20.41 41.51 5.90
CA SER C 364 20.56 42.93 6.18
C SER C 364 20.35 43.85 4.99
N ASN C 365 20.28 43.35 3.75
CA ASN C 365 20.01 44.22 2.61
C ASN C 365 18.53 44.57 2.54
N MET C 366 18.22 45.86 2.53
CA MET C 366 16.86 46.35 2.51
C MET C 366 16.63 47.18 1.25
N ILE C 367 15.39 47.12 0.75
CA ILE C 367 14.97 48.06 -0.29
C ILE C 367 15.04 49.47 0.28
N GLN C 368 15.68 50.38 -0.46
CA GLN C 368 15.81 51.76 -0.04
C GLN C 368 15.08 52.69 -1.01
N PRO C 369 14.36 53.73 -0.50
CA PRO C 369 14.19 53.96 0.94
C PRO C 369 13.14 53.03 1.55
N GLN C 370 12.97 53.12 2.86
CA GLN C 370 11.87 52.41 3.49
C GLN C 370 10.54 52.79 2.84
N PRO C 371 9.78 51.85 2.31
CA PRO C 371 8.47 52.19 1.74
C PRO C 371 7.52 52.69 2.80
N GLU C 372 6.51 53.44 2.35
CA GLU C 372 5.49 53.93 3.28
C GLU C 372 4.80 52.81 4.02
N TYR C 373 4.71 51.62 3.40
CA TYR C 373 4.00 50.49 3.99
C TYR C 373 4.81 49.78 5.07
N SER C 374 6.09 50.09 5.23
CA SER C 374 6.90 49.55 6.31
C SER C 374 6.94 50.55 7.46
N ALA C 375 6.64 50.07 8.67
CA ALA C 375 6.69 50.88 9.89
C ALA C 375 8.03 50.77 10.59
N PHE C 376 8.54 49.55 10.74
CA PHE C 376 9.79 49.29 11.46
C PHE C 376 10.43 48.06 10.85
N ARG C 377 11.73 48.12 10.58
CA ARG C 377 12.48 46.98 10.12
C ARG C 377 13.90 47.05 10.69
N GLU C 378 14.42 45.89 11.11
CA GLU C 378 15.79 45.81 11.58
C GLU C 378 16.32 44.40 11.40
N ALA C 379 17.57 44.30 10.96
CA ALA C 379 18.26 43.02 10.77
C ALA C 379 19.01 42.65 12.05
N SER C 380 18.26 42.14 13.04
CA SER C 380 18.83 41.60 14.26
C SER C 380 18.14 40.28 14.57
N PHE C 381 18.83 39.41 15.30
CA PHE C 381 18.26 38.16 15.79
C PHE C 381 17.33 38.43 16.96
N GLY C 382 16.24 37.68 17.03
CA GLY C 382 15.36 37.75 18.19
C GLY C 382 14.05 37.02 17.94
N HIS C 383 13.04 37.38 18.74
CA HIS C 383 11.74 36.73 18.74
C HIS C 383 10.69 37.76 19.12
N GLY C 384 9.43 37.41 18.88
CA GLY C 384 8.33 38.30 19.18
C GLY C 384 7.44 37.78 20.28
N MET C 385 6.65 38.65 20.91
CA MET C 385 5.61 38.25 21.87
C MET C 385 4.33 39.02 21.53
N PHE C 386 3.22 38.29 21.41
CA PHE C 386 1.91 38.87 21.11
C PHE C 386 1.08 38.65 22.36
N ASP C 387 0.87 39.72 23.13
CA ASP C 387 0.33 39.60 24.48
C ASP C 387 -1.09 40.15 24.53
N ILE C 388 -2.07 39.25 24.53
CA ILE C 388 -3.48 39.63 24.52
C ILE C 388 -3.91 39.99 25.94
N LYS C 389 -4.41 41.21 26.12
CA LYS C 389 -5.01 41.62 27.39
C LYS C 389 -6.50 41.35 27.42
N ASN C 390 -7.18 41.51 26.29
CA ASN C 390 -8.63 41.49 26.23
C ASN C 390 -9.08 41.68 24.79
N ARG C 391 -10.40 41.79 24.59
CA ARG C 391 -10.96 41.89 23.24
C ARG C 391 -10.57 43.17 22.49
N THR C 392 -10.09 44.23 23.16
CA THR C 392 -9.67 45.41 22.41
C THR C 392 -8.17 45.60 22.29
N HIS C 393 -7.36 45.01 23.18
CA HIS C 393 -5.94 45.36 23.27
C HIS C 393 -5.06 44.13 23.28
N ALA C 394 -4.03 44.16 22.42
CA ALA C 394 -2.97 43.18 22.36
C ALA C 394 -1.67 43.93 22.22
N HIS C 395 -0.66 43.56 23.00
CA HIS C 395 0.64 44.24 22.98
C HIS C 395 1.65 43.34 22.29
N PHE C 396 2.22 43.82 21.18
CA PHE C 396 3.27 43.08 20.51
C PHE C 396 4.61 43.70 20.88
N SER C 397 5.55 42.86 21.29
CA SER C 397 6.91 43.30 21.55
C SER C 397 7.89 42.42 20.78
N TRP C 398 9.02 43.03 20.44
CA TRP C 398 10.14 42.38 19.78
C TRP C 398 11.36 42.48 20.67
N ASN C 399 12.03 41.37 20.92
CA ASN C 399 13.20 41.36 21.79
C ASN C 399 14.40 40.88 20.99
N ARG C 400 15.50 41.65 21.06
CA ARG C 400 16.71 41.33 20.32
C ARG C 400 17.64 40.46 21.18
N ASN C 401 18.34 39.53 20.53
CA ASN C 401 19.30 38.67 21.22
C ASN C 401 20.41 39.49 21.89
N GLN C 402 20.74 40.65 21.34
CA GLN C 402 21.82 41.46 21.91
C GLN C 402 21.37 42.34 23.06
N ASP C 403 20.09 42.38 23.37
CA ASP C 403 19.61 43.16 24.49
C ASP C 403 19.36 42.27 25.68
N GLY C 404 19.02 42.89 26.80
CA GLY C 404 18.53 42.13 27.94
C GLY C 404 17.21 41.46 27.61
N VAL C 405 16.89 40.40 28.37
CA VAL C 405 15.70 39.63 28.08
C VAL C 405 14.42 40.40 28.37
N ALA C 406 14.51 41.54 29.08
CA ALA C 406 13.34 42.36 29.35
C ALA C 406 13.24 43.57 28.43
N VAL C 407 14.17 43.75 27.51
CA VAL C 407 14.17 44.95 26.67
C VAL C 407 13.37 44.70 25.39
N GLU C 408 12.49 45.63 25.08
CA GLU C 408 11.64 45.61 23.89
C GLU C 408 12.13 46.71 22.94
N ALA C 409 13.03 46.34 22.01
CA ALA C 409 13.54 47.28 21.02
C ALA C 409 12.42 47.79 20.10
N ASP C 410 11.39 47.00 19.87
CA ASP C 410 10.18 47.46 19.19
C ASP C 410 8.98 46.94 19.95
N SER C 411 7.92 47.75 19.98
CA SER C 411 6.68 47.33 20.63
C SER C 411 5.56 48.22 20.13
N VAL C 412 4.37 47.63 20.00
CA VAL C 412 3.20 48.33 19.50
C VAL C 412 1.96 47.72 20.13
N TRP C 413 0.98 48.58 20.42
CA TRP C 413 -0.33 48.16 20.89
C TRP C 413 -1.22 47.84 19.69
N PHE C 414 -1.72 46.59 19.61
CA PHE C 414 -2.71 46.21 18.61
C PHE C 414 -4.09 46.57 19.12
N PHE C 415 -4.78 47.39 18.35
CA PHE C 415 -6.20 47.65 18.58
C PHE C 415 -7.01 46.72 17.66
N ASN C 416 -7.90 45.93 18.26
CA ASN C 416 -8.66 44.91 17.56
C ASN C 416 -9.51 45.45 16.41
N ARG C 417 -9.43 44.80 15.25
CA ARG C 417 -10.10 45.32 14.06
C ARG C 417 -11.61 45.18 14.16
N HIS C 418 -12.10 44.22 14.93
CA HIS C 418 -13.53 44.05 15.11
C HIS C 418 -14.08 44.92 16.24
N TRP C 419 -13.39 44.94 17.40
CA TRP C 419 -13.92 45.58 18.60
C TRP C 419 -13.40 46.99 18.83
N TYR C 420 -12.30 47.40 18.20
CA TYR C 420 -11.70 48.68 18.52
C TYR C 420 -10.79 49.16 17.39
N PRO C 421 -11.33 49.42 16.18
CA PRO C 421 -10.46 49.60 15.00
C PRO C 421 -9.93 51.03 14.85
N VAL C 422 -9.20 51.49 15.84
CA VAL C 422 -8.66 52.84 15.79
C VAL C 422 -7.23 52.79 15.29
N ASP C 423 -6.76 53.92 14.73
CA ASP C 423 -5.43 53.99 14.14
C ASP C 423 -4.36 53.61 15.16
N ASP C 424 -3.56 52.60 14.81
CA ASP C 424 -2.45 52.16 15.63
C ASP C 424 -1.16 52.14 14.79
N LYS D 1 -31.53 -30.16 -12.18
CA LYS D 1 -30.09 -30.38 -12.09
C LYS D 1 -29.40 -29.30 -11.26
N ASN D 2 -30.00 -28.11 -11.18
CA ASN D 2 -29.54 -27.05 -10.30
C ASN D 2 -30.60 -26.87 -9.22
N ARG D 3 -30.29 -27.31 -8.00
CA ARG D 3 -31.23 -27.19 -6.89
C ARG D 3 -31.08 -25.87 -6.14
N ASP D 4 -30.19 -24.98 -6.60
CA ASP D 4 -30.03 -23.66 -6.02
C ASP D 4 -31.27 -22.79 -6.24
N MET D 5 -31.66 -22.09 -5.19
CA MET D 5 -32.81 -21.20 -5.24
C MET D 5 -32.60 -20.08 -6.25
N PRO D 6 -33.55 -19.84 -7.16
CA PRO D 6 -33.37 -18.82 -8.19
C PRO D 6 -33.29 -17.43 -7.59
N LEU D 7 -32.78 -16.49 -8.40
CA LEU D 7 -32.47 -15.15 -7.91
C LEU D 7 -33.70 -14.40 -7.41
N ASP D 8 -34.89 -14.66 -7.96
CA ASP D 8 -36.09 -13.97 -7.51
C ASP D 8 -36.79 -14.69 -6.36
N SER D 9 -36.12 -15.66 -5.71
CA SER D 9 -36.70 -16.30 -4.54
C SER D 9 -36.98 -15.27 -3.45
N ASP D 10 -37.96 -15.58 -2.61
CA ASP D 10 -38.37 -14.64 -1.57
C ASP D 10 -37.26 -14.41 -0.55
N VAL D 11 -36.49 -15.47 -0.23
CA VAL D 11 -35.37 -15.35 0.70
C VAL D 11 -34.29 -14.39 0.19
N PHE D 12 -34.32 -13.99 -1.08
CA PHE D 12 -33.32 -13.09 -1.63
C PHE D 12 -33.80 -11.66 -1.80
N ARG D 13 -35.03 -11.33 -1.40
CA ARG D 13 -35.56 -10.00 -1.68
C ARG D 13 -34.71 -8.89 -1.06
N VAL D 14 -34.67 -7.76 -1.75
CA VAL D 14 -33.86 -6.62 -1.35
C VAL D 14 -34.68 -5.76 -0.39
N PRO D 15 -34.21 -5.51 0.83
CA PRO D 15 -34.91 -4.58 1.72
C PRO D 15 -35.12 -3.24 1.05
N PRO D 16 -36.36 -2.75 1.01
CA PRO D 16 -36.66 -1.53 0.25
C PRO D 16 -36.15 -0.27 0.93
N GLY D 17 -36.02 0.77 0.12
CA GLY D 17 -35.63 2.09 0.56
C GLY D 17 -34.22 2.44 0.10
N TYR D 18 -33.98 3.75 -0.02
CA TYR D 18 -32.73 4.21 -0.60
C TYR D 18 -31.56 3.84 0.32
N ASN D 19 -30.60 3.08 -0.22
CA ASN D 19 -29.41 2.63 0.50
C ASN D 19 -29.77 1.86 1.77
N ALA D 20 -30.83 1.07 1.70
CA ALA D 20 -31.23 0.24 2.83
C ALA D 20 -30.15 -0.81 3.12
N PRO D 21 -29.62 -0.87 4.34
CA PRO D 21 -28.72 -1.97 4.73
C PRO D 21 -29.34 -3.32 4.40
N GLN D 22 -28.50 -4.23 3.93
CA GLN D 22 -28.89 -5.60 3.67
C GLN D 22 -27.72 -6.49 4.08
N GLN D 23 -27.95 -7.81 3.99
CA GLN D 23 -26.94 -8.80 4.33
C GLN D 23 -26.46 -8.59 5.76
N VAL D 24 -27.38 -8.23 6.64
CA VAL D 24 -27.01 -7.87 8.01
C VAL D 24 -26.61 -9.13 8.76
N HIS D 25 -25.50 -9.05 9.50
CA HIS D 25 -25.08 -10.22 10.28
C HIS D 25 -24.19 -9.78 11.43
N ILE D 26 -24.22 -10.59 12.51
CA ILE D 26 -23.50 -10.31 13.75
C ILE D 26 -22.68 -11.53 14.18
N THR D 27 -21.63 -11.28 14.94
CA THR D 27 -20.87 -12.36 15.57
C THR D 27 -20.19 -11.81 16.82
N GLN D 28 -19.80 -12.72 17.71
CA GLN D 28 -19.16 -12.31 18.95
C GLN D 28 -17.90 -11.51 18.63
N GLY D 29 -17.76 -10.37 19.29
CA GLY D 29 -16.72 -9.41 18.94
C GLY D 29 -15.60 -9.28 19.93
N ASP D 30 -15.56 -10.11 20.98
CA ASP D 30 -14.48 -10.10 21.95
C ASP D 30 -14.26 -11.53 22.42
N LEU D 31 -13.44 -11.69 23.47
CA LEU D 31 -13.10 -13.02 23.95
C LEU D 31 -14.15 -13.64 24.86
N VAL D 32 -14.85 -12.85 25.68
CA VAL D 32 -15.81 -13.41 26.64
C VAL D 32 -17.27 -13.06 26.37
N GLY D 33 -17.58 -12.20 25.41
CA GLY D 33 -18.95 -12.00 24.98
C GLY D 33 -19.61 -10.68 25.37
N ARG D 34 -18.85 -9.65 25.72
CA ARG D 34 -19.38 -8.31 25.98
C ARG D 34 -19.36 -7.43 24.73
N ALA D 35 -19.07 -7.99 23.55
CA ALA D 35 -18.92 -7.20 22.36
C ALA D 35 -19.50 -7.97 21.18
N MET D 36 -19.90 -7.23 20.16
CA MET D 36 -20.52 -7.83 18.99
C MET D 36 -20.03 -7.10 17.75
N ILE D 37 -19.60 -7.85 16.73
CA ILE D 37 -19.30 -7.25 15.43
C ILE D 37 -20.60 -7.17 14.65
N ILE D 38 -20.98 -5.97 14.22
CA ILE D 38 -22.15 -5.77 13.39
C ILE D 38 -21.70 -5.50 11.95
N SER D 39 -22.16 -6.33 11.02
CA SER D 39 -21.77 -6.24 9.62
C SER D 39 -22.98 -6.11 8.72
N TRP D 40 -22.85 -5.30 7.66
CA TRP D 40 -23.91 -5.19 6.66
C TRP D 40 -23.35 -4.59 5.37
N VAL D 41 -24.18 -4.63 4.32
CA VAL D 41 -23.84 -4.09 3.01
C VAL D 41 -24.86 -3.02 2.63
N THR D 42 -24.36 -1.92 2.06
CA THR D 42 -25.20 -0.94 1.37
C THR D 42 -24.81 -0.91 -0.10
N MET D 43 -25.81 -0.83 -0.98
CA MET D 43 -25.56 -0.99 -2.41
C MET D 43 -25.56 0.31 -3.19
N ASP D 44 -26.23 1.36 -2.70
CA ASP D 44 -26.46 2.55 -3.51
C ASP D 44 -25.40 3.61 -3.31
N GLU D 45 -24.86 3.74 -2.10
CA GLU D 45 -23.76 4.64 -1.84
C GLU D 45 -23.10 4.20 -0.54
N PRO D 46 -21.88 4.70 -0.25
CA PRO D 46 -21.14 4.17 0.92
C PRO D 46 -21.92 4.19 2.21
N GLY D 47 -22.55 5.30 2.54
CA GLY D 47 -23.34 5.39 3.76
C GLY D 47 -22.48 5.39 5.01
N SER D 48 -23.15 5.34 6.15
CA SER D 48 -22.49 5.45 7.44
C SER D 48 -22.18 4.07 8.02
N SER D 49 -21.04 3.96 8.71
CA SER D 49 -20.72 2.78 9.51
C SER D 49 -21.13 2.92 10.97
N ALA D 50 -21.95 3.91 11.30
CA ALA D 50 -22.43 4.08 12.66
C ALA D 50 -23.49 3.03 12.96
N VAL D 51 -23.40 2.45 14.15
CA VAL D 51 -24.45 1.57 14.65
C VAL D 51 -25.06 2.23 15.88
N ARG D 52 -26.38 2.32 15.90
CA ARG D 52 -27.09 2.82 17.07
C ARG D 52 -27.60 1.61 17.83
N TYR D 53 -27.40 1.59 19.15
CA TYR D 53 -27.82 0.45 19.95
C TYR D 53 -28.20 0.90 21.35
N TRP D 54 -29.05 0.11 22.00
CA TRP D 54 -29.48 0.40 23.37
C TRP D 54 -30.10 -0.85 23.97
N SER D 55 -29.95 -1.01 25.28
CA SER D 55 -30.58 -2.13 25.97
C SER D 55 -32.06 -1.86 26.18
N GLU D 56 -32.86 -2.94 26.10
CA GLU D 56 -34.31 -2.80 26.13
C GLU D 56 -34.83 -2.25 27.46
N LYS D 57 -34.03 -2.32 28.52
CA LYS D 57 -34.46 -1.83 29.82
C LYS D 57 -33.93 -0.43 30.13
N ASN D 58 -32.61 -0.24 30.11
CA ASN D 58 -32.01 1.13 30.40
C ASN D 58 -32.44 2.08 29.28
N GLY D 59 -32.04 1.84 28.04
CA GLY D 59 -32.49 2.63 26.91
C GLY D 59 -31.67 3.85 26.57
N ARG D 60 -30.48 4.01 27.15
CA ARG D 60 -29.65 5.12 26.72
C ARG D 60 -29.17 4.66 25.34
N LYS D 61 -29.32 5.53 24.35
CA LYS D 61 -28.94 5.19 23.00
C LYS D 61 -27.50 5.63 22.73
N ARG D 62 -26.67 4.67 22.33
CA ARG D 62 -25.25 4.88 22.04
C ARG D 62 -24.99 4.69 20.56
N ILE D 63 -23.92 5.32 20.09
CA ILE D 63 -23.44 5.18 18.72
C ILE D 63 -22.09 4.50 18.74
N ALA D 64 -21.91 3.53 17.86
CA ALA D 64 -20.59 2.95 17.61
C ALA D 64 -20.20 3.19 16.17
N LYS D 65 -18.95 3.60 15.95
CA LYS D 65 -18.44 3.86 14.62
C LYS D 65 -17.54 2.72 14.16
N GLY D 66 -17.73 2.25 12.94
CA GLY D 66 -16.89 1.21 12.38
C GLY D 66 -16.25 1.59 11.05
N LYS D 67 -16.06 0.60 10.17
CA LYS D 67 -15.22 0.78 8.99
C LYS D 67 -15.94 0.27 7.76
N MET D 68 -15.73 0.98 6.64
CA MET D 68 -16.31 0.64 5.36
C MET D 68 -15.22 0.10 4.43
N SER D 69 -15.57 -0.91 3.64
CA SER D 69 -14.60 -1.43 2.67
C SER D 69 -15.31 -1.96 1.42
N THR D 70 -14.53 -2.16 0.36
CA THR D 70 -15.00 -2.76 -0.87
C THR D 70 -13.92 -3.66 -1.46
N TYR D 71 -14.32 -4.53 -2.37
CA TYR D 71 -13.37 -5.38 -3.04
C TYR D 71 -13.89 -5.67 -4.44
N ARG D 72 -12.98 -6.09 -5.32
CA ARG D 72 -13.36 -6.60 -6.62
C ARG D 72 -12.97 -8.07 -6.72
N PHE D 73 -13.61 -8.77 -7.65
CA PHE D 73 -13.27 -10.16 -7.92
C PHE D 73 -13.62 -10.42 -9.37
N PHE D 74 -12.61 -10.50 -10.23
CA PHE D 74 -12.76 -10.60 -11.68
C PHE D 74 -13.61 -9.40 -12.11
N ASN D 75 -14.75 -9.59 -12.79
CA ASN D 75 -15.57 -8.45 -13.25
C ASN D 75 -16.65 -8.05 -12.24
N TYR D 76 -16.61 -8.57 -11.02
CA TYR D 76 -17.56 -8.22 -9.95
C TYR D 76 -16.96 -7.14 -9.07
N SER D 77 -17.75 -6.12 -8.77
CA SER D 77 -17.40 -5.10 -7.79
C SER D 77 -18.38 -5.20 -6.63
N SER D 78 -17.87 -5.18 -5.42
CA SER D 78 -18.78 -5.37 -4.29
C SER D 78 -19.53 -4.09 -3.99
N GLY D 79 -20.60 -4.23 -3.22
CA GLY D 79 -21.19 -3.09 -2.55
C GLY D 79 -20.25 -2.59 -1.47
N PHE D 80 -20.80 -1.73 -0.60
CA PHE D 80 -20.02 -1.10 0.45
C PHE D 80 -20.28 -1.85 1.75
N ILE D 81 -19.25 -2.54 2.22
CA ILE D 81 -19.32 -3.51 3.32
C ILE D 81 -18.95 -2.78 4.59
N HIS D 82 -19.77 -2.92 5.62
CA HIS D 82 -19.57 -2.23 6.90
C HIS D 82 -19.29 -3.24 8.01
N HIS D 83 -18.32 -2.92 8.88
CA HIS D 83 -18.04 -3.73 10.06
C HIS D 83 -17.83 -2.80 11.25
N THR D 84 -18.61 -3.01 12.31
CA THR D 84 -18.60 -2.14 13.48
C THR D 84 -18.75 -2.97 14.74
N THR D 85 -17.82 -2.81 15.66
CA THR D 85 -17.83 -3.55 16.91
C THR D 85 -18.45 -2.70 18.01
N ILE D 86 -19.56 -3.19 18.58
CA ILE D 86 -20.15 -2.63 19.80
C ILE D 86 -19.47 -3.31 20.97
N ARG D 87 -19.05 -2.54 21.98
CA ARG D 87 -18.28 -3.10 23.10
C ARG D 87 -18.92 -2.78 24.45
N LYS D 88 -18.35 -3.39 25.50
CA LYS D 88 -18.77 -3.16 26.89
C LYS D 88 -20.27 -3.39 27.10
N LEU D 89 -20.83 -4.36 26.40
CA LEU D 89 -22.24 -4.68 26.58
C LEU D 89 -22.44 -5.41 27.91
N LYS D 90 -23.64 -5.30 28.46
CA LYS D 90 -23.98 -6.03 29.68
C LYS D 90 -24.30 -7.47 29.34
N TYR D 91 -23.99 -8.36 30.29
CA TYR D 91 -24.31 -9.77 30.11
C TYR D 91 -25.80 -10.01 30.20
N ASN D 92 -26.27 -11.02 29.47
CA ASN D 92 -27.62 -11.53 29.60
C ASN D 92 -28.66 -10.42 29.39
N THR D 93 -28.37 -9.51 28.46
CA THR D 93 -29.24 -8.37 28.20
C THR D 93 -29.64 -8.33 26.74
N LYS D 94 -30.94 -8.12 26.49
CA LYS D 94 -31.43 -7.89 25.15
C LYS D 94 -31.08 -6.48 24.70
N TYR D 95 -30.48 -6.37 23.53
CA TYR D 95 -30.14 -5.08 22.95
C TYR D 95 -30.87 -4.91 21.63
N TYR D 96 -31.22 -3.68 21.34
CA TYR D 96 -31.63 -3.30 19.99
C TYR D 96 -30.45 -2.59 19.33
N TYR D 97 -30.31 -2.77 18.03
CA TYR D 97 -29.31 -2.05 17.28
C TYR D 97 -29.91 -1.63 15.94
N GLU D 98 -29.41 -0.51 15.43
CA GLU D 98 -29.90 0.07 14.17
C GLU D 98 -28.72 0.37 13.25
N VAL D 99 -28.92 0.10 11.96
CA VAL D 99 -27.94 0.37 10.92
C VAL D 99 -28.63 1.13 9.79
N GLY D 100 -27.85 1.94 9.08
CA GLY D 100 -28.35 2.74 7.99
C GLY D 100 -28.82 4.11 8.43
N LEU D 101 -28.06 4.74 9.35
CA LEU D 101 -28.56 5.90 10.09
C LEU D 101 -28.75 7.15 9.22
N ARG D 102 -28.09 7.25 8.07
CA ARG D 102 -28.19 8.43 7.22
C ARG D 102 -29.39 8.42 6.27
N ASN D 103 -29.88 7.24 5.87
CA ASN D 103 -30.96 7.17 4.88
C ASN D 103 -32.09 6.23 5.29
N THR D 104 -31.93 4.92 5.13
CA THR D 104 -33.00 3.96 5.43
C THR D 104 -32.59 3.09 6.62
N THR D 105 -33.12 3.41 7.80
CA THR D 105 -32.74 2.71 9.01
C THR D 105 -33.46 1.38 9.11
N ARG D 106 -32.73 0.35 9.54
CA ARG D 106 -33.28 -0.96 9.82
C ARG D 106 -32.87 -1.36 11.23
N ARG D 107 -33.79 -1.96 11.96
CA ARG D 107 -33.59 -2.25 13.37
C ARG D 107 -33.64 -3.75 13.61
N PHE D 108 -32.76 -4.23 14.48
CA PHE D 108 -32.64 -5.63 14.81
C PHE D 108 -32.46 -5.74 16.33
N SER D 109 -32.20 -6.94 16.82
CA SER D 109 -31.93 -7.12 18.23
C SER D 109 -31.16 -8.42 18.44
N PHE D 110 -30.46 -8.49 19.56
CA PHE D 110 -29.74 -9.68 19.98
C PHE D 110 -29.73 -9.71 21.50
N ILE D 111 -29.46 -10.89 22.04
CA ILE D 111 -29.35 -11.07 23.49
C ILE D 111 -27.91 -11.46 23.82
N THR D 112 -27.23 -10.67 24.65
CA THR D 112 -25.89 -11.07 25.05
C THR D 112 -25.94 -12.34 25.91
N PRO D 113 -24.91 -13.18 25.84
CA PRO D 113 -24.89 -14.39 26.66
C PRO D 113 -24.68 -14.07 28.13
N PRO D 114 -24.94 -15.02 29.02
CA PRO D 114 -24.50 -14.84 30.41
C PRO D 114 -22.98 -14.69 30.47
N GLN D 115 -22.51 -14.22 31.62
CA GLN D 115 -21.07 -14.18 31.86
C GLN D 115 -20.52 -15.61 31.84
N THR D 116 -19.29 -15.76 31.33
CA THR D 116 -18.67 -17.09 31.32
C THR D 116 -18.66 -17.67 32.73
N GLY D 117 -18.87 -18.98 32.83
CA GLY D 117 -18.87 -19.62 34.13
C GLY D 117 -19.01 -21.11 34.02
N LEU D 118 -18.72 -21.77 35.15
CA LEU D 118 -18.61 -23.23 35.16
C LEU D 118 -19.91 -23.93 34.77
N ASP D 119 -21.06 -23.43 35.26
CA ASP D 119 -22.32 -24.15 35.14
C ASP D 119 -23.35 -23.42 34.28
N VAL D 120 -22.91 -22.45 33.48
CA VAL D 120 -23.79 -21.64 32.65
C VAL D 120 -24.33 -22.52 31.52
N PRO D 121 -25.65 -22.71 31.44
CA PRO D 121 -26.23 -23.41 30.28
C PRO D 121 -26.29 -22.51 29.07
N TYR D 122 -26.27 -23.14 27.89
CA TYR D 122 -26.33 -22.42 26.62
C TYR D 122 -26.60 -23.42 25.51
N THR D 123 -27.28 -22.95 24.46
CA THR D 123 -27.68 -23.83 23.36
C THR D 123 -27.08 -23.35 22.05
N PHE D 124 -26.29 -24.22 21.44
CA PHE D 124 -25.57 -23.94 20.21
C PHE D 124 -26.20 -24.72 19.07
N GLY D 125 -26.45 -24.07 17.96
CA GLY D 125 -26.73 -24.78 16.74
C GLY D 125 -25.44 -25.20 16.05
N LEU D 126 -25.50 -26.36 15.41
CA LEU D 126 -24.45 -26.82 14.52
C LEU D 126 -25.00 -26.88 13.12
N ILE D 127 -24.38 -26.11 12.23
CA ILE D 127 -24.75 -26.02 10.82
C ILE D 127 -23.45 -26.08 10.04
N GLY D 128 -23.43 -26.89 8.98
CA GLY D 128 -22.27 -26.97 8.11
C GLY D 128 -22.67 -27.01 6.65
N ASP D 129 -21.87 -26.36 5.81
CA ASP D 129 -21.97 -26.51 4.36
C ASP D 129 -23.38 -26.15 3.89
N LEU D 130 -23.77 -24.92 4.21
CA LEU D 130 -25.17 -24.51 4.07
C LEU D 130 -25.57 -24.34 2.61
N GLY D 131 -24.86 -23.48 1.88
CA GLY D 131 -25.27 -23.16 0.53
C GLY D 131 -26.59 -22.39 0.51
N GLN D 132 -27.16 -22.30 -0.67
CA GLN D 132 -28.42 -21.59 -0.87
C GLN D 132 -29.36 -22.37 -1.80
N SER D 133 -29.41 -23.69 -1.64
CA SER D 133 -30.39 -24.52 -2.32
C SER D 133 -31.64 -24.64 -1.45
N PHE D 134 -32.69 -25.29 -1.98
CA PHE D 134 -33.94 -25.42 -1.24
C PHE D 134 -33.75 -26.24 0.02
N ASP D 135 -32.88 -27.26 -0.03
CA ASP D 135 -32.54 -27.99 1.19
C ASP D 135 -31.96 -27.06 2.25
N SER D 136 -31.10 -26.12 1.84
CA SER D 136 -30.55 -25.13 2.76
C SER D 136 -31.65 -24.37 3.47
N ASN D 137 -32.65 -23.90 2.71
CA ASN D 137 -33.76 -23.15 3.30
C ASN D 137 -34.53 -24.00 4.31
N THR D 138 -34.69 -25.29 4.04
CA THR D 138 -35.39 -26.16 4.97
C THR D 138 -34.59 -26.32 6.25
N THR D 139 -33.28 -26.53 6.13
CA THR D 139 -32.44 -26.67 7.32
C THR D 139 -32.53 -25.44 8.20
N LEU D 140 -32.44 -24.26 7.59
CA LEU D 140 -32.50 -23.03 8.37
C LEU D 140 -33.86 -22.88 9.03
N SER D 141 -34.93 -23.30 8.34
CA SER D 141 -36.25 -23.28 8.96
C SER D 141 -36.30 -24.26 10.12
N HIS D 142 -35.79 -25.48 9.92
CA HIS D 142 -35.78 -26.46 11.02
C HIS D 142 -35.01 -25.94 12.22
N TYR D 143 -33.92 -25.19 11.98
CA TYR D 143 -33.18 -24.63 13.11
C TYR D 143 -33.97 -23.52 13.79
N GLU D 144 -34.51 -22.57 13.03
CA GLU D 144 -35.30 -21.49 13.62
C GLU D 144 -36.50 -22.01 14.40
N LEU D 145 -37.08 -23.12 13.98
CA LEU D 145 -38.27 -23.66 14.62
C LEU D 145 -37.95 -24.67 15.71
N SER D 146 -36.68 -24.82 16.07
CA SER D 146 -36.33 -25.88 17.01
C SER D 146 -36.92 -25.58 18.37
N PRO D 147 -37.63 -26.51 18.99
CA PRO D 147 -38.07 -26.29 20.38
C PRO D 147 -36.89 -26.14 21.33
N LYS D 148 -35.77 -26.81 21.05
CA LYS D 148 -34.55 -26.62 21.82
C LYS D 148 -34.13 -25.15 21.86
N LYS D 149 -34.44 -24.39 20.81
CA LYS D 149 -34.26 -22.93 20.76
C LYS D 149 -32.80 -22.47 20.80
N GLY D 150 -32.14 -22.46 19.63
CA GLY D 150 -30.71 -22.19 19.58
C GLY D 150 -30.36 -20.71 19.69
N GLN D 151 -29.26 -20.44 20.41
CA GLN D 151 -28.83 -19.09 20.77
C GLN D 151 -27.59 -18.61 20.05
N THR D 152 -26.77 -19.52 19.51
CA THR D 152 -25.59 -19.19 18.72
C THR D 152 -25.34 -20.35 17.79
N VAL D 153 -24.97 -20.06 16.55
CA VAL D 153 -24.70 -21.10 15.56
C VAL D 153 -23.20 -21.25 15.45
N LEU D 154 -22.72 -22.48 15.54
CA LEU D 154 -21.34 -22.79 15.24
C LEU D 154 -21.33 -23.29 13.79
N PHE D 155 -20.79 -22.48 12.87
CA PHE D 155 -20.83 -22.76 11.44
C PHE D 155 -19.49 -23.32 11.00
N VAL D 156 -19.49 -24.57 10.49
CA VAL D 156 -18.23 -25.27 10.29
C VAL D 156 -17.77 -25.19 8.84
N GLY D 157 -18.15 -24.12 8.15
CA GLY D 157 -17.53 -23.79 6.89
C GLY D 157 -18.34 -24.24 5.69
N ASP D 158 -17.91 -23.74 4.51
CA ASP D 158 -18.62 -23.83 3.24
C ASP D 158 -19.95 -23.09 3.30
N LEU D 159 -19.89 -21.79 2.98
CA LEU D 159 -20.98 -20.85 3.21
C LEU D 159 -21.92 -20.71 2.01
N SER D 160 -21.54 -19.91 1.02
CA SER D 160 -22.45 -19.55 -0.06
C SER D 160 -22.36 -20.48 -1.25
N TYR D 161 -21.20 -21.11 -1.45
CA TYR D 161 -20.95 -21.94 -2.62
C TYR D 161 -20.95 -21.12 -3.90
N ALA D 162 -20.65 -19.82 -3.80
CA ALA D 162 -20.65 -18.95 -4.97
C ALA D 162 -19.54 -19.34 -5.95
N ASP D 163 -18.44 -19.95 -5.46
CA ASP D 163 -17.37 -20.34 -6.38
C ASP D 163 -17.81 -21.41 -7.36
N ARG D 164 -19.03 -21.96 -7.23
CA ARG D 164 -19.52 -22.89 -8.24
C ARG D 164 -20.04 -22.18 -9.48
N TYR D 165 -20.39 -20.92 -9.38
CA TYR D 165 -20.92 -20.18 -10.52
C TYR D 165 -19.78 -19.70 -11.41
N PRO D 166 -20.09 -19.35 -12.69
CA PRO D 166 -19.04 -18.85 -13.59
C PRO D 166 -18.27 -17.67 -12.99
N ASN D 167 -16.96 -17.81 -12.91
CA ASN D 167 -16.08 -16.81 -12.30
C ASN D 167 -16.42 -16.57 -10.83
N HIS D 168 -16.99 -17.59 -10.17
CA HIS D 168 -17.36 -17.53 -8.75
C HIS D 168 -18.44 -16.49 -8.49
N ASP D 169 -19.27 -16.18 -9.50
CA ASP D 169 -20.24 -15.08 -9.51
C ASP D 169 -20.61 -14.61 -8.10
N ASN D 170 -19.89 -13.59 -7.62
CA ASN D 170 -20.01 -13.16 -6.23
C ASN D 170 -21.36 -12.56 -5.90
N VAL D 171 -22.21 -12.29 -6.91
CA VAL D 171 -23.62 -12.01 -6.65
C VAL D 171 -24.22 -13.07 -5.74
N ARG D 172 -23.70 -14.31 -5.79
CA ARG D 172 -24.18 -15.37 -4.93
C ARG D 172 -23.67 -15.26 -3.48
N TRP D 173 -22.65 -14.46 -3.20
CA TRP D 173 -22.42 -14.05 -1.82
C TRP D 173 -23.49 -13.06 -1.36
N ASP D 174 -23.87 -12.12 -2.23
CA ASP D 174 -24.89 -11.15 -1.85
C ASP D 174 -26.21 -11.83 -1.54
N THR D 175 -26.63 -12.79 -2.38
CA THR D 175 -27.88 -13.50 -2.12
C THR D 175 -27.80 -14.34 -0.83
N TRP D 176 -26.66 -14.99 -0.58
CA TRP D 176 -26.51 -15.73 0.66
C TRP D 176 -26.59 -14.79 1.85
N GLY D 177 -25.94 -13.62 1.75
CA GLY D 177 -26.03 -12.62 2.81
C GLY D 177 -27.47 -12.29 3.18
N ARG D 178 -28.29 -11.99 2.19
CA ARG D 178 -29.68 -11.60 2.43
C ARG D 178 -30.51 -12.78 2.94
N PHE D 179 -30.20 -14.01 2.48
CA PHE D 179 -30.97 -15.19 2.86
C PHE D 179 -30.70 -15.61 4.30
N THR D 180 -29.44 -15.67 4.73
CA THR D 180 -29.19 -16.05 6.12
C THR D 180 -29.49 -14.95 7.13
N GLU D 181 -29.80 -13.73 6.66
CA GLU D 181 -30.00 -12.60 7.56
C GLU D 181 -31.05 -12.85 8.63
N ARG D 182 -32.12 -13.58 8.29
CA ARG D 182 -33.22 -13.74 9.23
C ARG D 182 -32.83 -14.50 10.49
N SER D 183 -31.67 -15.16 10.47
CA SER D 183 -31.08 -15.78 11.65
C SER D 183 -29.92 -14.94 12.20
N VAL D 184 -28.88 -14.72 11.39
CA VAL D 184 -27.62 -14.21 11.91
C VAL D 184 -27.64 -12.72 12.21
N ALA D 185 -28.65 -11.98 11.73
CA ALA D 185 -28.83 -10.62 12.25
C ALA D 185 -29.26 -10.59 13.72
N TYR D 186 -29.89 -11.65 14.22
CA TYR D 186 -30.47 -11.66 15.56
C TYR D 186 -29.72 -12.52 16.57
N GLN D 187 -28.70 -13.27 16.13
CA GLN D 187 -27.89 -14.08 17.03
C GLN D 187 -26.57 -14.36 16.33
N PRO D 188 -25.47 -14.46 17.08
CA PRO D 188 -24.17 -14.62 16.42
C PRO D 188 -24.03 -15.97 15.73
N TRP D 189 -23.39 -15.95 14.57
CA TRP D 189 -22.85 -17.16 13.95
C TRP D 189 -21.32 -17.14 14.08
N ILE D 190 -20.74 -18.28 14.46
CA ILE D 190 -19.30 -18.38 14.71
C ILE D 190 -18.67 -19.03 13.48
N TRP D 191 -17.88 -18.26 12.74
CA TRP D 191 -17.47 -18.62 11.37
C TRP D 191 -16.18 -19.46 11.31
N THR D 192 -16.27 -20.59 10.62
CA THR D 192 -15.14 -21.45 10.24
C THR D 192 -14.96 -21.39 8.73
N ALA D 193 -13.72 -21.38 8.26
CA ALA D 193 -13.45 -21.23 6.82
C ALA D 193 -13.34 -22.61 6.18
N GLY D 194 -14.16 -22.87 5.17
CA GLY D 194 -14.13 -24.13 4.45
C GLY D 194 -13.41 -24.01 3.11
N ASN D 195 -13.42 -25.11 2.36
CA ASN D 195 -12.69 -25.09 1.09
C ASN D 195 -13.39 -24.23 0.03
N HIS D 196 -14.71 -24.05 0.13
CA HIS D 196 -15.38 -23.15 -0.78
C HIS D 196 -15.14 -21.67 -0.47
N GLU D 197 -14.41 -21.36 0.60
CA GLU D 197 -14.00 -19.98 0.86
C GLU D 197 -12.61 -19.64 0.34
N ILE D 198 -11.77 -20.64 -0.02
CA ILE D 198 -10.41 -20.36 -0.51
C ILE D 198 -10.48 -19.46 -1.75
N GLU D 199 -11.32 -19.84 -2.71
CA GLU D 199 -11.52 -19.13 -3.97
C GLU D 199 -10.20 -18.78 -4.64
N PHE D 200 -9.31 -19.75 -4.66
CA PHE D 200 -8.08 -19.65 -5.42
C PHE D 200 -8.38 -19.91 -6.89
N ALA D 201 -8.32 -18.87 -7.72
CA ALA D 201 -8.67 -18.97 -9.14
C ALA D 201 -7.63 -18.22 -9.96
N PRO D 202 -6.46 -18.80 -10.15
CA PRO D 202 -5.41 -18.08 -10.90
C PRO D 202 -5.77 -17.90 -12.36
N GLU D 203 -6.67 -18.72 -12.89
CA GLU D 203 -7.04 -18.59 -14.30
C GLU D 203 -7.78 -17.28 -14.57
N ILE D 204 -8.36 -16.64 -13.54
CA ILE D 204 -8.94 -15.32 -13.72
C ILE D 204 -8.22 -14.32 -12.82
N ASN D 205 -6.97 -14.59 -12.58
CA ASN D 205 -6.12 -13.69 -11.84
C ASN D 205 -6.59 -13.26 -10.46
N GLU D 206 -7.28 -14.15 -9.79
CA GLU D 206 -7.68 -14.02 -8.39
C GLU D 206 -6.96 -15.10 -7.59
N THR D 207 -5.83 -14.74 -6.97
CA THR D 207 -4.99 -15.70 -6.28
C THR D 207 -4.87 -15.41 -4.79
N GLU D 208 -5.66 -14.49 -4.23
CA GLU D 208 -5.58 -14.20 -2.80
C GLU D 208 -6.57 -15.09 -2.05
N PRO D 209 -6.12 -16.05 -1.25
CA PRO D 209 -7.06 -17.00 -0.65
C PRO D 209 -7.98 -16.33 0.35
N PHE D 210 -9.23 -16.80 0.34
CA PHE D 210 -10.30 -16.37 1.25
C PHE D 210 -10.68 -14.91 1.05
N LYS D 211 -10.32 -14.29 -0.07
CA LYS D 211 -10.55 -12.85 -0.19
C LYS D 211 -12.02 -12.46 -0.03
N PRO D 212 -12.97 -12.96 -0.85
CA PRO D 212 -14.36 -12.49 -0.67
C PRO D 212 -14.92 -12.79 0.71
N PHE D 213 -14.70 -14.01 1.20
CA PHE D 213 -15.19 -14.39 2.53
C PHE D 213 -14.60 -13.49 3.62
N SER D 214 -13.28 -13.29 3.59
CA SER D 214 -12.61 -12.51 4.62
C SER D 214 -13.08 -11.06 4.63
N TYR D 215 -13.39 -10.49 3.45
CA TYR D 215 -13.92 -9.13 3.41
C TYR D 215 -15.32 -9.04 4.01
N ARG D 216 -16.12 -10.11 3.86
CA ARG D 216 -17.52 -10.09 4.24
C ARG D 216 -17.79 -10.60 5.65
N TYR D 217 -16.99 -11.55 6.15
CA TYR D 217 -17.22 -12.15 7.46
C TYR D 217 -15.99 -11.95 8.32
N HIS D 218 -16.06 -10.95 9.20
CA HIS D 218 -14.99 -10.68 10.15
C HIS D 218 -15.18 -11.51 11.41
N VAL D 219 -14.06 -11.75 12.09
CA VAL D 219 -14.03 -12.49 13.36
C VAL D 219 -13.11 -11.78 14.33
N PRO D 220 -13.32 -11.96 15.65
CA PRO D 220 -12.50 -11.25 16.63
C PRO D 220 -11.20 -11.98 16.93
N TYR D 221 -10.38 -12.19 15.90
CA TYR D 221 -9.23 -13.09 16.08
C TYR D 221 -8.13 -12.46 16.95
N GLU D 222 -8.03 -11.14 16.94
CA GLU D 222 -7.04 -10.46 17.77
C GLU D 222 -7.29 -10.73 19.24
N ALA D 223 -8.55 -10.98 19.63
CA ALA D 223 -8.89 -11.10 21.05
C ALA D 223 -8.21 -12.28 21.71
N SER D 224 -7.91 -13.34 20.95
CA SER D 224 -7.14 -14.48 21.45
C SER D 224 -5.69 -14.45 20.96
N GLN D 225 -5.23 -13.27 20.51
CA GLN D 225 -3.87 -13.05 20.03
C GLN D 225 -3.52 -13.98 18.87
N SER D 226 -4.50 -14.24 18.01
CA SER D 226 -4.19 -14.80 16.70
C SER D 226 -3.79 -13.69 15.73
N THR D 227 -2.90 -14.03 14.81
CA THR D 227 -2.48 -13.08 13.78
C THR D 227 -3.24 -13.27 12.46
N SER D 228 -4.23 -14.17 12.44
CA SER D 228 -5.00 -14.49 11.24
C SER D 228 -6.48 -14.63 11.57
N PRO D 229 -7.35 -14.12 10.70
CA PRO D 229 -8.79 -14.34 10.90
C PRO D 229 -9.22 -15.80 10.78
N PHE D 230 -8.40 -16.68 10.21
CA PHE D 230 -8.82 -18.04 9.89
C PHE D 230 -8.61 -19.03 11.02
N TRP D 231 -7.95 -18.64 12.12
CA TRP D 231 -7.98 -19.43 13.34
C TRP D 231 -8.09 -18.48 14.53
N TYR D 232 -8.84 -18.89 15.55
CA TYR D 232 -9.14 -18.01 16.69
C TYR D 232 -9.98 -18.81 17.69
N SER D 233 -10.09 -18.28 18.91
CA SER D 233 -10.98 -18.84 19.91
C SER D 233 -11.90 -17.77 20.46
N ILE D 234 -13.03 -18.21 21.01
CA ILE D 234 -13.92 -17.38 21.81
C ILE D 234 -14.37 -18.19 23.02
N LYS D 235 -14.74 -17.48 24.08
CA LYS D 235 -15.45 -18.08 25.20
C LYS D 235 -16.89 -17.55 25.25
N ARG D 236 -17.85 -18.45 25.38
CA ARG D 236 -19.25 -18.05 25.48
C ARG D 236 -19.92 -18.96 26.48
N ALA D 237 -20.53 -18.36 27.51
CA ALA D 237 -21.21 -19.10 28.57
C ALA D 237 -20.18 -20.06 29.16
N SER D 238 -20.40 -21.37 29.15
CA SER D 238 -19.45 -22.34 29.70
C SER D 238 -18.64 -23.05 28.62
N ALA D 239 -18.55 -22.49 27.42
CA ALA D 239 -17.79 -23.11 26.35
C ALA D 239 -16.56 -22.30 26.00
N HIS D 240 -15.46 -23.00 25.75
CA HIS D 240 -14.26 -22.47 25.13
C HIS D 240 -14.21 -23.07 23.72
N ILE D 241 -14.34 -22.22 22.70
CA ILE D 241 -14.50 -22.68 21.32
C ILE D 241 -13.24 -22.31 20.55
N ILE D 242 -12.60 -23.30 19.94
CA ILE D 242 -11.36 -23.12 19.18
C ILE D 242 -11.66 -23.36 17.71
N VAL D 243 -11.32 -22.38 16.87
CA VAL D 243 -11.66 -22.36 15.45
C VAL D 243 -10.36 -22.50 14.65
N LEU D 244 -10.25 -23.56 13.85
CA LEU D 244 -9.05 -23.83 13.10
C LEU D 244 -9.34 -23.80 11.61
N SER D 245 -8.27 -23.70 10.82
CA SER D 245 -8.35 -23.52 9.38
C SER D 245 -7.73 -24.73 8.68
N SER D 246 -8.58 -25.59 8.12
CA SER D 246 -8.08 -26.76 7.42
C SER D 246 -7.18 -26.40 6.26
N TYR D 247 -7.40 -25.23 5.63
CA TYR D 247 -6.71 -24.86 4.40
C TYR D 247 -5.71 -23.71 4.61
N SER D 248 -5.24 -23.53 5.84
CA SER D 248 -4.03 -22.77 6.14
C SER D 248 -2.93 -23.73 6.58
N ALA D 249 -1.71 -23.20 6.71
CA ALA D 249 -0.61 -24.02 7.17
C ALA D 249 -0.81 -24.43 8.62
N TYR D 250 -0.41 -25.65 8.96
CA TYR D 250 -0.32 -26.05 10.36
C TYR D 250 0.93 -26.89 10.58
N GLY D 251 1.96 -26.67 9.76
CA GLY D 251 3.25 -27.28 10.03
C GLY D 251 3.82 -26.83 11.36
N ARG D 252 4.66 -27.67 11.94
CA ARG D 252 5.39 -27.25 13.12
C ARG D 252 6.07 -25.91 12.88
N GLY D 253 5.92 -25.00 13.85
CA GLY D 253 6.50 -23.68 13.76
C GLY D 253 5.72 -22.69 12.92
N THR D 254 4.68 -23.12 12.21
CA THR D 254 3.85 -22.18 11.48
C THR D 254 3.01 -21.37 12.46
N PRO D 255 2.46 -20.24 11.99
CA PRO D 255 1.63 -19.42 12.89
C PRO D 255 0.44 -20.17 13.49
N GLN D 256 -0.33 -20.91 12.69
CA GLN D 256 -1.51 -21.58 13.25
C GLN D 256 -1.09 -22.60 14.29
N TYR D 257 -0.08 -23.41 13.96
CA TYR D 257 0.39 -24.45 14.88
C TYR D 257 0.89 -23.83 16.18
N THR D 258 1.69 -22.75 16.08
CA THR D 258 2.18 -22.03 17.26
C THR D 258 1.03 -21.46 18.09
N TRP D 259 0.04 -20.87 17.42
CA TRP D 259 -1.07 -20.27 18.16
C TRP D 259 -1.85 -21.32 18.93
N LEU D 260 -2.10 -22.46 18.30
CA LEU D 260 -2.98 -23.46 18.91
C LEU D 260 -2.30 -24.14 20.10
N LYS D 261 -1.03 -24.49 19.96
CA LYS D 261 -0.26 -25.04 21.08
C LYS D 261 -0.30 -24.09 22.27
N LYS D 262 -0.14 -22.80 22.02
CA LYS D 262 -0.18 -21.83 23.11
C LYS D 262 -1.62 -21.60 23.59
N GLU D 263 -2.61 -21.67 22.71
CA GLU D 263 -3.99 -21.42 23.13
C GLU D 263 -4.55 -22.57 23.98
N LEU D 264 -4.11 -23.80 23.75
CA LEU D 264 -4.63 -24.90 24.57
C LEU D 264 -4.19 -24.77 26.03
N ARG D 265 -3.00 -24.22 26.27
CA ARG D 265 -2.54 -23.98 27.64
C ARG D 265 -3.39 -22.96 28.38
N LYS D 266 -4.14 -22.10 27.69
CA LYS D 266 -4.95 -21.11 28.36
C LYS D 266 -6.36 -21.60 28.69
N VAL D 267 -6.74 -22.79 28.21
CA VAL D 267 -8.05 -23.32 28.54
C VAL D 267 -8.14 -23.53 30.04
N LYS D 268 -9.25 -23.10 30.64
CA LYS D 268 -9.51 -23.34 32.06
C LYS D 268 -10.85 -24.06 32.22
N ARG D 269 -10.79 -25.38 32.45
CA ARG D 269 -12.02 -26.16 32.54
C ARG D 269 -12.83 -25.90 33.81
N SER D 270 -12.29 -25.19 34.80
CA SER D 270 -13.16 -24.80 35.90
C SER D 270 -13.89 -23.50 35.64
N GLU D 271 -13.50 -22.74 34.62
CA GLU D 271 -14.25 -21.57 34.16
C GLU D 271 -15.15 -21.89 32.97
N THR D 272 -14.61 -22.60 31.96
CA THR D 272 -15.36 -23.04 30.78
C THR D 272 -15.12 -24.55 30.64
N PRO D 273 -16.00 -25.39 31.18
CA PRO D 273 -15.72 -26.84 31.15
C PRO D 273 -15.90 -27.48 29.79
N TRP D 274 -16.62 -26.85 28.87
CA TRP D 274 -16.90 -27.47 27.57
C TRP D 274 -15.86 -26.99 26.57
N LEU D 275 -15.04 -27.90 26.10
CA LEU D 275 -13.98 -27.56 25.17
C LEU D 275 -14.40 -28.08 23.79
N ILE D 276 -14.55 -27.16 22.84
CA ILE D 276 -15.12 -27.44 21.53
C ILE D 276 -14.15 -26.95 20.45
N VAL D 277 -13.80 -27.83 19.53
CA VAL D 277 -12.99 -27.47 18.37
C VAL D 277 -13.86 -27.47 17.13
N LEU D 278 -13.75 -26.41 16.32
CA LEU D 278 -14.38 -26.35 15.00
C LEU D 278 -13.29 -26.38 13.92
N MET D 279 -13.52 -27.20 12.90
CA MET D 279 -12.67 -27.23 11.73
C MET D 279 -13.54 -27.65 10.56
N HIS D 280 -13.05 -27.44 9.32
CA HIS D 280 -13.91 -27.81 8.21
C HIS D 280 -13.75 -29.28 7.81
N SER D 281 -12.52 -29.72 7.57
CA SER D 281 -12.28 -31.08 7.11
C SER D 281 -12.22 -32.04 8.28
N PRO D 282 -13.03 -33.10 8.32
CA PRO D 282 -13.07 -33.97 9.49
C PRO D 282 -11.84 -34.87 9.61
N LEU D 283 -11.40 -35.09 10.84
CA LEU D 283 -10.28 -35.98 11.11
C LEU D 283 -10.72 -37.44 11.12
N TYR D 284 -11.98 -37.69 11.49
CA TYR D 284 -12.60 -39.00 11.44
C TYR D 284 -13.79 -38.93 10.50
N ASN D 285 -13.80 -39.80 9.48
CA ASN D 285 -14.78 -39.73 8.40
C ASN D 285 -14.75 -41.06 7.65
N SER D 286 -15.85 -41.82 7.72
CA SER D 286 -15.93 -43.10 7.01
C SER D 286 -16.80 -43.02 5.75
N TYR D 287 -16.98 -41.83 5.20
CA TYR D 287 -17.57 -41.74 3.86
C TYR D 287 -16.46 -41.82 2.81
N ASN D 288 -16.88 -42.14 1.58
CA ASN D 288 -15.93 -42.13 0.45
C ASN D 288 -15.56 -40.71 0.05
N HIS D 289 -16.54 -39.82 -0.04
CA HIS D 289 -16.22 -38.45 -0.40
C HIS D 289 -15.33 -37.84 0.67
N HIS D 290 -14.12 -37.45 0.28
CA HIS D 290 -13.12 -36.81 1.14
C HIS D 290 -12.55 -37.75 2.20
N PHE D 291 -12.63 -39.06 1.96
CA PHE D 291 -12.03 -40.02 2.87
C PHE D 291 -10.55 -39.73 3.04
N MET D 292 -10.13 -39.59 4.30
CA MET D 292 -8.74 -39.38 4.73
C MET D 292 -8.14 -38.05 4.30
N GLU D 293 -8.95 -37.10 3.82
CA GLU D 293 -8.41 -35.78 3.59
C GLU D 293 -7.95 -35.13 4.90
N GLY D 294 -8.55 -35.50 6.02
CA GLY D 294 -8.16 -34.97 7.31
C GLY D 294 -6.93 -35.58 7.94
N GLU D 295 -6.29 -36.57 7.31
CA GLU D 295 -5.14 -37.24 7.93
C GLU D 295 -4.04 -36.27 8.31
N ALA D 296 -3.70 -35.34 7.40
CA ALA D 296 -2.59 -34.42 7.63
C ALA D 296 -2.77 -33.64 8.92
N MET D 297 -3.91 -32.97 9.07
CA MET D 297 -4.14 -32.23 10.32
C MET D 297 -4.20 -33.18 11.50
N ARG D 298 -4.75 -34.37 11.31
CA ARG D 298 -4.85 -35.33 12.40
C ARG D 298 -3.47 -35.68 12.96
N THR D 299 -2.46 -35.84 12.09
CA THR D 299 -1.12 -36.14 12.59
C THR D 299 -0.55 -35.00 13.42
N LYS D 300 -1.00 -33.76 13.19
CA LYS D 300 -0.43 -32.64 13.94
C LYS D 300 -1.13 -32.38 15.25
N PHE D 301 -2.46 -32.56 15.28
CA PHE D 301 -3.30 -32.04 16.33
C PHE D 301 -4.07 -33.10 17.12
N GLU D 302 -4.15 -34.35 16.66
CA GLU D 302 -4.98 -35.31 17.39
C GLU D 302 -4.45 -35.55 18.80
N ALA D 303 -3.14 -35.77 18.93
CA ALA D 303 -2.59 -36.03 20.27
C ALA D 303 -2.86 -34.87 21.21
N TRP D 304 -2.80 -33.64 20.70
CA TRP D 304 -3.14 -32.46 21.49
C TRP D 304 -4.58 -32.54 21.99
N PHE D 305 -5.54 -32.82 21.08
CA PHE D 305 -6.94 -32.93 21.48
C PHE D 305 -7.10 -33.94 22.62
N VAL D 306 -6.41 -35.07 22.54
CA VAL D 306 -6.51 -36.09 23.58
C VAL D 306 -5.86 -35.61 24.86
N LYS D 307 -4.66 -35.03 24.76
CA LYS D 307 -3.91 -34.57 25.93
C LYS D 307 -4.70 -33.53 26.73
N TYR D 308 -5.38 -32.61 26.05
CA TYR D 308 -6.19 -31.59 26.71
C TYR D 308 -7.66 -31.98 26.83
N LYS D 309 -8.01 -33.19 26.41
CA LYS D 309 -9.34 -33.77 26.65
C LYS D 309 -10.44 -32.88 26.08
N VAL D 310 -10.33 -32.62 24.77
CA VAL D 310 -11.41 -31.93 24.07
C VAL D 310 -12.71 -32.72 24.21
N ASP D 311 -13.82 -32.02 24.36
CA ASP D 311 -15.09 -32.71 24.52
C ASP D 311 -15.61 -33.21 23.18
N VAL D 312 -15.68 -32.31 22.18
CA VAL D 312 -16.25 -32.66 20.88
C VAL D 312 -15.53 -31.86 19.80
N VAL D 313 -15.30 -32.49 18.65
CA VAL D 313 -14.76 -31.79 17.47
C VAL D 313 -15.82 -31.80 16.39
N PHE D 314 -16.25 -30.62 15.94
CA PHE D 314 -17.24 -30.52 14.88
C PHE D 314 -16.57 -30.13 13.56
N ALA D 315 -16.96 -30.82 12.50
CA ALA D 315 -16.43 -30.56 11.17
C ALA D 315 -17.58 -30.59 10.17
N GLY D 316 -17.27 -30.26 8.92
CA GLY D 316 -18.27 -30.30 7.87
C GLY D 316 -17.76 -31.10 6.68
N HIS D 317 -17.86 -30.49 5.50
CA HIS D 317 -17.11 -30.88 4.32
C HIS D 317 -17.69 -32.14 3.68
N VAL D 318 -18.01 -33.14 4.49
CA VAL D 318 -18.73 -34.31 3.99
C VAL D 318 -20.21 -34.00 4.10
N HIS D 319 -20.94 -34.12 2.99
CA HIS D 319 -22.34 -33.69 2.95
C HIS D 319 -23.23 -34.79 3.50
N ALA D 320 -23.12 -34.99 4.80
CA ALA D 320 -23.77 -36.10 5.48
C ALA D 320 -23.55 -35.91 6.97
N TYR D 321 -24.06 -36.85 7.77
CA TYR D 321 -23.93 -36.81 9.21
C TYR D 321 -23.16 -38.02 9.69
N GLU D 322 -22.22 -37.81 10.62
CA GLU D 322 -21.51 -38.91 11.27
C GLU D 322 -21.11 -38.54 12.69
N ARG D 323 -21.17 -39.54 13.58
CA ARG D 323 -20.77 -39.42 14.97
C ARG D 323 -19.81 -40.55 15.27
N SER D 324 -18.63 -40.21 15.78
CA SER D 324 -17.64 -41.22 16.08
C SER D 324 -17.83 -41.75 17.50
N GLU D 325 -17.15 -42.85 17.81
CA GLU D 325 -16.89 -43.22 19.19
C GLU D 325 -15.76 -42.33 19.73
N ARG D 326 -15.53 -42.40 21.05
CA ARG D 326 -14.36 -41.72 21.62
C ARG D 326 -13.14 -42.59 21.37
N VAL D 327 -12.35 -42.22 20.36
CA VAL D 327 -11.19 -43.01 19.98
C VAL D 327 -9.99 -42.10 19.80
N SER D 328 -8.81 -42.71 19.77
CA SER D 328 -7.59 -42.02 19.39
C SER D 328 -6.75 -42.98 18.56
N ASN D 329 -5.87 -42.41 17.73
CA ASN D 329 -5.03 -43.16 16.80
C ASN D 329 -3.66 -42.44 16.82
N ILE D 330 -3.06 -42.38 18.00
CA ILE D 330 -1.87 -41.56 18.21
C ILE D 330 -0.65 -42.36 18.66
N ALA D 331 -0.69 -43.68 18.54
CA ALA D 331 0.45 -44.51 18.94
C ALA D 331 1.33 -44.94 17.77
N TYR D 332 1.01 -44.56 16.54
CA TYR D 332 1.80 -44.97 15.38
C TYR D 332 3.22 -44.41 15.45
N LYS D 333 4.19 -45.24 15.11
CA LYS D 333 5.60 -44.86 15.11
C LYS D 333 6.33 -45.40 13.87
N ILE D 334 5.60 -45.51 12.75
CA ILE D 334 6.10 -45.94 11.43
C ILE D 334 6.30 -47.45 11.33
N THR D 335 7.09 -48.04 12.23
CA THR D 335 7.39 -49.46 12.14
C THR D 335 6.79 -50.29 13.28
N ASN D 336 5.99 -49.69 14.17
CA ASN D 336 5.47 -50.43 15.32
C ASN D 336 4.09 -51.03 15.08
N GLY D 337 3.49 -50.82 13.91
CA GLY D 337 2.22 -51.47 13.60
C GLY D 337 1.02 -50.98 14.37
N LEU D 338 1.12 -49.88 15.11
CA LEU D 338 0.01 -49.36 15.92
C LEU D 338 -0.68 -48.27 15.14
N CYS D 339 -1.54 -48.67 14.21
CA CYS D 339 -2.20 -47.72 13.32
C CYS D 339 -3.71 -47.94 13.25
N THR D 340 -4.29 -48.58 14.27
CA THR D 340 -5.72 -48.79 14.40
C THR D 340 -6.27 -47.97 15.56
N PRO D 341 -7.35 -47.19 15.35
CA PRO D 341 -7.94 -46.43 16.46
C PRO D 341 -8.42 -47.34 17.59
N VAL D 342 -8.25 -46.87 18.84
CA VAL D 342 -8.67 -47.59 20.02
C VAL D 342 -9.58 -46.68 20.82
N LYS D 343 -10.43 -47.30 21.64
CA LYS D 343 -11.27 -46.52 22.53
C LYS D 343 -10.37 -45.73 23.48
N ASP D 344 -10.77 -44.50 23.75
CA ASP D 344 -9.92 -43.63 24.54
C ASP D 344 -10.83 -42.61 25.19
N GLN D 345 -11.03 -42.77 26.49
CA GLN D 345 -11.95 -41.92 27.23
C GLN D 345 -11.41 -40.50 27.44
N SER D 346 -10.17 -40.22 27.04
CA SER D 346 -9.63 -38.86 27.05
C SER D 346 -9.82 -38.16 25.70
N ALA D 347 -10.39 -38.84 24.72
CA ALA D 347 -10.48 -38.29 23.39
C ALA D 347 -11.85 -37.65 23.16
N PRO D 348 -11.88 -36.64 22.30
CA PRO D 348 -13.17 -36.05 21.90
C PRO D 348 -14.02 -37.04 21.14
N VAL D 349 -15.30 -36.73 21.05
CA VAL D 349 -16.16 -37.29 20.02
C VAL D 349 -16.05 -36.39 18.79
N TYR D 350 -15.88 -37.01 17.63
CA TYR D 350 -15.85 -36.29 16.36
C TYR D 350 -17.22 -36.43 15.72
N ILE D 351 -17.77 -35.32 15.30
CA ILE D 351 -19.08 -35.28 14.66
C ILE D 351 -18.95 -34.53 13.34
N THR D 352 -19.39 -35.16 12.25
CA THR D 352 -19.51 -34.52 10.95
C THR D 352 -20.94 -34.04 10.77
N ILE D 353 -21.09 -32.76 10.45
CA ILE D 353 -22.41 -32.16 10.35
C ILE D 353 -22.46 -31.26 9.12
N GLY D 354 -21.87 -31.72 8.01
CA GLY D 354 -21.84 -30.92 6.80
C GLY D 354 -23.03 -31.12 5.89
N ASP D 355 -24.23 -31.31 6.45
CA ASP D 355 -25.37 -31.74 5.66
C ASP D 355 -26.52 -30.73 5.67
N ALA D 356 -26.23 -29.44 5.78
CA ALA D 356 -27.32 -28.46 5.84
C ALA D 356 -27.91 -28.10 4.48
N GLY D 357 -27.39 -28.65 3.38
CA GLY D 357 -28.02 -28.40 2.09
C GLY D 357 -27.07 -28.29 0.92
N ASN D 358 -25.96 -27.58 1.12
CA ASN D 358 -25.04 -27.15 0.06
C ASN D 358 -25.84 -26.78 -1.20
N TYR D 359 -25.57 -27.43 -2.33
CA TYR D 359 -26.27 -27.13 -3.58
C TYR D 359 -27.23 -28.25 -3.98
N GLY D 360 -27.67 -29.07 -3.03
CA GLY D 360 -28.70 -30.06 -3.26
C GLY D 360 -28.24 -31.50 -3.32
N VAL D 361 -26.99 -31.79 -3.00
CA VAL D 361 -26.41 -33.13 -3.18
C VAL D 361 -25.98 -33.68 -1.82
N ILE D 362 -26.47 -34.87 -1.51
CA ILE D 362 -26.09 -35.60 -0.31
C ILE D 362 -24.97 -36.58 -0.68
N ASP D 363 -24.13 -36.92 0.31
CA ASP D 363 -23.05 -37.88 0.15
C ASP D 363 -23.53 -39.22 0.72
N SER D 364 -23.80 -40.19 -0.14
CA SER D 364 -24.39 -41.42 0.34
C SER D 364 -23.47 -42.63 0.29
N ASN D 365 -22.34 -42.55 -0.41
CA ASN D 365 -21.43 -43.70 -0.50
C ASN D 365 -20.57 -43.73 0.75
N MET D 366 -20.79 -44.75 1.58
CA MET D 366 -20.05 -44.93 2.81
C MET D 366 -19.08 -46.10 2.66
N ILE D 367 -17.99 -46.04 3.43
CA ILE D 367 -17.08 -47.17 3.50
C ILE D 367 -17.76 -48.33 4.21
N GLN D 368 -17.56 -49.54 3.68
CA GLN D 368 -18.25 -50.73 4.18
C GLN D 368 -17.26 -51.85 4.48
N PRO D 369 -17.45 -52.58 5.59
CA PRO D 369 -18.48 -52.30 6.60
C PRO D 369 -18.14 -51.06 7.42
N GLN D 370 -19.11 -50.60 8.20
CA GLN D 370 -18.95 -49.42 9.03
C GLN D 370 -17.85 -49.69 10.06
N PRO D 371 -16.79 -48.88 10.11
CA PRO D 371 -15.68 -49.19 11.02
C PRO D 371 -16.09 -48.98 12.48
N GLU D 372 -15.33 -49.64 13.37
CA GLU D 372 -15.62 -49.55 14.80
C GLU D 372 -15.60 -48.11 15.33
N TYR D 373 -14.73 -47.25 14.79
CA TYR D 373 -14.69 -45.88 15.31
C TYR D 373 -15.95 -45.08 14.97
N SER D 374 -16.85 -45.63 14.17
CA SER D 374 -18.02 -44.92 13.69
C SER D 374 -19.20 -45.36 14.53
N ALA D 375 -19.74 -44.44 15.33
CA ALA D 375 -20.85 -44.82 16.21
C ALA D 375 -22.17 -44.81 15.44
N PHE D 376 -22.39 -43.78 14.64
CA PHE D 376 -23.63 -43.55 13.93
C PHE D 376 -23.31 -42.74 12.69
N ARG D 377 -23.94 -43.10 11.57
CA ARG D 377 -23.80 -42.34 10.33
C ARG D 377 -25.05 -42.51 9.49
N GLU D 378 -25.43 -41.44 8.78
CA GLU D 378 -26.59 -41.46 7.90
C GLU D 378 -26.50 -40.31 6.93
N ALA D 379 -26.92 -40.55 5.67
CA ALA D 379 -26.77 -39.59 4.59
C ALA D 379 -28.11 -38.88 4.35
N SER D 380 -28.44 -37.96 5.27
CA SER D 380 -29.64 -37.15 5.17
C SER D 380 -29.32 -35.70 5.50
N PHE D 381 -30.13 -34.78 4.96
CA PHE D 381 -29.96 -33.36 5.23
C PHE D 381 -30.41 -33.02 6.66
N GLY D 382 -29.66 -32.14 7.32
CA GLY D 382 -30.10 -31.67 8.62
C GLY D 382 -29.11 -30.74 9.28
N HIS D 383 -29.31 -30.57 10.59
CA HIS D 383 -28.48 -29.72 11.42
C HIS D 383 -28.39 -30.36 12.79
N GLY D 384 -27.50 -29.80 13.63
CA GLY D 384 -27.25 -30.33 14.95
C GLY D 384 -27.55 -29.32 16.04
N MET D 385 -27.60 -29.80 17.28
CA MET D 385 -27.87 -28.96 18.44
C MET D 385 -27.01 -29.45 19.60
N PHE D 386 -26.22 -28.56 20.18
CA PHE D 386 -25.35 -28.91 21.30
C PHE D 386 -25.85 -28.13 22.52
N ASP D 387 -26.62 -28.80 23.37
CA ASP D 387 -27.37 -28.17 24.44
C ASP D 387 -26.64 -28.44 25.75
N ILE D 388 -25.90 -27.46 26.23
CA ILE D 388 -25.18 -27.59 27.49
C ILE D 388 -26.15 -27.34 28.64
N LYS D 389 -26.23 -28.30 29.56
CA LYS D 389 -27.06 -28.23 30.76
C LYS D 389 -26.30 -27.64 31.94
N ASN D 390 -25.03 -28.02 32.09
CA ASN D 390 -24.24 -27.73 33.27
C ASN D 390 -22.84 -28.30 33.03
N ARG D 391 -22.01 -28.31 34.08
CA ARG D 391 -20.61 -28.67 33.90
C ARG D 391 -20.40 -30.13 33.53
N THR D 392 -21.37 -31.01 33.84
CA THR D 392 -21.17 -32.44 33.57
C THR D 392 -21.88 -32.94 32.32
N HIS D 393 -22.99 -32.33 31.92
CA HIS D 393 -23.88 -32.89 30.91
C HIS D 393 -24.14 -31.87 29.80
N ALA D 394 -24.09 -32.34 28.57
CA ALA D 394 -24.55 -31.57 27.43
C ALA D 394 -25.24 -32.55 26.51
N HIS D 395 -26.39 -32.16 25.98
CA HIS D 395 -27.16 -33.06 25.13
C HIS D 395 -27.02 -32.66 23.68
N PHE D 396 -26.61 -33.61 22.84
CA PHE D 396 -26.47 -33.38 21.42
C PHE D 396 -27.53 -34.14 20.64
N SER D 397 -28.12 -33.46 19.67
CA SER D 397 -29.14 -34.08 18.84
C SER D 397 -28.94 -33.68 17.39
N TRP D 398 -29.41 -34.54 16.50
CA TRP D 398 -29.38 -34.34 15.07
C TRP D 398 -30.81 -34.32 14.59
N ASN D 399 -31.22 -33.24 13.91
CA ASN D 399 -32.56 -33.12 13.36
C ASN D 399 -32.54 -33.24 11.84
N ARG D 400 -33.30 -34.18 11.29
CA ARG D 400 -33.36 -34.36 9.84
C ARG D 400 -34.41 -33.47 9.18
N ASN D 401 -34.10 -33.00 7.98
CA ASN D 401 -35.02 -32.13 7.25
C ASN D 401 -36.34 -32.82 6.94
N GLN D 402 -36.34 -34.15 6.77
CA GLN D 402 -37.55 -34.86 6.40
C GLN D 402 -38.41 -35.26 7.59
N ASP D 403 -37.99 -34.95 8.82
CA ASP D 403 -38.81 -35.21 10.00
C ASP D 403 -39.43 -33.91 10.49
N GLY D 404 -40.24 -34.01 11.54
CA GLY D 404 -40.79 -32.83 12.17
C GLY D 404 -39.73 -32.08 12.96
N VAL D 405 -39.95 -30.77 13.12
CA VAL D 405 -38.91 -29.93 13.67
C VAL D 405 -38.51 -30.32 15.10
N ALA D 406 -39.27 -31.19 15.76
CA ALA D 406 -38.98 -31.56 17.14
C ALA D 406 -38.52 -33.02 17.27
N VAL D 407 -38.13 -33.65 16.17
CA VAL D 407 -37.73 -35.06 16.16
C VAL D 407 -36.23 -35.16 16.01
N GLU D 408 -35.60 -35.93 16.89
CA GLU D 408 -34.15 -36.16 16.88
C GLU D 408 -33.88 -37.57 16.37
N ALA D 409 -33.51 -37.69 15.11
CA ALA D 409 -33.19 -39.01 14.57
C ALA D 409 -31.95 -39.59 15.22
N ASP D 410 -31.10 -38.76 15.82
CA ASP D 410 -29.95 -39.18 16.61
C ASP D 410 -29.84 -38.27 17.81
N SER D 411 -29.30 -38.83 18.90
CA SER D 411 -29.23 -38.10 20.15
C SER D 411 -28.28 -38.83 21.08
N VAL D 412 -27.44 -38.07 21.78
CA VAL D 412 -26.46 -38.66 22.67
C VAL D 412 -26.15 -37.66 23.78
N TRP D 413 -26.01 -38.18 25.00
CA TRP D 413 -25.52 -37.35 26.09
C TRP D 413 -24.00 -37.27 26.05
N PHE D 414 -23.49 -36.04 26.14
CA PHE D 414 -22.08 -35.81 26.31
C PHE D 414 -21.78 -35.69 27.81
N PHE D 415 -20.84 -36.49 28.27
CA PHE D 415 -20.40 -36.43 29.66
C PHE D 415 -19.05 -35.73 29.66
N ASN D 416 -18.97 -34.59 30.32
CA ASN D 416 -17.80 -33.73 30.23
C ASN D 416 -16.52 -34.49 30.55
N ARG D 417 -15.50 -34.31 29.70
CA ARG D 417 -14.22 -34.99 29.89
C ARG D 417 -13.49 -34.51 31.14
N HIS D 418 -13.76 -33.32 31.63
CA HIS D 418 -13.04 -32.85 32.81
C HIS D 418 -13.79 -33.13 34.11
N TRP D 419 -15.07 -32.81 34.14
CA TRP D 419 -15.88 -32.91 35.34
C TRP D 419 -16.60 -34.24 35.47
N TYR D 420 -16.65 -35.04 34.41
CA TYR D 420 -17.49 -36.22 34.48
C TYR D 420 -17.18 -37.22 33.36
N PRO D 421 -15.94 -37.74 33.27
CA PRO D 421 -15.56 -38.63 32.13
C PRO D 421 -16.12 -40.04 32.22
N VAL D 422 -17.44 -40.16 32.09
CA VAL D 422 -18.12 -41.45 32.01
C VAL D 422 -18.09 -41.93 30.56
N ASP D 423 -18.04 -43.26 30.35
CA ASP D 423 -18.22 -43.81 29.01
C ASP D 423 -19.58 -43.43 28.44
N ASP D 424 -19.59 -42.89 27.22
CA ASP D 424 -20.84 -42.52 26.56
C ASP D 424 -20.93 -43.04 25.11
#